data_7XMV
#
_entry.id   7XMV
#
_cell.length_a   1.00
_cell.length_b   1.00
_cell.length_c   1.00
_cell.angle_alpha   90.00
_cell.angle_beta   90.00
_cell.angle_gamma   90.00
#
_symmetry.space_group_name_H-M   'P 1'
#
loop_
_entity.id
_entity.type
_entity.pdbx_description
1 polymer 'Ribose-phosphate pyrophosphokinase'
2 non-polymer 5-O-phosphono-alpha-D-ribofuranose
3 non-polymer 'MAGNESIUM ION'
4 non-polymer "ADENOSINE-5'-DIPHOSPHATE"
5 non-polymer 'ADENOSINE MONOPHOSPHATE'
6 water water
#
_entity_poly.entity_id   1
_entity_poly.type   'polypeptide(L)'
_entity_poly.pdbx_seq_one_letter_code
;MPDMKLFAGNATPELAQRIANRLYTSLGDAAVGRFSDGEVSVQINENVRGGDIFIIQSTCAPTNDNLMELVVMVDALRRA
SAGRITAVIPYFGYARQDRRVRSARVPITAKVVADFLSSVGVDRVLTVDLHAEQIQGFFDVPVDNVFGSPILLEDMLQLN
LDNPIVVSPDIGGVVRARAIAKLLNDTDMAIIDKRRPRANVSQVMHIIGDVAGRDCVLVDDMIDTGGTLCKAAEALKERG
AKRVFAYATHPIFSGNAANNLRNSVIDEVVVCDTIPLSDEIKSLPNVRTLTLSGMLAEAIRRISNEESISAMFEHHHHHH
H
;
_entity_poly.pdbx_strand_id   A,E,C,D,B,F
#
loop_
_chem_comp.id
_chem_comp.type
_chem_comp.name
_chem_comp.formula
ADP non-polymer ADENOSINE-5'-DIPHOSPHATE 'C10 H15 N5 O10 P2'
AMP non-polymer 'ADENOSINE MONOPHOSPHATE' 'C10 H14 N5 O7 P'
HSX D-saccharide, alpha linking 5-O-phosphono-alpha-D-ribofuranose 'C5 H11 O8 P'
MG non-polymer 'MAGNESIUM ION' 'Mg 2'
#
# COMPACT_ATOMS: atom_id res chain seq x y z
N ASP A 3 18.41 20.38 -12.75
CA ASP A 3 19.00 19.50 -13.74
C ASP A 3 17.93 18.85 -14.60
N MET A 4 17.48 19.55 -15.62
CA MET A 4 16.43 19.06 -16.50
C MET A 4 17.04 18.19 -17.60
N LYS A 5 16.57 16.94 -17.69
CA LYS A 5 16.94 16.05 -18.78
C LYS A 5 15.69 15.57 -19.48
N LEU A 6 15.73 15.49 -20.79
CA LEU A 6 14.64 14.98 -21.61
C LEU A 6 15.03 13.64 -22.18
N PHE A 7 14.12 12.69 -22.12
CA PHE A 7 14.28 11.40 -22.76
C PHE A 7 13.08 11.17 -23.66
N ALA A 8 13.29 10.46 -24.75
CA ALA A 8 12.23 10.16 -25.70
C ALA A 8 12.19 8.67 -25.98
N GLY A 9 10.97 8.17 -26.16
CA GLY A 9 10.75 6.82 -26.64
C GLY A 9 10.72 6.78 -28.16
N ASN A 10 10.18 5.70 -28.69
CA ASN A 10 10.09 5.52 -30.13
C ASN A 10 8.76 5.99 -30.71
N ALA A 11 7.82 6.42 -29.89
CA ALA A 11 6.50 6.78 -30.40
C ALA A 11 6.51 8.13 -31.09
N THR A 12 7.02 9.16 -30.42
CA THR A 12 7.04 10.52 -30.95
C THR A 12 8.45 11.09 -30.83
N PRO A 13 9.39 10.59 -31.62
CA PRO A 13 10.76 11.11 -31.52
C PRO A 13 10.92 12.48 -32.15
N GLU A 14 10.18 12.77 -33.22
CA GLU A 14 10.36 14.02 -33.93
C GLU A 14 9.78 15.17 -33.11
N LEU A 15 8.63 14.95 -32.47
CA LEU A 15 8.08 15.94 -31.54
C LEU A 15 9.01 16.17 -30.37
N ALA A 16 9.62 15.12 -29.85
CA ALA A 16 10.58 15.28 -28.75
C ALA A 16 11.76 16.13 -29.20
N GLN A 17 12.21 15.94 -30.44
CA GLN A 17 13.27 16.79 -30.96
C GLN A 17 12.84 18.25 -31.06
N ARG A 18 11.61 18.51 -31.52
CA ARG A 18 11.18 19.90 -31.60
C ARG A 18 11.09 20.53 -30.21
N ILE A 19 10.58 19.79 -29.23
CA ILE A 19 10.48 20.31 -27.88
C ILE A 19 11.88 20.59 -27.32
N ALA A 20 12.82 19.68 -27.56
CA ALA A 20 14.19 19.91 -27.12
C ALA A 20 14.78 21.15 -27.77
N ASN A 21 14.52 21.36 -29.06
CA ASN A 21 15.04 22.53 -29.74
C ASN A 21 14.49 23.81 -29.13
N ARG A 22 13.19 23.83 -28.83
CA ARG A 22 12.62 25.04 -28.24
C ARG A 22 13.10 25.28 -26.82
N LEU A 23 13.62 24.26 -26.14
CA LEU A 23 14.19 24.44 -24.82
C LEU A 23 15.70 24.64 -24.86
N TYR A 24 16.30 24.63 -26.05
CA TYR A 24 17.73 24.86 -26.20
C TYR A 24 18.56 23.85 -25.41
N THR A 25 18.07 22.62 -25.35
CA THR A 25 18.83 21.50 -24.80
C THR A 25 18.86 20.37 -25.80
N SER A 26 19.36 19.20 -25.39
CA SER A 26 19.39 18.04 -26.26
C SER A 26 18.77 16.86 -25.53
N LEU A 27 18.26 15.91 -26.32
CA LEU A 27 17.69 14.70 -25.76
C LEU A 27 18.76 13.87 -25.08
N GLY A 28 18.43 13.32 -23.91
CA GLY A 28 19.37 12.49 -23.20
C GLY A 28 19.65 11.18 -23.93
N ASP A 29 20.76 10.57 -23.57
CA ASP A 29 21.24 9.37 -24.23
C ASP A 29 20.62 8.16 -23.55
N ALA A 30 19.71 7.47 -24.25
CA ALA A 30 19.16 6.21 -23.79
C ALA A 30 18.93 5.33 -25.00
N ALA A 31 19.30 4.07 -24.90
CA ALA A 31 19.07 3.12 -25.98
C ALA A 31 17.79 2.37 -25.70
N VAL A 32 16.72 2.73 -26.40
CA VAL A 32 15.41 2.12 -26.24
C VAL A 32 15.09 1.38 -27.54
N GLY A 33 15.04 0.07 -27.47
CA GLY A 33 14.81 -0.75 -28.65
C GLY A 33 14.09 -2.03 -28.33
N ARG A 34 14.21 -3.00 -29.22
CA ARG A 34 13.55 -4.30 -29.08
C ARG A 34 14.59 -5.39 -29.10
N PHE A 35 14.34 -6.44 -28.32
CA PHE A 35 15.12 -7.66 -28.42
C PHE A 35 14.66 -8.44 -29.64
N SER A 36 15.24 -9.62 -29.84
CA SER A 36 14.93 -10.40 -31.03
C SER A 36 13.46 -10.81 -31.06
N ASP A 37 12.89 -11.13 -29.90
CA ASP A 37 11.55 -11.70 -29.84
C ASP A 37 10.46 -10.65 -29.64
N GLY A 38 10.81 -9.36 -29.66
CA GLY A 38 9.82 -8.31 -29.54
C GLY A 38 9.72 -7.68 -28.17
N GLU A 39 10.52 -8.10 -27.21
CA GLU A 39 10.48 -7.53 -25.88
C GLU A 39 11.24 -6.21 -25.84
N VAL A 40 10.74 -5.29 -25.01
CA VAL A 40 11.31 -3.95 -24.95
C VAL A 40 12.67 -4.00 -24.27
N SER A 41 13.65 -3.35 -24.87
CA SER A 41 14.99 -3.22 -24.32
C SER A 41 15.25 -1.75 -23.99
N VAL A 42 15.74 -1.48 -22.79
CA VAL A 42 16.01 -0.13 -22.35
C VAL A 42 17.36 -0.09 -21.66
N GLN A 43 18.17 0.92 -21.98
CA GLN A 43 19.38 1.17 -21.24
C GLN A 43 19.62 2.67 -21.17
N ILE A 44 19.79 3.19 -19.96
CA ILE A 44 20.12 4.60 -19.77
C ILE A 44 21.64 4.71 -19.81
N ASN A 45 22.13 5.65 -20.62
CA ASN A 45 23.56 5.74 -20.90
C ASN A 45 24.19 6.99 -20.30
N GLU A 46 23.64 7.50 -19.21
CA GLU A 46 24.23 8.66 -18.56
C GLU A 46 23.76 8.72 -17.11
N ASN A 47 24.48 9.51 -16.32
CA ASN A 47 24.15 9.66 -14.91
C ASN A 47 22.88 10.49 -14.76
N VAL A 48 21.92 9.97 -13.99
CA VAL A 48 20.65 10.64 -13.80
C VAL A 48 20.37 10.80 -12.32
N ARG A 49 21.38 10.57 -11.49
CA ARG A 49 21.19 10.60 -10.04
C ARG A 49 20.79 11.99 -9.58
N GLY A 50 19.65 12.07 -8.90
CA GLY A 50 19.18 13.33 -8.36
C GLY A 50 18.57 14.27 -9.37
N GLY A 51 18.59 13.92 -10.65
CA GLY A 51 18.12 14.82 -11.68
C GLY A 51 16.61 14.87 -11.75
N ASP A 52 16.13 15.86 -12.49
CA ASP A 52 14.71 16.06 -12.77
C ASP A 52 14.48 15.61 -14.20
N ILE A 53 13.78 14.50 -14.37
CA ILE A 53 13.68 13.80 -15.64
C ILE A 53 12.30 14.03 -16.24
N PHE A 54 12.26 14.26 -17.55
CA PHE A 54 11.04 14.30 -18.33
C PHE A 54 11.12 13.23 -19.40
N ILE A 55 10.05 12.45 -19.55
CA ILE A 55 9.94 11.46 -20.61
C ILE A 55 8.80 11.86 -21.53
N ILE A 56 9.08 11.99 -22.81
CA ILE A 56 8.10 12.42 -23.79
C ILE A 56 7.73 11.21 -24.64
N GLN A 57 6.52 10.70 -24.47
CA GLN A 57 6.06 9.63 -25.34
C GLN A 57 4.55 9.46 -25.31
N SER A 58 3.91 9.57 -26.47
CA SER A 58 2.49 9.28 -26.59
C SER A 58 2.27 7.77 -26.59
N THR A 59 1.13 7.36 -26.06
CA THR A 59 0.74 5.95 -26.09
C THR A 59 -0.14 5.67 -27.30
N CYS A 60 0.40 5.98 -28.47
CA CYS A 60 -0.29 5.82 -29.74
C CYS A 60 0.09 4.47 -30.36
N ALA A 61 -0.50 4.20 -31.51
CA ALA A 61 -0.35 2.90 -32.15
C ALA A 61 1.08 2.69 -32.66
N PRO A 62 1.71 1.53 -32.40
CA PRO A 62 1.26 0.36 -31.63
C PRO A 62 1.15 0.61 -30.13
N THR A 63 -0.08 0.57 -29.62
CA THR A 63 -0.36 1.12 -28.30
C THR A 63 0.40 0.39 -27.20
N ASN A 64 0.41 -0.93 -27.24
CA ASN A 64 0.92 -1.70 -26.10
C ASN A 64 2.43 -1.64 -26.03
N ASP A 65 3.10 -1.65 -27.18
CA ASP A 65 4.55 -1.51 -27.19
C ASP A 65 4.98 -0.14 -26.67
N ASN A 66 4.26 0.91 -27.05
CA ASN A 66 4.59 2.24 -26.56
C ASN A 66 4.37 2.36 -25.06
N LEU A 67 3.25 1.80 -24.57
CA LEU A 67 3.00 1.81 -23.14
C LEU A 67 4.07 1.05 -22.38
N MET A 68 4.49 -0.10 -22.90
CA MET A 68 5.53 -0.86 -22.22
C MET A 68 6.86 -0.13 -22.24
N GLU A 69 7.21 0.51 -23.37
CA GLU A 69 8.40 1.33 -23.39
C GLU A 69 8.37 2.37 -22.30
N LEU A 70 7.22 3.03 -22.13
CA LEU A 70 7.13 4.09 -21.14
C LEU A 70 7.34 3.55 -19.73
N VAL A 71 6.63 2.48 -19.36
CA VAL A 71 6.74 2.01 -17.98
C VAL A 71 8.11 1.42 -17.72
N VAL A 72 8.72 0.79 -18.74
CA VAL A 72 10.04 0.20 -18.56
C VAL A 72 11.11 1.27 -18.43
N MET A 73 11.00 2.36 -19.19
CA MET A 73 11.94 3.47 -18.99
C MET A 73 11.77 4.07 -17.61
N VAL A 74 10.54 4.23 -17.14
CA VAL A 74 10.35 4.78 -15.81
C VAL A 74 10.98 3.89 -14.76
N ASP A 75 10.83 2.57 -14.90
CA ASP A 75 11.44 1.66 -13.93
C ASP A 75 12.96 1.72 -13.96
N ALA A 76 13.55 1.73 -15.16
CA ALA A 76 15.00 1.83 -15.26
C ALA A 76 15.53 3.14 -14.68
N LEU A 77 14.84 4.24 -14.94
CA LEU A 77 15.25 5.52 -14.38
C LEU A 77 15.12 5.54 -12.86
N ARG A 78 14.07 4.91 -12.34
CA ARG A 78 13.81 4.98 -10.91
C ARG A 78 14.75 4.09 -10.12
N ARG A 79 15.21 2.98 -10.70
CA ARG A 79 16.23 2.19 -10.02
C ARG A 79 17.63 2.76 -10.18
N ALA A 80 17.83 3.70 -11.10
CA ALA A 80 19.10 4.40 -11.25
C ALA A 80 19.18 5.62 -10.35
N SER A 81 18.24 5.77 -9.42
CA SER A 81 18.22 6.84 -8.42
C SER A 81 17.93 8.20 -9.02
N ALA A 82 17.00 8.26 -9.98
CA ALA A 82 16.53 9.54 -10.47
C ALA A 82 15.75 10.26 -9.38
N GLY A 83 15.77 11.59 -9.43
CA GLY A 83 15.11 12.36 -8.41
C GLY A 83 13.61 12.45 -8.55
N ARG A 84 13.16 13.05 -9.64
CA ARG A 84 11.74 13.25 -9.90
C ARG A 84 11.49 12.96 -11.36
N ILE A 85 10.43 12.22 -11.66
CA ILE A 85 10.13 11.78 -13.02
C ILE A 85 8.77 12.34 -13.42
N THR A 86 8.75 13.13 -14.48
CA THR A 86 7.52 13.62 -15.08
C THR A 86 7.32 12.92 -16.40
N ALA A 87 6.12 12.39 -16.62
CA ALA A 87 5.79 11.74 -17.88
C ALA A 87 4.94 12.69 -18.70
N VAL A 88 5.49 13.20 -19.79
CA VAL A 88 4.75 13.99 -20.76
C VAL A 88 4.15 13.01 -21.76
N ILE A 89 2.84 12.89 -21.75
CA ILE A 89 2.15 11.94 -22.62
C ILE A 89 1.18 12.72 -23.49
N PRO A 90 1.62 13.25 -24.64
CA PRO A 90 0.75 14.14 -25.41
C PRO A 90 -0.59 13.51 -25.77
N TYR A 91 -0.61 12.23 -26.13
CA TYR A 91 -1.85 11.50 -26.38
C TYR A 91 -1.92 10.35 -25.40
N PHE A 92 -2.92 10.38 -24.53
CA PHE A 92 -3.12 9.34 -23.52
C PHE A 92 -4.00 8.26 -24.12
N GLY A 93 -3.41 7.10 -24.42
CA GLY A 93 -4.17 6.01 -24.98
C GLY A 93 -4.99 5.28 -23.93
N TYR A 94 -5.93 4.48 -24.41
CA TYR A 94 -6.90 3.73 -23.61
C TYR A 94 -7.83 4.63 -22.83
N ALA A 95 -7.92 5.91 -23.17
CA ALA A 95 -8.70 6.85 -22.35
C ALA A 95 -10.18 6.77 -22.64
N ARG A 96 -10.60 6.11 -23.71
CA ARG A 96 -12.01 5.98 -24.03
C ARG A 96 -12.71 4.92 -23.20
N GLN A 97 -11.96 4.07 -22.50
CA GLN A 97 -12.53 3.05 -21.64
C GLN A 97 -12.43 3.54 -20.20
N ASP A 98 -13.41 4.33 -19.79
CA ASP A 98 -13.34 5.06 -18.52
C ASP A 98 -14.48 4.73 -17.56
N ARG A 99 -15.34 3.77 -17.88
CA ARG A 99 -16.43 3.40 -16.99
C ARG A 99 -17.00 2.07 -17.47
N ARG A 100 -17.91 1.52 -16.68
CA ARG A 100 -18.67 0.33 -17.04
C ARG A 100 -20.12 0.75 -17.20
N VAL A 101 -20.60 0.83 -18.44
CA VAL A 101 -21.97 1.24 -18.68
C VAL A 101 -22.90 0.08 -18.38
N ARG A 102 -23.89 0.32 -17.52
CA ARG A 102 -24.88 -0.68 -17.15
C ARG A 102 -24.24 -1.90 -16.48
N SER A 103 -23.13 -1.68 -15.79
CA SER A 103 -22.42 -2.74 -15.07
C SER A 103 -22.07 -3.89 -16.01
N ALA A 104 -21.73 -3.56 -17.25
CA ALA A 104 -21.23 -4.56 -18.18
C ALA A 104 -19.91 -5.09 -17.69
N ARG A 105 -19.62 -6.35 -18.00
CA ARG A 105 -18.41 -7.00 -17.50
C ARG A 105 -17.22 -6.63 -18.39
N VAL A 106 -16.86 -5.36 -18.31
CA VAL A 106 -15.74 -4.80 -19.06
C VAL A 106 -14.76 -4.22 -18.05
N PRO A 107 -13.52 -3.99 -18.45
CA PRO A 107 -12.57 -3.31 -17.57
C PRO A 107 -12.70 -1.81 -17.68
N ILE A 108 -12.12 -1.12 -16.69
CA ILE A 108 -11.86 0.30 -16.82
C ILE A 108 -10.38 0.45 -17.08
N THR A 109 -10.00 0.46 -18.36
CA THR A 109 -8.60 0.27 -18.72
C THR A 109 -7.77 1.53 -18.47
N ALA A 110 -8.40 2.70 -18.50
CA ALA A 110 -7.69 3.92 -18.14
C ALA A 110 -7.24 3.89 -16.69
N LYS A 111 -8.07 3.34 -15.81
CA LYS A 111 -7.66 3.18 -14.41
C LYS A 111 -6.52 2.20 -14.27
N VAL A 112 -6.51 1.14 -15.08
CA VAL A 112 -5.42 0.17 -15.06
C VAL A 112 -4.11 0.83 -15.48
N VAL A 113 -4.16 1.61 -16.55
CA VAL A 113 -2.95 2.30 -17.01
C VAL A 113 -2.47 3.31 -15.97
N ALA A 114 -3.40 4.03 -15.34
CA ALA A 114 -3.01 4.98 -14.31
C ALA A 114 -2.37 4.26 -13.13
N ASP A 115 -2.89 3.10 -12.75
CA ASP A 115 -2.29 2.33 -11.66
C ASP A 115 -0.90 1.82 -12.01
N PHE A 116 -0.70 1.39 -13.25
CA PHE A 116 0.63 0.95 -13.67
C PHE A 116 1.63 2.12 -13.58
N LEU A 117 1.23 3.29 -14.06
CA LEU A 117 2.12 4.44 -14.01
C LEU A 117 2.43 4.85 -12.57
N SER A 118 1.44 4.79 -11.69
CA SER A 118 1.70 5.07 -10.28
C SER A 118 2.57 3.99 -9.66
N SER A 119 2.48 2.75 -10.14
CA SER A 119 3.23 1.66 -9.56
C SER A 119 4.72 1.76 -9.88
N VAL A 120 5.07 2.07 -11.13
CA VAL A 120 6.50 2.15 -11.46
C VAL A 120 7.15 3.42 -10.93
N GLY A 121 6.39 4.40 -10.45
CA GLY A 121 7.00 5.52 -9.77
C GLY A 121 6.99 6.84 -10.51
N VAL A 122 5.95 7.12 -11.29
CA VAL A 122 5.81 8.43 -11.91
C VAL A 122 5.37 9.43 -10.87
N ASP A 123 5.92 10.64 -10.92
CA ASP A 123 5.59 11.69 -9.96
C ASP A 123 4.63 12.73 -10.50
N ARG A 124 4.46 12.83 -11.81
CA ARG A 124 3.64 13.87 -12.41
C ARG A 124 3.34 13.48 -13.84
N VAL A 125 2.14 13.80 -14.30
CA VAL A 125 1.72 13.51 -15.66
C VAL A 125 1.27 14.81 -16.31
N LEU A 126 1.60 14.97 -17.59
CA LEU A 126 1.20 16.13 -18.38
C LEU A 126 0.66 15.63 -19.71
N THR A 127 -0.62 15.89 -19.97
CA THR A 127 -1.28 15.42 -21.19
C THR A 127 -1.91 16.60 -21.91
N VAL A 128 -2.41 16.31 -23.11
CA VAL A 128 -3.11 17.28 -23.95
C VAL A 128 -4.49 16.70 -24.27
N ASP A 129 -5.54 17.44 -23.90
CA ASP A 129 -6.92 17.16 -24.30
C ASP A 129 -7.34 15.73 -23.98
N LEU A 130 -7.39 15.42 -22.69
CA LEU A 130 -7.88 14.13 -22.26
C LEU A 130 -9.30 13.89 -22.74
N HIS A 131 -9.60 12.65 -23.12
CA HIS A 131 -10.94 12.33 -23.60
C HIS A 131 -11.98 12.62 -22.53
N ALA A 132 -11.73 12.18 -21.31
CA ALA A 132 -12.55 12.52 -20.16
C ALA A 132 -11.69 13.23 -19.13
N GLU A 133 -12.11 14.41 -18.69
CA GLU A 133 -11.31 15.16 -17.74
C GLU A 133 -11.27 14.53 -16.37
N GLN A 134 -12.18 13.61 -16.06
CA GLN A 134 -12.16 12.94 -14.77
C GLN A 134 -11.01 11.97 -14.63
N ILE A 135 -10.31 11.65 -15.72
CA ILE A 135 -9.13 10.81 -15.64
C ILE A 135 -8.03 11.48 -14.81
N GLN A 136 -8.14 12.79 -14.60
CA GLN A 136 -7.29 13.45 -13.61
C GLN A 136 -7.42 12.81 -12.24
N GLY A 137 -8.61 12.30 -11.92
CA GLY A 137 -8.82 11.65 -10.65
C GLY A 137 -8.41 10.20 -10.59
N PHE A 138 -7.95 9.62 -11.70
CA PHE A 138 -7.50 8.24 -11.67
C PHE A 138 -6.07 8.11 -11.14
N PHE A 139 -5.38 9.22 -10.87
CA PHE A 139 -4.02 9.21 -10.36
C PHE A 139 -3.98 9.74 -8.93
N ASP A 140 -2.93 9.38 -8.22
CA ASP A 140 -2.62 10.03 -6.95
C ASP A 140 -1.61 11.16 -7.09
N VAL A 141 -1.09 11.39 -8.29
CA VAL A 141 -0.10 12.44 -8.54
C VAL A 141 -0.79 13.59 -9.26
N PRO A 142 -0.21 14.79 -9.25
CA PRO A 142 -0.79 15.88 -10.05
C PRO A 142 -0.80 15.54 -11.53
N VAL A 143 -1.91 15.87 -12.19
CA VAL A 143 -2.07 15.69 -13.62
C VAL A 143 -2.49 17.02 -14.21
N ASP A 144 -1.75 17.50 -15.19
CA ASP A 144 -2.02 18.76 -15.85
C ASP A 144 -2.58 18.46 -17.23
N ASN A 145 -3.84 18.76 -17.44
CA ASN A 145 -4.53 18.46 -18.69
C ASN A 145 -4.61 19.77 -19.49
N VAL A 146 -3.71 19.93 -20.44
CA VAL A 146 -3.55 21.18 -21.18
C VAL A 146 -4.44 21.13 -22.42
N PHE A 147 -5.21 22.17 -22.64
CA PHE A 147 -6.11 22.24 -23.78
C PHE A 147 -5.35 22.65 -25.02
N GLY A 148 -5.67 22.01 -26.14
CA GLY A 148 -5.04 22.35 -27.41
C GLY A 148 -5.75 23.42 -28.19
N SER A 149 -6.82 23.98 -27.64
CA SER A 149 -7.68 24.94 -28.30
C SER A 149 -7.01 26.27 -28.65
N PRO A 150 -5.99 26.75 -27.93
CA PRO A 150 -5.34 28.00 -28.38
C PRO A 150 -4.77 27.92 -29.80
N ILE A 151 -4.06 26.84 -30.13
CA ILE A 151 -3.49 26.71 -31.47
C ILE A 151 -4.59 26.60 -32.52
N LEU A 152 -5.59 25.75 -32.25
CA LEU A 152 -6.66 25.57 -33.21
C LEU A 152 -7.44 26.85 -33.40
N LEU A 153 -7.68 27.59 -32.33
CA LEU A 153 -8.42 28.85 -32.45
C LEU A 153 -7.62 29.88 -33.22
N GLU A 154 -6.31 29.95 -32.96
CA GLU A 154 -5.47 30.87 -33.70
C GLU A 154 -5.48 30.53 -35.19
N ASP A 155 -5.69 29.25 -35.52
CA ASP A 155 -5.77 28.87 -36.93
C ASP A 155 -7.16 29.16 -37.51
N MET A 156 -8.21 28.97 -36.70
CA MET A 156 -9.57 29.26 -37.19
C MET A 156 -9.74 30.73 -37.50
N LEU A 157 -9.19 31.60 -36.66
CA LEU A 157 -9.38 33.03 -36.87
C LEU A 157 -8.70 33.54 -38.13
N GLN A 158 -7.88 32.73 -38.78
CA GLN A 158 -7.23 33.09 -40.03
C GLN A 158 -7.94 32.52 -41.25
N LEU A 159 -9.22 32.20 -41.13
CA LEU A 159 -9.98 31.66 -42.26
C LEU A 159 -11.00 32.64 -42.81
N ASN A 160 -11.40 33.64 -42.02
CA ASN A 160 -12.35 34.67 -42.44
C ASN A 160 -13.66 34.03 -42.90
N LEU A 161 -14.25 33.24 -42.00
CA LEU A 161 -15.49 32.56 -42.28
C LEU A 161 -16.66 33.54 -42.26
N ASP A 162 -17.71 33.19 -42.98
CA ASP A 162 -18.89 34.04 -43.13
C ASP A 162 -19.95 33.58 -42.14
N ASN A 163 -19.96 34.22 -40.97
CA ASN A 163 -20.88 33.90 -39.90
C ASN A 163 -20.82 32.41 -39.53
N PRO A 164 -19.69 31.94 -39.02
CA PRO A 164 -19.53 30.50 -38.80
C PRO A 164 -20.37 30.01 -37.64
N ILE A 165 -20.70 28.72 -37.70
CA ILE A 165 -21.40 28.02 -36.62
C ILE A 165 -20.56 26.82 -36.23
N VAL A 166 -20.44 26.57 -34.94
CA VAL A 166 -19.63 25.49 -34.43
C VAL A 166 -20.52 24.29 -34.14
N VAL A 167 -20.17 23.15 -34.72
CA VAL A 167 -20.98 21.93 -34.64
C VAL A 167 -20.15 20.85 -33.96
N SER A 168 -20.77 20.15 -33.03
CA SER A 168 -20.14 18.97 -32.45
C SER A 168 -20.65 17.72 -33.15
N PRO A 169 -19.78 16.86 -33.66
CA PRO A 169 -20.27 15.70 -34.41
C PRO A 169 -21.07 14.71 -33.59
N ASP A 170 -20.97 14.72 -32.27
CA ASP A 170 -21.72 13.78 -31.44
C ASP A 170 -22.07 14.47 -30.12
N ILE A 171 -22.74 13.70 -29.26
CA ILE A 171 -23.23 14.24 -27.99
C ILE A 171 -22.11 14.38 -26.98
N GLY A 172 -21.03 13.60 -27.12
CA GLY A 172 -19.94 13.67 -26.16
C GLY A 172 -19.03 14.87 -26.32
N GLY A 173 -19.07 15.54 -27.46
CA GLY A 173 -18.23 16.67 -27.73
C GLY A 173 -18.85 18.03 -27.49
N VAL A 174 -19.97 18.10 -26.79
CA VAL A 174 -20.72 19.34 -26.68
C VAL A 174 -19.97 20.36 -25.84
N VAL A 175 -19.29 19.91 -24.77
CA VAL A 175 -18.60 20.86 -23.89
C VAL A 175 -17.45 21.52 -24.62
N ARG A 176 -16.67 20.72 -25.36
CA ARG A 176 -15.57 21.28 -26.14
C ARG A 176 -16.09 22.20 -27.24
N ALA A 177 -17.18 21.81 -27.90
CA ALA A 177 -17.75 22.67 -28.93
C ALA A 177 -18.22 24.00 -28.35
N ARG A 178 -18.83 23.96 -27.17
CA ARG A 178 -19.28 25.19 -26.53
C ARG A 178 -18.12 26.09 -26.16
N ALA A 179 -17.02 25.51 -25.65
CA ALA A 179 -15.86 26.32 -25.33
C ALA A 179 -15.31 27.00 -26.58
N ILE A 180 -15.19 26.25 -27.68
CA ILE A 180 -14.69 26.84 -28.92
C ILE A 180 -15.64 27.93 -29.41
N ALA A 181 -16.94 27.69 -29.32
CA ALA A 181 -17.92 28.68 -29.77
C ALA A 181 -17.82 29.96 -28.97
N LYS A 182 -17.63 29.86 -27.67
CA LYS A 182 -17.42 31.07 -26.87
C LYS A 182 -16.15 31.79 -27.28
N LEU A 183 -15.07 31.04 -27.53
CA LEU A 183 -13.82 31.68 -27.91
C LEU A 183 -13.88 32.31 -29.30
N LEU A 184 -14.69 31.76 -30.20
CA LEU A 184 -14.69 32.18 -31.60
C LEU A 184 -15.69 33.32 -31.80
N ASN A 185 -15.45 34.42 -31.09
CA ASN A 185 -16.29 35.61 -31.14
C ASN A 185 -17.72 35.34 -30.68
N ASP A 186 -17.91 34.30 -29.85
CA ASP A 186 -19.20 33.99 -29.24
C ASP A 186 -20.29 33.78 -30.30
N THR A 187 -20.12 32.74 -31.12
CA THR A 187 -21.07 32.43 -32.16
C THR A 187 -22.11 31.42 -31.69
N ASP A 188 -22.90 30.92 -32.62
CA ASP A 188 -23.93 29.93 -32.36
C ASP A 188 -23.32 28.54 -32.30
N MET A 189 -24.12 27.58 -31.85
CA MET A 189 -23.68 26.20 -31.74
C MET A 189 -24.81 25.28 -32.19
N ALA A 190 -24.45 24.20 -32.88
CA ALA A 190 -25.39 23.17 -33.29
C ALA A 190 -24.79 21.82 -32.96
N ILE A 191 -25.65 20.82 -32.82
CA ILE A 191 -25.23 19.50 -32.35
C ILE A 191 -25.82 18.44 -33.26
N ILE A 192 -25.01 17.45 -33.61
CA ILE A 192 -25.46 16.29 -34.37
C ILE A 192 -25.92 15.22 -33.40
N ASP A 193 -27.13 14.73 -33.60
CA ASP A 193 -27.71 13.66 -32.79
C ASP A 193 -28.01 12.47 -33.69
N LYS A 194 -27.53 11.30 -33.31
CA LYS A 194 -27.69 10.09 -34.10
C LYS A 194 -28.62 9.14 -33.36
N ARG A 195 -29.58 8.56 -34.09
CA ARG A 195 -30.60 7.72 -33.51
C ARG A 195 -30.73 6.43 -34.31
N ARG A 196 -31.25 5.41 -33.64
CA ARG A 196 -31.56 4.12 -34.26
C ARG A 196 -30.35 3.49 -34.95
N GLN A 203 -27.95 5.45 -37.74
CA GLN A 203 -28.84 5.56 -38.89
C GLN A 203 -29.11 7.02 -39.23
N VAL A 204 -30.34 7.47 -39.00
CA VAL A 204 -30.68 8.86 -39.32
C VAL A 204 -30.01 9.80 -38.33
N MET A 205 -29.51 10.91 -38.83
CA MET A 205 -28.88 11.94 -38.01
C MET A 205 -29.73 13.19 -37.97
N HIS A 206 -30.04 13.65 -36.77
CA HIS A 206 -30.79 14.87 -36.55
C HIS A 206 -29.81 15.97 -36.16
N ILE A 207 -30.09 17.18 -36.62
CA ILE A 207 -29.29 18.34 -36.23
C ILE A 207 -30.16 19.26 -35.38
N ILE A 208 -29.73 19.51 -34.16
CA ILE A 208 -30.38 20.43 -33.26
C ILE A 208 -29.73 21.79 -33.44
N GLY A 209 -30.44 22.73 -34.05
CA GLY A 209 -29.87 24.02 -34.39
C GLY A 209 -30.09 24.35 -35.85
N ASP A 210 -29.72 25.56 -36.28
CA ASP A 210 -29.92 26.00 -37.65
C ASP A 210 -28.57 26.13 -38.35
N VAL A 211 -28.40 25.41 -39.45
CA VAL A 211 -27.15 25.41 -40.18
C VAL A 211 -27.32 25.84 -41.63
N ALA A 212 -28.46 26.43 -41.97
CA ALA A 212 -28.76 26.78 -43.34
C ALA A 212 -27.92 27.97 -43.80
N GLY A 213 -27.13 27.76 -44.83
CA GLY A 213 -26.35 28.85 -45.43
C GLY A 213 -25.30 29.45 -44.52
N ARG A 214 -24.60 28.62 -43.76
CA ARG A 214 -23.54 29.09 -42.88
C ARG A 214 -22.33 28.19 -43.05
N ASP A 215 -21.16 28.74 -42.74
CA ASP A 215 -19.94 27.96 -42.69
C ASP A 215 -19.91 27.17 -41.38
N CYS A 216 -19.73 25.86 -41.49
CA CYS A 216 -19.79 24.96 -40.34
C CYS A 216 -18.39 24.53 -39.95
N VAL A 217 -18.10 24.56 -38.66
CA VAL A 217 -16.80 24.15 -38.13
C VAL A 217 -17.03 23.00 -37.18
N LEU A 218 -16.69 21.79 -37.62
CA LEU A 218 -16.76 20.62 -36.75
C LEU A 218 -15.53 20.57 -35.87
N VAL A 219 -15.72 20.38 -34.57
CA VAL A 219 -14.62 20.27 -33.62
C VAL A 219 -14.76 18.96 -32.85
N ASP A 220 -13.66 18.24 -32.73
CA ASP A 220 -13.65 17.00 -31.96
C ASP A 220 -12.30 16.87 -31.27
N ASP A 221 -12.17 15.84 -30.44
CA ASP A 221 -10.89 15.63 -29.77
C ASP A 221 -10.02 14.63 -30.50
N MET A 222 -10.59 13.73 -31.29
CA MET A 222 -9.79 12.82 -32.08
C MET A 222 -10.50 12.53 -33.39
N ILE A 223 -9.75 11.97 -34.32
CA ILE A 223 -10.29 11.39 -35.55
C ILE A 223 -9.70 9.99 -35.62
N ASP A 224 -10.51 8.97 -35.35
CA ASP A 224 -9.99 7.61 -35.36
C ASP A 224 -10.19 6.95 -36.71
N THR A 225 -11.45 6.77 -37.13
CA THR A 225 -11.74 6.24 -38.45
C THR A 225 -12.39 7.25 -39.37
N GLY A 226 -12.72 8.44 -38.88
CA GLY A 226 -13.42 9.42 -39.67
C GLY A 226 -14.89 9.11 -39.90
N GLY A 227 -15.43 8.10 -39.23
CA GLY A 227 -16.82 7.75 -39.47
C GLY A 227 -17.78 8.84 -39.04
N THR A 228 -17.73 9.21 -37.76
CA THR A 228 -18.63 10.26 -37.28
C THR A 228 -18.39 11.57 -38.00
N LEU A 229 -17.13 11.88 -38.29
CA LEU A 229 -16.81 13.14 -38.93
C LEU A 229 -17.38 13.22 -40.34
N CYS A 230 -17.12 12.19 -41.15
CA CYS A 230 -17.62 12.19 -42.52
C CYS A 230 -19.14 12.16 -42.55
N LYS A 231 -19.76 11.36 -41.69
CA LYS A 231 -21.21 11.29 -41.66
C LYS A 231 -21.82 12.63 -41.27
N ALA A 232 -21.25 13.30 -40.26
CA ALA A 232 -21.77 14.59 -39.85
C ALA A 232 -21.59 15.63 -40.94
N ALA A 233 -20.47 15.59 -41.66
CA ALA A 233 -20.28 16.51 -42.77
C ALA A 233 -21.32 16.29 -43.85
N GLU A 234 -21.61 15.02 -44.17
CA GLU A 234 -22.65 14.73 -45.16
C GLU A 234 -24.00 15.28 -44.72
N ALA A 235 -24.35 15.08 -43.45
CA ALA A 235 -25.62 15.61 -42.95
C ALA A 235 -25.66 17.13 -43.05
N LEU A 236 -24.58 17.79 -42.66
CA LEU A 236 -24.55 19.25 -42.70
C LEU A 236 -24.70 19.76 -44.12
N LYS A 237 -24.03 19.14 -45.07
CA LYS A 237 -24.14 19.61 -46.45
C LYS A 237 -25.52 19.32 -47.03
N GLU A 238 -26.16 18.23 -46.61
CA GLU A 238 -27.47 17.92 -47.18
C GLU A 238 -28.59 18.63 -46.44
N ARG A 239 -28.26 19.36 -45.37
CA ARG A 239 -29.14 20.43 -44.89
C ARG A 239 -28.62 21.81 -45.27
N GLY A 240 -27.82 21.90 -46.32
CA GLY A 240 -27.45 23.19 -46.88
C GLY A 240 -26.51 24.03 -46.05
N ALA A 241 -25.26 23.61 -45.93
CA ALA A 241 -24.19 24.42 -45.36
C ALA A 241 -23.17 24.70 -46.44
N LYS A 242 -22.60 25.91 -46.42
CA LYS A 242 -21.72 26.32 -47.51
C LYS A 242 -20.41 25.54 -47.50
N ARG A 243 -19.64 25.66 -46.42
CA ARG A 243 -18.38 24.94 -46.28
C ARG A 243 -18.31 24.30 -44.91
N VAL A 244 -17.59 23.18 -44.85
CA VAL A 244 -17.38 22.45 -43.60
C VAL A 244 -15.90 22.27 -43.39
N PHE A 245 -15.42 22.64 -42.20
CA PHE A 245 -14.05 22.44 -41.79
C PHE A 245 -14.02 21.55 -40.55
N ALA A 246 -13.07 20.64 -40.49
CA ALA A 246 -12.93 19.74 -39.36
C ALA A 246 -11.69 20.12 -38.58
N TYR A 247 -11.82 20.16 -37.26
CA TYR A 247 -10.76 20.62 -36.37
C TYR A 247 -10.65 19.63 -35.22
N ALA A 248 -9.54 18.91 -35.16
CA ALA A 248 -9.35 17.92 -34.11
C ALA A 248 -7.98 18.12 -33.49
N THR A 249 -7.71 17.36 -32.43
CA THR A 249 -6.44 17.45 -31.75
C THR A 249 -5.56 16.23 -31.97
N HIS A 250 -6.12 15.04 -31.81
CA HIS A 250 -5.34 13.80 -31.90
C HIS A 250 -5.62 13.11 -33.22
N PRO A 251 -4.65 13.03 -34.12
CA PRO A 251 -4.82 12.35 -35.42
C PRO A 251 -4.52 10.86 -35.40
N ILE A 252 -5.46 10.08 -34.87
CA ILE A 252 -5.24 8.63 -34.78
C ILE A 252 -5.24 8.00 -36.17
N PHE A 253 -6.27 8.28 -36.96
CA PHE A 253 -6.35 7.85 -38.36
C PHE A 253 -6.08 6.36 -38.51
N SER A 254 -6.96 5.56 -37.93
CA SER A 254 -6.83 4.12 -37.99
C SER A 254 -7.86 3.52 -38.94
N GLY A 255 -7.59 2.29 -39.37
CA GLY A 255 -8.50 1.59 -40.26
C GLY A 255 -8.56 2.19 -41.64
N ASN A 256 -9.78 2.50 -42.09
CA ASN A 256 -10.02 3.02 -43.42
C ASN A 256 -10.08 4.55 -43.46
N ALA A 257 -9.32 5.21 -42.60
CA ALA A 257 -9.44 6.66 -42.47
C ALA A 257 -9.05 7.38 -43.74
N ALA A 258 -8.00 6.91 -44.42
CA ALA A 258 -7.55 7.59 -45.63
C ALA A 258 -8.63 7.60 -46.70
N ASN A 259 -9.27 6.45 -46.93
CA ASN A 259 -10.32 6.40 -47.93
C ASN A 259 -11.55 7.18 -47.50
N ASN A 260 -11.88 7.14 -46.21
CA ASN A 260 -13.05 7.89 -45.74
C ASN A 260 -12.84 9.38 -45.93
N LEU A 261 -11.64 9.88 -45.64
CA LEU A 261 -11.37 11.30 -45.80
C LEU A 261 -11.25 11.67 -47.26
N ARG A 262 -10.69 10.80 -48.10
CA ARG A 262 -10.56 11.12 -49.52
C ARG A 262 -11.92 11.26 -50.18
N ASN A 263 -12.82 10.31 -49.93
CA ASN A 263 -14.16 10.34 -50.52
C ASN A 263 -15.16 11.03 -49.60
N SER A 264 -14.85 12.25 -49.18
CA SER A 264 -15.70 13.00 -48.27
C SER A 264 -15.93 14.39 -48.82
N VAL A 265 -16.76 15.15 -48.11
CA VAL A 265 -17.14 16.49 -48.52
C VAL A 265 -16.48 17.56 -47.65
N ILE A 266 -15.60 17.16 -46.73
CA ILE A 266 -14.94 18.10 -45.86
C ILE A 266 -13.91 18.88 -46.66
N ASP A 267 -13.96 20.20 -46.59
CA ASP A 267 -13.05 21.02 -47.38
C ASP A 267 -11.65 21.03 -46.82
N GLU A 268 -11.49 20.95 -45.51
CA GLU A 268 -10.17 21.02 -44.89
C GLU A 268 -10.22 20.37 -43.52
N VAL A 269 -9.24 19.53 -43.24
CA VAL A 269 -9.10 18.88 -41.94
C VAL A 269 -7.80 19.37 -41.33
N VAL A 270 -7.87 19.92 -40.12
CA VAL A 270 -6.71 20.46 -39.44
C VAL A 270 -6.54 19.72 -38.12
N VAL A 271 -5.33 19.23 -37.87
CA VAL A 271 -5.03 18.42 -36.70
C VAL A 271 -3.76 18.94 -36.04
N CYS A 272 -3.51 18.48 -34.82
CA CYS A 272 -2.27 18.77 -34.13
C CYS A 272 -1.27 17.65 -34.42
N ASP A 273 -0.16 17.64 -33.69
CA ASP A 273 0.91 16.68 -33.98
C ASP A 273 1.21 15.79 -32.78
N THR A 274 0.22 15.50 -31.95
CA THR A 274 0.43 14.60 -30.83
C THR A 274 0.69 13.17 -31.26
N ILE A 275 0.36 12.82 -32.50
CA ILE A 275 0.65 11.51 -33.07
C ILE A 275 1.25 11.74 -34.46
N PRO A 276 2.34 11.06 -34.81
CA PRO A 276 2.89 11.23 -36.16
C PRO A 276 1.94 10.72 -37.23
N LEU A 277 1.96 11.38 -38.39
CA LEU A 277 1.10 11.00 -39.50
C LEU A 277 1.77 9.93 -40.36
N SER A 278 0.93 9.09 -40.96
CA SER A 278 1.43 8.08 -41.88
C SER A 278 1.68 8.67 -43.26
N ASP A 279 2.14 7.84 -44.19
CA ASP A 279 2.43 8.31 -45.53
C ASP A 279 1.16 8.56 -46.33
N GLU A 280 0.18 7.65 -46.23
CA GLU A 280 -1.05 7.82 -46.98
C GLU A 280 -1.79 9.07 -46.56
N ILE A 281 -1.70 9.43 -45.28
CA ILE A 281 -2.39 10.62 -44.82
C ILE A 281 -1.65 11.88 -45.24
N LYS A 282 -0.32 11.86 -45.19
CA LYS A 282 0.44 12.99 -45.69
C LYS A 282 0.25 13.21 -47.19
N SER A 283 -0.05 12.15 -47.94
CA SER A 283 -0.33 12.30 -49.36
C SER A 283 -1.63 13.04 -49.62
N LEU A 284 -2.56 13.03 -48.68
CA LEU A 284 -3.85 13.68 -48.89
C LEU A 284 -3.65 15.19 -49.02
N PRO A 285 -4.40 15.84 -49.92
CA PRO A 285 -4.18 17.27 -50.16
C PRO A 285 -4.91 18.19 -49.21
N ASN A 286 -5.93 17.72 -48.49
CA ASN A 286 -6.74 18.58 -47.65
C ASN A 286 -6.59 18.28 -46.16
N VAL A 287 -5.47 17.68 -45.77
CA VAL A 287 -5.18 17.41 -44.36
C VAL A 287 -3.95 18.22 -43.99
N ARG A 288 -4.09 19.09 -43.00
CA ARG A 288 -3.05 20.03 -42.60
C ARG A 288 -2.76 19.88 -41.12
N THR A 289 -1.53 20.18 -40.74
CA THR A 289 -1.04 19.89 -39.40
C THR A 289 -0.51 21.16 -38.73
N LEU A 290 -0.92 21.36 -37.48
CA LEU A 290 -0.35 22.37 -36.60
C LEU A 290 0.60 21.71 -35.63
N THR A 291 1.36 22.51 -34.90
CA THR A 291 2.35 21.97 -33.99
C THR A 291 2.07 22.41 -32.55
N LEU A 292 2.32 21.52 -31.61
CA LEU A 292 2.13 21.79 -30.19
C LEU A 292 3.45 21.89 -29.45
N SER A 293 4.58 21.95 -30.16
CA SER A 293 5.87 21.89 -29.50
C SER A 293 6.12 23.11 -28.63
N GLY A 294 5.67 24.28 -29.05
CA GLY A 294 5.87 25.48 -28.25
C GLY A 294 5.09 25.42 -26.95
N MET A 295 3.84 24.99 -27.02
CA MET A 295 3.01 24.90 -25.81
C MET A 295 3.57 23.88 -24.84
N LEU A 296 3.99 22.71 -25.34
CA LEU A 296 4.55 21.70 -24.46
C LEU A 296 5.89 22.14 -23.89
N ALA A 297 6.69 22.84 -24.69
CA ALA A 297 7.97 23.33 -24.19
C ALA A 297 7.76 24.32 -23.06
N GLU A 298 6.81 25.24 -23.21
CA GLU A 298 6.54 26.19 -22.15
C GLU A 298 6.00 25.50 -20.90
N ALA A 299 5.15 24.48 -21.07
CA ALA A 299 4.66 23.77 -19.89
C ALA A 299 5.79 23.04 -19.17
N ILE A 300 6.69 22.41 -19.92
CA ILE A 300 7.84 21.75 -19.30
C ILE A 300 8.72 22.75 -18.59
N ARG A 301 8.93 23.90 -19.20
CA ARG A 301 9.74 24.95 -18.59
C ARG A 301 9.13 25.43 -17.28
N ARG A 302 7.82 25.60 -17.26
CA ARG A 302 7.16 26.06 -16.05
C ARG A 302 7.18 25.00 -14.96
N ILE A 303 7.04 23.73 -15.33
CA ILE A 303 7.09 22.68 -14.31
C ILE A 303 8.49 22.58 -13.72
N SER A 304 9.51 22.74 -14.56
CA SER A 304 10.89 22.56 -14.09
C SER A 304 11.31 23.68 -13.14
N ASN A 305 10.69 24.84 -13.23
CA ASN A 305 11.13 26.01 -12.50
C ASN A 305 10.24 26.37 -11.30
N GLU A 306 9.35 25.49 -10.88
CA GLU A 306 8.44 25.75 -9.77
C GLU A 306 7.55 26.96 -10.05
N GLU A 307 7.15 27.14 -11.30
CA GLU A 307 6.33 28.26 -11.70
C GLU A 307 4.87 27.84 -11.84
N SER A 308 3.98 28.81 -11.81
CA SER A 308 2.56 28.53 -11.93
C SER A 308 2.25 28.05 -13.34
N ILE A 309 1.46 26.98 -13.41
CA ILE A 309 1.08 26.40 -14.71
C ILE A 309 -0.19 27.02 -15.27
N SER A 310 -0.90 27.84 -14.50
CA SER A 310 -2.18 28.39 -14.93
C SER A 310 -2.04 29.33 -16.12
N ALA A 311 -0.86 29.89 -16.34
CA ALA A 311 -0.68 30.78 -17.48
C ALA A 311 -0.77 30.06 -18.81
N MET A 312 -0.78 28.74 -18.81
CA MET A 312 -0.84 27.95 -20.03
C MET A 312 -2.24 27.90 -20.64
N PHE A 313 -3.24 28.42 -19.94
CA PHE A 313 -4.63 28.31 -20.36
C PHE A 313 -5.18 29.64 -20.85
N GLU A 314 -4.28 30.50 -21.34
CA GLU A 314 -4.63 31.83 -21.81
C GLU A 314 -4.69 31.82 -23.33
N HIS A 315 -5.56 32.67 -23.88
CA HIS A 315 -5.70 32.78 -25.32
C HIS A 315 -5.26 34.14 -25.84
N ASP B 3 25.25 16.29 3.96
CA ASP B 3 25.45 15.96 5.36
C ASP B 3 25.51 14.45 5.56
N MET B 4 26.68 13.87 5.35
CA MET B 4 26.86 12.43 5.48
C MET B 4 27.16 12.07 6.93
N LYS B 5 26.34 11.21 7.52
CA LYS B 5 26.59 10.66 8.84
C LYS B 5 26.62 9.14 8.75
N LEU B 6 27.54 8.54 9.48
CA LEU B 6 27.67 7.09 9.56
C LEU B 6 27.24 6.63 10.94
N PHE B 7 26.43 5.58 10.98
CA PHE B 7 26.07 4.93 12.22
C PHE B 7 26.42 3.46 12.11
N ALA B 8 26.77 2.85 13.24
CA ALA B 8 27.14 1.45 13.26
C ALA B 8 26.34 0.72 14.33
N GLY B 9 26.00 -0.52 14.03
CA GLY B 9 25.42 -1.42 15.01
C GLY B 9 26.49 -2.17 15.75
N ASN B 10 26.09 -3.27 16.39
CA ASN B 10 27.02 -4.08 17.16
C ASN B 10 27.60 -5.24 16.38
N ALA B 11 27.17 -5.45 15.13
CA ALA B 11 27.62 -6.61 14.38
C ALA B 11 29.04 -6.43 13.85
N THR B 12 29.29 -5.33 13.16
CA THR B 12 30.60 -5.05 12.56
C THR B 12 31.05 -3.66 12.96
N PRO B 13 31.43 -3.47 14.22
CA PRO B 13 31.87 -2.12 14.65
C PRO B 13 33.26 -1.79 14.16
N GLU B 14 34.15 -2.78 14.06
CA GLU B 14 35.54 -2.51 13.71
C GLU B 14 35.64 -2.16 12.22
N LEU B 15 34.87 -2.85 11.38
CA LEU B 15 34.78 -2.50 9.98
C LEU B 15 34.19 -1.10 9.78
N ALA B 16 33.18 -0.76 10.57
CA ALA B 16 32.61 0.57 10.49
C ALA B 16 33.64 1.63 10.86
N GLN B 17 34.48 1.32 11.85
CA GLN B 17 35.57 2.25 12.18
C GLN B 17 36.55 2.40 11.03
N ARG B 18 36.92 1.29 10.37
CA ARG B 18 37.85 1.42 9.25
C ARG B 18 37.25 2.24 8.12
N ILE B 19 35.97 2.02 7.82
CA ILE B 19 35.31 2.78 6.77
C ILE B 19 35.27 4.25 7.13
N ALA B 20 34.95 4.56 8.39
CA ALA B 20 34.94 5.95 8.82
C ALA B 20 36.33 6.58 8.70
N ASN B 21 37.38 5.84 9.05
CA ASN B 21 38.73 6.38 8.93
C ASN B 21 39.07 6.68 7.48
N ARG B 22 38.71 5.80 6.56
CA ARG B 22 39.01 6.07 5.16
C ARG B 22 38.19 7.22 4.58
N LEU B 23 37.07 7.56 5.20
CA LEU B 23 36.29 8.72 4.79
C LEU B 23 36.64 9.97 5.55
N TYR B 24 37.58 9.89 6.49
CA TYR B 24 38.02 11.06 7.27
C TYR B 24 36.86 11.71 8.02
N THR B 25 35.93 10.89 8.50
CA THR B 25 34.88 11.35 9.39
C THR B 25 34.86 10.48 10.63
N SER B 26 33.84 10.64 11.47
CA SER B 26 33.69 9.83 12.66
C SER B 26 32.30 9.24 12.71
N LEU B 27 32.18 8.10 13.40
CA LEU B 27 30.89 7.47 13.57
C LEU B 27 29.97 8.33 14.41
N GLY B 28 28.71 8.42 13.99
CA GLY B 28 27.74 9.19 14.73
C GLY B 28 27.43 8.59 16.09
N ASP B 29 26.90 9.43 16.96
CA ASP B 29 26.63 9.05 18.34
C ASP B 29 25.25 8.42 18.42
N ALA B 30 25.19 7.13 18.66
CA ALA B 30 23.94 6.44 18.93
C ALA B 30 24.22 5.35 19.95
N ALA B 31 23.35 5.22 20.94
CA ALA B 31 23.48 4.18 21.95
C ALA B 31 22.60 3.00 21.54
N VAL B 32 23.24 1.95 21.02
CA VAL B 32 22.55 0.75 20.58
C VAL B 32 22.96 -0.38 21.50
N GLY B 33 22.03 -0.89 22.28
CA GLY B 33 22.32 -1.93 23.25
C GLY B 33 21.13 -2.83 23.49
N ARG B 34 21.16 -3.51 24.62
CA ARG B 34 20.10 -4.45 25.00
C ARG B 34 19.51 -4.03 26.33
N PHE B 35 18.21 -4.26 26.47
CA PHE B 35 17.57 -4.14 27.76
C PHE B 35 17.89 -5.37 28.60
N SER B 36 17.31 -5.42 29.80
CA SER B 36 17.60 -6.53 30.70
C SER B 36 17.18 -7.87 30.12
N ASP B 37 16.05 -7.90 29.42
CA ASP B 37 15.47 -9.15 28.97
C ASP B 37 15.89 -9.54 27.56
N GLY B 38 16.80 -8.81 26.94
CA GLY B 38 17.30 -9.13 25.62
C GLY B 38 16.71 -8.34 24.48
N GLU B 39 15.82 -7.40 24.76
CA GLU B 39 15.21 -6.60 23.71
C GLU B 39 16.16 -5.49 23.29
N VAL B 40 16.12 -5.15 22.01
CA VAL B 40 17.04 -4.17 21.44
C VAL B 40 16.66 -2.78 21.94
N SER B 41 17.67 -2.03 22.39
CA SER B 41 17.51 -0.65 22.83
C SER B 41 18.28 0.24 21.87
N VAL B 42 17.64 1.30 21.39
CA VAL B 42 18.26 2.23 20.45
C VAL B 42 17.95 3.66 20.88
N GLN B 43 18.95 4.52 20.87
CA GLN B 43 18.72 5.95 21.06
C GLN B 43 19.71 6.72 20.20
N ILE B 44 19.20 7.61 19.37
CA ILE B 44 20.03 8.50 18.56
C ILE B 44 20.33 9.73 19.40
N ASN B 45 21.61 10.09 19.49
CA ASN B 45 22.05 11.13 20.40
C ASN B 45 22.52 12.38 19.68
N GLU B 46 22.00 12.65 18.49
CA GLU B 46 22.37 13.86 17.77
C GLU B 46 21.30 14.19 16.75
N ASN B 47 21.33 15.43 16.27
CA ASN B 47 20.36 15.89 15.29
C ASN B 47 20.64 15.24 13.93
N VAL B 48 19.62 14.65 13.34
CA VAL B 48 19.78 13.97 12.05
C VAL B 48 18.75 14.50 11.06
N ARG B 49 18.12 15.62 11.40
CA ARG B 49 17.06 16.16 10.55
C ARG B 49 17.59 16.57 9.19
N GLY B 50 17.01 16.01 8.14
CA GLY B 50 17.40 16.35 6.79
C GLY B 50 18.70 15.74 6.32
N GLY B 51 19.41 15.03 7.19
CA GLY B 51 20.70 14.49 6.83
C GLY B 51 20.61 13.27 5.95
N ASP B 52 21.76 12.90 5.40
CA ASP B 52 21.92 11.71 4.58
C ASP B 52 22.63 10.68 5.43
N ILE B 53 21.92 9.63 5.82
CA ILE B 53 22.39 8.69 6.83
C ILE B 53 22.81 7.39 6.16
N PHE B 54 23.92 6.83 6.64
CA PHE B 54 24.36 5.49 6.28
C PHE B 54 24.44 4.65 7.54
N ILE B 55 23.91 3.44 7.49
CA ILE B 55 24.00 2.49 8.59
C ILE B 55 24.81 1.30 8.11
N ILE B 56 25.87 0.96 8.82
CA ILE B 56 26.75 -0.13 8.44
C ILE B 56 26.52 -1.26 9.42
N GLN B 57 25.91 -2.35 8.96
CA GLN B 57 25.77 -3.52 9.80
C GLN B 57 25.46 -4.77 9.01
N SER B 58 26.29 -5.79 9.14
CA SER B 58 26.02 -7.09 8.56
C SER B 58 24.98 -7.83 9.39
N THR B 59 24.18 -8.65 8.72
CA THR B 59 23.21 -9.49 9.42
C THR B 59 23.79 -10.88 9.68
N CYS B 60 24.92 -10.88 10.37
CA CYS B 60 25.67 -12.08 10.69
C CYS B 60 25.27 -12.58 12.08
N ALA B 61 25.86 -13.70 12.48
CA ALA B 61 25.47 -14.36 13.73
C ALA B 61 25.88 -13.53 14.93
N PRO B 62 24.99 -13.33 15.93
CA PRO B 62 23.58 -13.77 16.04
C PRO B 62 22.65 -13.05 15.09
N THR B 63 22.09 -13.80 14.14
CA THR B 63 21.46 -13.20 12.97
C THR B 63 20.26 -12.35 13.34
N ASN B 64 19.40 -12.85 14.23
CA ASN B 64 18.12 -12.19 14.45
C ASN B 64 18.28 -10.93 15.27
N ASP B 65 19.21 -10.94 16.23
CA ASP B 65 19.48 -9.72 17.00
C ASP B 65 20.07 -8.63 16.11
N ASN B 66 20.97 -9.00 15.20
CA ASN B 66 21.54 -8.01 14.30
C ASN B 66 20.50 -7.44 13.36
N LEU B 67 19.62 -8.30 12.83
CA LEU B 67 18.55 -7.83 11.96
C LEU B 67 17.61 -6.90 12.71
N MET B 68 17.27 -7.24 13.95
CA MET B 68 16.40 -6.37 14.71
C MET B 68 17.07 -5.03 15.04
N GLU B 69 18.35 -5.05 15.38
CA GLU B 69 19.08 -3.79 15.57
C GLU B 69 18.97 -2.93 14.34
N LEU B 70 19.14 -3.52 13.17
CA LEU B 70 19.11 -2.74 11.93
C LEU B 70 17.74 -2.10 11.72
N VAL B 71 16.67 -2.89 11.80
CA VAL B 71 15.36 -2.34 11.50
C VAL B 71 14.94 -1.33 12.57
N VAL B 72 15.34 -1.56 13.82
CA VAL B 72 14.97 -0.64 14.89
C VAL B 72 15.72 0.68 14.76
N MET B 73 17.00 0.64 14.37
CA MET B 73 17.71 1.89 14.11
C MET B 73 17.09 2.64 12.94
N VAL B 74 16.70 1.92 11.89
CA VAL B 74 16.06 2.61 10.77
C VAL B 74 14.77 3.28 11.20
N ASP B 75 13.98 2.61 12.03
CA ASP B 75 12.73 3.21 12.50
C ASP B 75 12.98 4.44 13.37
N ALA B 76 13.94 4.36 14.29
CA ALA B 76 14.26 5.50 15.14
C ALA B 76 14.76 6.67 14.32
N LEU B 77 15.61 6.41 13.32
CA LEU B 77 16.11 7.48 12.46
C LEU B 77 14.99 8.09 11.64
N ARG B 78 14.06 7.28 11.17
CA ARG B 78 13.03 7.76 10.27
C ARG B 78 11.97 8.56 11.01
N ARG B 79 11.71 8.24 12.28
CA ARG B 79 10.81 9.08 13.05
C ARG B 79 11.48 10.34 13.58
N ALA B 80 12.80 10.41 13.55
CA ALA B 80 13.52 11.62 13.91
C ALA B 80 13.70 12.55 12.74
N SER B 81 13.01 12.30 11.63
CA SER B 81 12.99 13.16 10.45
C SER B 81 14.32 13.14 9.68
N ALA B 82 14.94 11.97 9.58
CA ALA B 82 16.09 11.83 8.71
C ALA B 82 15.67 11.99 7.25
N GLY B 83 16.60 12.47 6.44
CA GLY B 83 16.29 12.72 5.04
C GLY B 83 16.27 11.48 4.18
N ARG B 84 17.42 10.83 4.06
CA ARG B 84 17.57 9.65 3.23
C ARG B 84 18.42 8.64 3.99
N ILE B 85 18.01 7.38 3.99
CA ILE B 85 18.68 6.35 4.76
C ILE B 85 19.18 5.28 3.81
N THR B 86 20.48 5.05 3.80
CA THR B 86 21.10 3.96 3.06
C THR B 86 21.58 2.92 4.03
N ALA B 87 21.23 1.66 3.79
CA ALA B 87 21.68 0.56 4.63
C ALA B 87 22.81 -0.16 3.91
N VAL B 88 24.02 -0.03 4.45
CA VAL B 88 25.16 -0.80 3.97
C VAL B 88 25.18 -2.10 4.75
N ILE B 89 24.93 -3.21 4.05
CA ILE B 89 24.84 -4.51 4.69
C ILE B 89 25.89 -5.40 4.04
N PRO B 90 27.14 -5.40 4.52
CA PRO B 90 28.19 -6.14 3.81
C PRO B 90 27.87 -7.61 3.62
N TYR B 91 27.27 -8.27 4.61
CA TYR B 91 26.82 -9.64 4.46
C TYR B 91 25.31 -9.67 4.68
N PHE B 92 24.58 -10.06 3.65
CA PHE B 92 23.13 -10.12 3.71
C PHE B 92 22.72 -11.51 4.18
N GLY B 93 22.24 -11.60 5.41
CA GLY B 93 21.83 -12.88 5.94
C GLY B 93 20.48 -13.32 5.42
N TYR B 94 20.18 -14.59 5.63
CA TYR B 94 18.97 -15.26 5.15
C TYR B 94 18.88 -15.30 3.64
N ALA B 95 19.98 -15.06 2.92
CA ALA B 95 19.92 -14.95 1.47
C ALA B 95 19.90 -16.31 0.79
N ARG B 96 20.18 -17.39 1.50
CA ARG B 96 20.17 -18.71 0.91
C ARG B 96 18.77 -19.29 0.77
N GLN B 97 17.77 -18.66 1.41
CA GLN B 97 16.39 -19.09 1.32
C GLN B 97 15.67 -18.14 0.36
N ASP B 98 15.79 -18.45 -0.94
CA ASP B 98 15.35 -17.53 -1.99
C ASP B 98 14.28 -18.11 -2.91
N ARG B 99 13.78 -19.31 -2.65
CA ARG B 99 12.74 -19.89 -3.48
C ARG B 99 12.12 -21.06 -2.72
N ARG B 100 11.06 -21.62 -3.30
CA ARG B 100 10.44 -22.84 -2.80
C ARG B 100 10.67 -23.93 -3.85
N VAL B 101 11.57 -24.86 -3.56
CA VAL B 101 11.86 -25.92 -4.52
C VAL B 101 10.75 -26.96 -4.46
N ARG B 102 10.15 -27.25 -5.62
CA ARG B 102 9.08 -28.24 -5.73
C ARG B 102 7.86 -27.87 -4.90
N SER B 103 7.63 -26.57 -4.74
CA SER B 103 6.49 -26.06 -3.99
C SER B 103 6.45 -26.65 -2.58
N ALA B 104 7.62 -26.83 -1.99
CA ALA B 104 7.69 -27.25 -0.60
C ALA B 104 7.13 -26.15 0.28
N ARG B 105 6.55 -26.54 1.42
CA ARG B 105 5.91 -25.56 2.30
C ARG B 105 6.96 -24.90 3.19
N VAL B 106 7.78 -24.10 2.55
CA VAL B 106 8.84 -23.36 3.23
C VAL B 106 8.62 -21.88 2.93
N PRO B 107 9.21 -20.99 3.71
CA PRO B 107 9.14 -19.56 3.39
C PRO B 107 10.21 -19.16 2.40
N ILE B 108 10.02 -17.98 1.81
CA ILE B 108 11.10 -17.30 1.11
C ILE B 108 11.57 -16.19 2.02
N THR B 109 12.56 -16.48 2.86
CA THR B 109 12.86 -15.60 3.97
C THR B 109 13.62 -14.36 3.52
N ALA B 110 14.35 -14.44 2.42
CA ALA B 110 15.00 -13.25 1.87
C ALA B 110 13.97 -12.21 1.45
N LYS B 111 12.85 -12.66 0.89
CA LYS B 111 11.77 -11.74 0.54
C LYS B 111 11.15 -11.12 1.78
N VAL B 112 11.04 -11.89 2.86
CA VAL B 112 10.50 -11.36 4.11
C VAL B 112 11.41 -10.27 4.67
N VAL B 113 12.72 -10.53 4.66
CA VAL B 113 13.66 -9.52 5.15
C VAL B 113 13.63 -8.27 4.27
N ALA B 114 13.55 -8.45 2.96
CA ALA B 114 13.46 -7.30 2.06
C ALA B 114 12.19 -6.50 2.31
N ASP B 115 11.08 -7.17 2.58
CA ASP B 115 9.83 -6.45 2.89
C ASP B 115 9.94 -5.70 4.20
N PHE B 116 10.57 -6.28 5.22
CA PHE B 116 10.75 -5.58 6.48
C PHE B 116 11.58 -4.31 6.27
N LEU B 117 12.67 -4.42 5.52
CA LEU B 117 13.51 -3.26 5.27
C LEU B 117 12.76 -2.18 4.49
N SER B 118 11.96 -2.59 3.51
CA SER B 118 11.15 -1.60 2.80
C SER B 118 10.07 -1.01 3.70
N SER B 119 9.59 -1.77 4.67
CA SER B 119 8.52 -1.29 5.54
C SER B 119 9.01 -0.22 6.49
N VAL B 120 10.17 -0.42 7.12
CA VAL B 120 10.64 0.59 8.06
C VAL B 120 11.19 1.84 7.38
N GLY B 121 11.40 1.82 6.07
CA GLY B 121 11.72 3.05 5.37
C GLY B 121 13.15 3.19 4.88
N VAL B 122 13.78 2.09 4.47
CA VAL B 122 15.09 2.16 3.85
C VAL B 122 14.95 2.67 2.42
N ASP B 123 15.86 3.54 2.00
CA ASP B 123 15.82 4.11 0.66
C ASP B 123 16.80 3.48 -0.31
N ARG B 124 17.80 2.76 0.17
CA ARG B 124 18.82 2.21 -0.70
C ARG B 124 19.59 1.15 0.09
N VAL B 125 20.00 0.09 -0.61
CA VAL B 125 20.75 -1.00 0.01
C VAL B 125 22.04 -1.18 -0.77
N LEU B 126 23.13 -1.46 -0.05
CA LEU B 126 24.43 -1.72 -0.65
C LEU B 126 25.00 -2.97 0.01
N THR B 127 25.22 -4.02 -0.78
CA THR B 127 25.71 -5.29 -0.27
C THR B 127 26.95 -5.72 -1.04
N VAL B 128 27.58 -6.78 -0.57
CA VAL B 128 28.75 -7.38 -1.19
C VAL B 128 28.43 -8.85 -1.47
N ASP B 129 28.53 -9.24 -2.74
CA ASP B 129 28.46 -10.63 -3.17
C ASP B 129 27.22 -11.35 -2.66
N LEU B 130 26.06 -10.90 -3.14
CA LEU B 130 24.82 -11.56 -2.79
C LEU B 130 24.84 -13.01 -3.23
N HIS B 131 24.25 -13.89 -2.41
CA HIS B 131 24.22 -15.30 -2.76
C HIS B 131 23.51 -15.53 -4.09
N ALA B 132 22.35 -14.92 -4.26
CA ALA B 132 21.63 -14.91 -5.53
C ALA B 132 21.47 -13.47 -5.97
N GLU B 133 21.88 -13.16 -7.21
CA GLU B 133 21.79 -11.79 -7.68
C GLU B 133 20.36 -11.34 -7.94
N GLN B 134 19.40 -12.28 -8.02
CA GLN B 134 18.01 -11.90 -8.21
C GLN B 134 17.40 -11.26 -6.97
N ILE B 135 18.06 -11.34 -5.82
CA ILE B 135 17.60 -10.67 -4.62
C ILE B 135 17.57 -9.16 -4.82
N GLN B 136 18.29 -8.65 -5.83
CA GLN B 136 18.11 -7.27 -6.25
C GLN B 136 16.65 -6.96 -6.58
N GLY B 137 15.93 -7.95 -7.10
CA GLY B 137 14.54 -7.75 -7.44
C GLY B 137 13.57 -7.93 -6.29
N PHE B 138 14.05 -8.31 -5.11
CA PHE B 138 13.16 -8.43 -3.97
C PHE B 138 12.87 -7.10 -3.31
N PHE B 139 13.50 -6.02 -3.74
CA PHE B 139 13.28 -4.69 -3.19
C PHE B 139 12.59 -3.79 -4.21
N ASP B 140 11.96 -2.73 -3.72
CA ASP B 140 11.50 -1.64 -4.57
C ASP B 140 12.49 -0.49 -4.64
N VAL B 141 13.57 -0.55 -3.89
CA VAL B 141 14.58 0.50 -3.86
C VAL B 141 15.80 0.05 -4.65
N PRO B 142 16.67 0.95 -5.09
CA PRO B 142 17.91 0.52 -5.74
C PRO B 142 18.77 -0.32 -4.80
N VAL B 143 19.34 -1.38 -5.34
CA VAL B 143 20.24 -2.26 -4.62
C VAL B 143 21.51 -2.38 -5.44
N ASP B 144 22.64 -2.07 -4.82
CA ASP B 144 23.94 -2.13 -5.48
C ASP B 144 24.69 -3.34 -4.93
N ASN B 145 24.88 -4.34 -5.76
CA ASN B 145 25.52 -5.58 -5.37
C ASN B 145 26.96 -5.54 -5.86
N VAL B 146 27.89 -5.22 -4.97
CA VAL B 146 29.28 -4.98 -5.31
C VAL B 146 30.04 -6.28 -5.19
N PHE B 147 30.80 -6.63 -6.22
CA PHE B 147 31.59 -7.86 -6.22
C PHE B 147 32.87 -7.68 -5.44
N GLY B 148 33.21 -8.70 -4.66
CA GLY B 148 34.44 -8.67 -3.90
C GLY B 148 35.64 -9.21 -4.62
N SER B 149 35.49 -9.60 -5.87
CA SER B 149 36.52 -10.24 -6.67
C SER B 149 37.74 -9.39 -6.97
N PRO B 150 37.66 -8.05 -7.02
CA PRO B 150 38.90 -7.28 -7.22
C PRO B 150 39.95 -7.51 -6.15
N ILE B 151 39.56 -7.50 -4.88
CA ILE B 151 40.52 -7.72 -3.80
C ILE B 151 41.08 -9.15 -3.87
N LEU B 152 40.20 -10.13 -4.02
CA LEU B 152 40.66 -11.51 -4.07
C LEU B 152 41.57 -11.76 -5.26
N LEU B 153 41.24 -11.17 -6.41
CA LEU B 153 42.08 -11.34 -7.59
C LEU B 153 43.43 -10.68 -7.41
N GLU B 154 43.45 -9.49 -6.82
CA GLU B 154 44.71 -8.83 -6.54
C GLU B 154 45.57 -9.67 -5.59
N ASP B 155 44.93 -10.46 -4.74
CA ASP B 155 45.70 -11.33 -3.86
C ASP B 155 46.14 -12.61 -4.57
N MET B 156 45.30 -13.14 -5.46
CA MET B 156 45.69 -14.34 -6.21
C MET B 156 46.88 -14.09 -7.09
N LEU B 157 46.91 -12.92 -7.75
CA LEU B 157 47.99 -12.65 -8.68
C LEU B 157 49.34 -12.51 -7.99
N GLN B 158 49.38 -12.47 -6.66
CA GLN B 158 50.61 -12.39 -5.91
C GLN B 158 51.05 -13.75 -5.36
N LEU B 159 50.58 -14.84 -5.96
CA LEU B 159 50.96 -16.18 -5.51
C LEU B 159 51.89 -16.89 -6.47
N ASN B 160 51.94 -16.47 -7.73
CA ASN B 160 52.81 -17.05 -8.75
C ASN B 160 52.57 -18.55 -8.87
N LEU B 161 51.31 -18.88 -9.15
CA LEU B 161 50.91 -20.27 -9.31
C LEU B 161 51.40 -20.82 -10.63
N ASP B 162 51.56 -22.15 -10.67
CA ASP B 162 52.10 -22.85 -11.83
C ASP B 162 50.94 -23.39 -12.65
N ASN B 163 50.51 -22.60 -13.64
CA ASN B 163 49.39 -22.96 -14.51
C ASN B 163 48.15 -23.29 -13.69
N PRO B 164 47.59 -22.31 -12.97
CA PRO B 164 46.48 -22.61 -12.06
C PRO B 164 45.20 -22.93 -12.80
N ILE B 165 44.34 -23.69 -12.14
CA ILE B 165 43.00 -24.00 -12.63
C ILE B 165 42.01 -23.61 -11.56
N VAL B 166 40.91 -22.99 -11.96
CA VAL B 166 39.90 -22.48 -11.03
C VAL B 166 38.79 -23.51 -10.93
N VAL B 167 38.49 -23.94 -9.70
CA VAL B 167 37.52 -24.99 -9.43
C VAL B 167 36.39 -24.41 -8.59
N SER B 168 35.17 -24.73 -8.95
CA SER B 168 34.04 -24.39 -8.10
C SER B 168 33.65 -25.59 -7.27
N PRO B 169 33.56 -25.46 -5.94
CA PRO B 169 33.27 -26.63 -5.11
C PRO B 169 31.91 -27.25 -5.35
N ASP B 170 30.96 -26.53 -5.94
CA ASP B 170 29.64 -27.09 -6.20
C ASP B 170 29.08 -26.50 -7.48
N ILE B 171 27.85 -26.91 -7.81
CA ILE B 171 27.23 -26.51 -9.06
C ILE B 171 26.71 -25.08 -8.98
N GLY B 172 26.43 -24.57 -7.79
CA GLY B 172 25.90 -23.23 -7.65
C GLY B 172 26.93 -22.13 -7.81
N GLY B 173 28.22 -22.46 -7.72
CA GLY B 173 29.28 -21.47 -7.81
C GLY B 173 29.93 -21.36 -9.17
N VAL B 174 29.32 -21.91 -10.22
CA VAL B 174 29.98 -21.99 -11.51
C VAL B 174 30.14 -20.61 -12.15
N VAL B 175 29.14 -19.74 -11.98
CA VAL B 175 29.22 -18.42 -12.61
C VAL B 175 30.34 -17.59 -12.01
N ARG B 176 30.44 -17.61 -10.68
CA ARG B 176 31.52 -16.90 -10.01
C ARG B 176 32.88 -17.49 -10.37
N ALA B 177 32.97 -18.82 -10.43
CA ALA B 177 34.23 -19.44 -10.82
C ALA B 177 34.63 -19.06 -12.23
N ARG B 178 33.66 -19.00 -13.14
CA ARG B 178 33.97 -18.60 -14.51
C ARG B 178 34.44 -17.16 -14.59
N ALA B 179 33.81 -16.26 -13.82
CA ALA B 179 34.26 -14.88 -13.81
C ALA B 179 35.70 -14.77 -13.31
N ILE B 180 36.02 -15.48 -12.22
CA ILE B 180 37.38 -15.45 -11.71
C ILE B 180 38.36 -16.03 -12.73
N ALA B 181 37.96 -17.13 -13.39
CA ALA B 181 38.84 -17.76 -14.36
C ALA B 181 39.14 -16.82 -15.53
N LYS B 182 38.12 -16.08 -16.00
CA LYS B 182 38.37 -15.10 -17.04
C LYS B 182 39.30 -14.00 -16.54
N LEU B 183 39.12 -13.54 -15.32
CA LEU B 183 39.99 -12.48 -14.81
C LEU B 183 41.41 -12.95 -14.58
N LEU B 184 41.62 -14.22 -14.25
CA LEU B 184 42.92 -14.73 -13.84
C LEU B 184 43.70 -15.21 -15.05
N ASN B 185 43.95 -14.27 -15.97
CA ASN B 185 44.68 -14.51 -17.21
C ASN B 185 43.98 -15.55 -18.09
N ASP B 186 42.67 -15.69 -17.94
CA ASP B 186 41.86 -16.55 -18.80
C ASP B 186 42.35 -18.00 -18.79
N THR B 187 42.27 -18.64 -17.61
CA THR B 187 42.72 -20.01 -17.46
C THR B 187 41.56 -20.98 -17.65
N ASP B 188 41.82 -22.25 -17.34
CA ASP B 188 40.84 -23.32 -17.43
C ASP B 188 39.94 -23.32 -16.20
N MET B 189 38.87 -24.10 -16.28
CA MET B 189 37.92 -24.21 -15.19
C MET B 189 37.50 -25.65 -15.04
N ALA B 190 37.33 -26.09 -13.80
CA ALA B 190 36.82 -27.42 -13.48
C ALA B 190 35.75 -27.29 -12.42
N ILE B 191 34.86 -28.28 -12.35
CA ILE B 191 33.69 -28.22 -11.49
C ILE B 191 33.58 -29.50 -10.70
N ILE B 192 33.27 -29.39 -9.41
CA ILE B 192 33.00 -30.53 -8.56
C ILE B 192 31.52 -30.85 -8.62
N ASP B 193 31.19 -32.10 -8.90
CA ASP B 193 29.81 -32.57 -8.96
C ASP B 193 29.64 -33.67 -7.93
N LYS B 194 28.63 -33.54 -7.08
CA LYS B 194 28.38 -34.49 -6.01
C LYS B 194 27.08 -35.24 -6.30
N ARG B 195 27.13 -36.56 -6.13
CA ARG B 195 26.01 -37.42 -6.48
C ARG B 195 25.71 -38.38 -5.33
N ARG B 196 24.47 -38.86 -5.31
CA ARG B 196 24.03 -39.87 -4.35
C ARG B 196 24.27 -39.47 -2.91
N GLN B 203 27.91 -38.14 -1.40
CA GLN B 203 28.72 -39.35 -1.43
C GLN B 203 29.91 -39.18 -2.35
N VAL B 204 29.90 -39.89 -3.48
CA VAL B 204 31.02 -39.80 -4.42
C VAL B 204 30.99 -38.45 -5.11
N MET B 205 32.17 -37.87 -5.30
CA MET B 205 32.33 -36.61 -5.98
C MET B 205 33.04 -36.81 -7.31
N HIS B 206 32.43 -36.32 -8.38
CA HIS B 206 33.00 -36.36 -9.72
C HIS B 206 33.57 -34.99 -10.04
N ILE B 207 34.68 -34.97 -10.75
CA ILE B 207 35.27 -33.72 -11.22
C ILE B 207 35.15 -33.68 -12.73
N ILE B 208 34.49 -32.66 -13.24
CA ILE B 208 34.35 -32.42 -14.67
C ILE B 208 35.48 -31.48 -15.06
N GLY B 209 36.47 -31.99 -15.80
CA GLY B 209 37.65 -31.22 -16.12
C GLY B 209 38.91 -31.96 -15.74
N ASP B 210 40.08 -31.42 -16.10
CA ASP B 210 41.35 -32.06 -15.82
C ASP B 210 42.12 -31.26 -14.78
N VAL B 211 42.47 -31.91 -13.67
CA VAL B 211 43.15 -31.26 -12.57
C VAL B 211 44.48 -31.92 -12.25
N ALA B 212 44.99 -32.77 -13.13
CA ALA B 212 46.20 -33.53 -12.85
C ALA B 212 47.43 -32.63 -12.91
N GLY B 213 48.15 -32.55 -11.79
CA GLY B 213 49.40 -31.82 -11.76
C GLY B 213 49.27 -30.33 -11.97
N ARG B 214 48.24 -29.71 -11.39
CA ARG B 214 48.04 -28.28 -11.51
C ARG B 214 47.70 -27.72 -10.14
N ASP B 215 47.99 -26.42 -9.95
CA ASP B 215 47.57 -25.73 -8.75
C ASP B 215 46.10 -25.38 -8.87
N CYS B 216 45.32 -25.76 -7.86
CA CYS B 216 43.88 -25.61 -7.89
C CYS B 216 43.47 -24.47 -6.98
N VAL B 217 42.57 -23.61 -7.46
CA VAL B 217 42.08 -22.47 -6.70
C VAL B 217 40.58 -22.63 -6.55
N LEU B 218 40.13 -23.01 -5.36
CA LEU B 218 38.71 -23.09 -5.08
C LEU B 218 38.17 -21.71 -4.75
N VAL B 219 37.06 -21.33 -5.38
CA VAL B 219 36.43 -20.04 -5.13
C VAL B 219 34.98 -20.27 -4.75
N ASP B 220 34.53 -19.60 -3.69
CA ASP B 220 33.15 -19.69 -3.26
C ASP B 220 32.72 -18.33 -2.74
N ASP B 221 31.43 -18.22 -2.40
CA ASP B 221 30.97 -16.96 -1.84
C ASP B 221 30.94 -16.97 -0.32
N MET B 222 30.84 -18.14 0.30
CA MET B 222 30.91 -18.21 1.75
C MET B 222 31.59 -19.50 2.16
N ILE B 223 31.99 -19.54 3.43
CA ILE B 223 32.43 -20.77 4.09
C ILE B 223 31.62 -20.85 5.36
N ASP B 224 30.64 -21.76 5.40
CA ASP B 224 29.80 -21.85 6.59
C ASP B 224 30.34 -22.88 7.57
N THR B 225 30.37 -24.15 7.15
CA THR B 225 30.94 -25.21 7.97
C THR B 225 32.21 -25.79 7.39
N GLY B 226 32.60 -25.38 6.19
CA GLY B 226 33.75 -25.96 5.54
C GLY B 226 33.54 -27.34 4.99
N GLY B 227 32.30 -27.84 4.99
CA GLY B 227 32.07 -29.19 4.51
C GLY B 227 32.37 -29.36 3.04
N THR B 228 31.69 -28.58 2.19
CA THR B 228 31.92 -28.68 0.75
C THR B 228 33.36 -28.35 0.41
N LEU B 229 33.94 -27.36 1.08
CA LEU B 229 35.30 -26.93 0.78
C LEU B 229 36.31 -28.03 1.09
N CYS B 230 36.24 -28.58 2.30
CA CYS B 230 37.18 -29.63 2.68
C CYS B 230 37.00 -30.87 1.82
N LYS B 231 35.76 -31.25 1.55
CA LYS B 231 35.52 -32.43 0.72
C LYS B 231 36.05 -32.24 -0.69
N ALA B 232 35.82 -31.06 -1.27
CA ALA B 232 36.33 -30.79 -2.62
C ALA B 232 37.85 -30.79 -2.64
N ALA B 233 38.48 -30.25 -1.60
CA ALA B 233 39.94 -30.28 -1.53
C ALA B 233 40.45 -31.70 -1.48
N GLU B 234 39.80 -32.56 -0.68
CA GLU B 234 40.22 -33.95 -0.62
C GLU B 234 40.08 -34.62 -1.98
N ALA B 235 38.98 -34.38 -2.68
CA ALA B 235 38.81 -34.97 -4.00
C ALA B 235 39.90 -34.48 -4.96
N LEU B 236 40.18 -33.19 -4.95
CA LEU B 236 41.19 -32.64 -5.85
C LEU B 236 42.56 -33.25 -5.58
N LYS B 237 42.93 -33.39 -4.31
CA LYS B 237 44.24 -33.96 -4.00
C LYS B 237 44.30 -35.43 -4.34
N GLU B 238 43.18 -36.15 -4.22
CA GLU B 238 43.24 -37.59 -4.50
C GLU B 238 43.03 -37.87 -5.98
N ARG B 239 42.78 -36.83 -6.79
CA ARG B 239 43.03 -36.91 -8.23
C ARG B 239 44.29 -36.17 -8.63
N GLY B 240 45.23 -35.99 -7.70
CA GLY B 240 46.54 -35.47 -8.04
C GLY B 240 46.61 -34.01 -8.43
N ALA B 241 46.39 -33.12 -7.48
CA ALA B 241 46.64 -31.70 -7.66
C ALA B 241 47.76 -31.28 -6.72
N LYS B 242 48.62 -30.37 -7.17
CA LYS B 242 49.80 -30.03 -6.38
C LYS B 242 49.43 -29.26 -5.11
N ARG B 243 48.82 -28.09 -5.27
CA ARG B 243 48.38 -27.28 -4.14
C ARG B 243 46.96 -26.82 -4.34
N VAL B 244 46.25 -26.63 -3.24
CA VAL B 244 44.87 -26.15 -3.26
C VAL B 244 44.78 -24.92 -2.37
N PHE B 245 44.21 -23.85 -2.91
CA PHE B 245 43.94 -22.62 -2.18
C PHE B 245 42.45 -22.35 -2.21
N ALA B 246 41.91 -21.90 -1.09
CA ALA B 246 40.49 -21.58 -0.98
C ALA B 246 40.33 -20.08 -0.88
N TYR B 247 39.37 -19.55 -1.63
CA TYR B 247 39.16 -18.11 -1.74
C TYR B 247 37.67 -17.85 -1.61
N ALA B 248 37.27 -17.20 -0.52
CA ALA B 248 35.86 -16.92 -0.29
C ALA B 248 35.71 -15.45 0.08
N THR B 249 34.46 -15.03 0.22
CA THR B 249 34.18 -13.65 0.57
C THR B 249 33.62 -13.51 1.98
N HIS B 250 32.64 -14.32 2.35
CA HIS B 250 31.98 -14.19 3.64
C HIS B 250 32.45 -15.29 4.57
N PRO B 251 33.18 -14.97 5.64
CA PRO B 251 33.65 -15.98 6.60
C PRO B 251 32.67 -16.28 7.74
N ILE B 252 31.65 -17.08 7.43
CA ILE B 252 30.65 -17.39 8.44
C ILE B 252 31.24 -18.28 9.53
N PHE B 253 31.89 -19.37 9.14
CA PHE B 253 32.61 -20.25 10.05
C PHE B 253 31.76 -20.66 11.24
N SER B 254 30.69 -21.39 10.96
CA SER B 254 29.78 -21.84 11.99
C SER B 254 29.95 -23.34 12.24
N GLY B 255 29.47 -23.78 13.40
CA GLY B 255 29.54 -25.18 13.76
C GLY B 255 30.95 -25.67 14.00
N ASN B 256 31.34 -26.73 13.31
CA ASN B 256 32.64 -27.37 13.49
C ASN B 256 33.67 -26.87 12.49
N ALA B 257 33.58 -25.60 12.08
CA ALA B 257 34.44 -25.09 11.01
C ALA B 257 35.91 -25.13 11.41
N ALA B 258 36.22 -24.78 12.66
CA ALA B 258 37.62 -24.73 13.08
C ALA B 258 38.27 -26.10 12.97
N ASN B 259 37.60 -27.15 13.44
CA ASN B 259 38.16 -28.49 13.36
C ASN B 259 38.22 -28.97 11.91
N ASN B 260 37.21 -28.65 11.11
CA ASN B 260 37.22 -29.08 9.71
C ASN B 260 38.38 -28.45 8.96
N LEU B 261 38.64 -27.17 9.21
CA LEU B 261 39.75 -26.50 8.54
C LEU B 261 41.10 -26.96 9.07
N ARG B 262 41.19 -27.22 10.37
CA ARG B 262 42.45 -27.68 10.94
C ARG B 262 42.87 -29.03 10.37
N ASN B 263 41.94 -29.97 10.34
CA ASN B 263 42.23 -31.31 9.83
C ASN B 263 41.89 -31.42 8.34
N SER B 264 42.45 -30.53 7.53
CA SER B 264 42.17 -30.50 6.11
C SER B 264 43.49 -30.43 5.34
N VAL B 265 43.37 -30.48 4.01
CA VAL B 265 44.53 -30.47 3.14
C VAL B 265 44.67 -29.13 2.41
N ILE B 266 43.84 -28.17 2.73
CA ILE B 266 43.91 -26.86 2.08
C ILE B 266 45.15 -26.13 2.59
N ASP B 267 45.97 -25.64 1.66
CA ASP B 267 47.21 -25.00 2.05
C ASP B 267 46.98 -23.60 2.61
N GLU B 268 45.99 -22.88 2.11
CA GLU B 268 45.75 -21.51 2.52
C GLU B 268 44.30 -21.15 2.24
N VAL B 269 43.65 -20.54 3.22
CA VAL B 269 42.28 -20.05 3.08
C VAL B 269 42.32 -18.55 3.24
N VAL B 270 41.80 -17.84 2.25
CA VAL B 270 41.79 -16.37 2.25
C VAL B 270 40.35 -15.90 2.18
N VAL B 271 39.98 -14.99 3.08
CA VAL B 271 38.62 -14.50 3.19
C VAL B 271 38.65 -12.99 3.29
N CYS B 272 37.47 -12.38 3.13
CA CYS B 272 37.31 -10.95 3.33
C CYS B 272 36.90 -10.69 4.78
N ASP B 273 36.50 -9.47 5.10
CA ASP B 273 36.19 -9.10 6.47
C ASP B 273 34.76 -8.62 6.64
N THR B 274 33.83 -9.15 5.84
CA THR B 274 32.43 -8.77 5.99
C THR B 274 31.83 -9.30 7.27
N ILE B 275 32.46 -10.28 7.91
CA ILE B 275 32.03 -10.81 9.20
C ILE B 275 33.27 -10.89 10.09
N PRO B 276 33.22 -10.44 11.34
CA PRO B 276 34.39 -10.57 12.22
C PRO B 276 34.72 -12.03 12.52
N LEU B 277 36.01 -12.31 12.67
CA LEU B 277 36.46 -13.66 12.96
C LEU B 277 36.46 -13.93 14.46
N SER B 278 36.23 -15.19 14.80
CA SER B 278 36.29 -15.61 16.20
C SER B 278 37.73 -15.83 16.63
N ASP B 279 37.90 -16.22 17.90
CA ASP B 279 39.25 -16.44 18.42
C ASP B 279 39.83 -17.74 17.91
N GLU B 280 39.04 -18.81 17.87
CA GLU B 280 39.54 -20.09 17.41
C GLU B 280 39.99 -20.02 15.97
N ILE B 281 39.31 -19.21 15.16
CA ILE B 281 39.67 -19.09 13.76
C ILE B 281 40.92 -18.25 13.59
N LYS B 282 41.03 -17.16 14.35
CA LYS B 282 42.25 -16.37 14.32
C LYS B 282 43.47 -17.16 14.80
N SER B 283 43.27 -18.14 15.68
CA SER B 283 44.38 -18.97 16.11
C SER B 283 44.91 -19.86 15.00
N LEU B 284 44.10 -20.17 13.99
CA LEU B 284 44.53 -21.06 12.92
C LEU B 284 45.66 -20.41 12.14
N PRO B 285 46.66 -21.19 11.72
CA PRO B 285 47.83 -20.59 11.05
C PRO B 285 47.65 -20.39 9.56
N ASN B 286 46.68 -21.03 8.91
CA ASN B 286 46.55 -20.98 7.47
C ASN B 286 45.28 -20.26 7.03
N VAL B 287 44.72 -19.40 7.87
CA VAL B 287 43.55 -18.60 7.53
C VAL B 287 43.97 -17.14 7.55
N ARG B 288 43.81 -16.47 6.42
CA ARG B 288 44.27 -15.11 6.22
C ARG B 288 43.12 -14.22 5.76
N THR B 289 43.19 -12.95 6.11
CA THR B 289 42.07 -12.02 5.92
C THR B 289 42.50 -10.82 5.09
N LEU B 290 41.67 -10.49 4.11
CA LEU B 290 41.77 -9.25 3.35
C LEU B 290 40.72 -8.28 3.87
N THR B 291 40.82 -7.02 3.44
CA THR B 291 39.90 -6.00 3.92
C THR B 291 39.13 -5.39 2.77
N LEU B 292 37.86 -5.07 3.03
CA LEU B 292 36.99 -4.45 2.05
C LEU B 292 36.66 -3.01 2.40
N SER B 293 37.37 -2.42 3.35
CA SER B 293 37.00 -1.09 3.84
C SER B 293 37.21 -0.04 2.77
N GLY B 294 38.26 -0.16 1.96
CA GLY B 294 38.48 0.82 0.91
C GLY B 294 37.40 0.80 -0.15
N MET B 295 37.00 -0.40 -0.58
CA MET B 295 35.97 -0.52 -1.59
C MET B 295 34.63 0.00 -1.07
N LEU B 296 34.27 -0.34 0.15
CA LEU B 296 33.01 0.15 0.72
C LEU B 296 33.07 1.65 0.94
N ALA B 297 34.22 2.18 1.35
CA ALA B 297 34.33 3.62 1.54
C ALA B 297 34.15 4.36 0.22
N GLU B 298 34.76 3.85 -0.85
CA GLU B 298 34.58 4.50 -2.15
C GLU B 298 33.13 4.40 -2.63
N ALA B 299 32.47 3.27 -2.39
CA ALA B 299 31.07 3.17 -2.80
C ALA B 299 30.19 4.14 -2.02
N ILE B 300 30.44 4.28 -0.71
CA ILE B 300 29.67 5.23 0.08
C ILE B 300 29.92 6.64 -0.40
N ARG B 301 31.18 6.96 -0.72
CA ARG B 301 31.52 8.28 -1.21
C ARG B 301 30.82 8.59 -2.52
N ARG B 302 30.76 7.61 -3.42
CA ARG B 302 30.10 7.82 -4.69
C ARG B 302 28.59 7.97 -4.53
N ILE B 303 27.99 7.21 -3.61
CA ILE B 303 26.55 7.34 -3.40
C ILE B 303 26.23 8.70 -2.81
N SER B 304 27.07 9.18 -1.89
CA SER B 304 26.77 10.43 -1.21
C SER B 304 26.87 11.64 -2.14
N ASN B 305 27.65 11.53 -3.22
CA ASN B 305 27.94 12.66 -4.08
C ASN B 305 27.20 12.65 -5.40
N GLU B 306 26.19 11.80 -5.56
CA GLU B 306 25.44 11.69 -6.82
C GLU B 306 26.35 11.30 -7.99
N GLU B 307 27.34 10.46 -7.72
CA GLU B 307 28.28 10.03 -8.73
C GLU B 307 27.92 8.63 -9.24
N SER B 308 28.44 8.30 -10.42
CA SER B 308 28.16 7.00 -11.00
C SER B 308 28.84 5.91 -10.18
N ILE B 309 28.08 4.84 -9.92
CA ILE B 309 28.60 3.72 -9.15
C ILE B 309 29.27 2.66 -10.00
N SER B 310 29.15 2.76 -11.34
CA SER B 310 29.70 1.74 -12.23
C SER B 310 31.21 1.64 -12.16
N ALA B 311 31.90 2.69 -11.72
CA ALA B 311 33.35 2.62 -11.63
C ALA B 311 33.83 1.65 -10.57
N MET B 312 32.94 1.16 -9.72
CA MET B 312 33.30 0.25 -8.66
C MET B 312 33.54 -1.18 -9.14
N PHE B 313 33.26 -1.47 -10.41
CA PHE B 313 33.32 -2.82 -10.95
C PHE B 313 34.51 -2.98 -11.88
N GLU B 314 35.54 -2.18 -11.67
CA GLU B 314 36.74 -2.19 -12.50
C GLU B 314 37.84 -2.97 -11.79
N HIS B 315 38.70 -3.60 -12.58
CA HIS B 315 39.82 -4.36 -12.02
C HIS B 315 41.16 -3.74 -12.39
N ASP C 3 -25.95 -14.79 5.02
CA ASP C 3 -26.37 -14.02 6.19
C ASP C 3 -26.41 -12.54 5.89
N MET C 4 -27.53 -12.07 5.33
CA MET C 4 -27.69 -10.68 4.96
C MET C 4 -28.19 -9.88 6.16
N LYS C 5 -27.45 -8.85 6.54
CA LYS C 5 -27.88 -7.92 7.57
C LYS C 5 -27.86 -6.51 7.00
N LEU C 6 -28.87 -5.72 7.35
CA LEU C 6 -28.96 -4.34 6.94
C LEU C 6 -28.73 -3.44 8.15
N PHE C 7 -27.93 -2.42 7.97
CA PHE C 7 -27.73 -1.40 8.98
C PHE C 7 -28.02 -0.04 8.35
N ALA C 8 -28.52 0.88 9.15
CA ALA C 8 -28.85 2.22 8.67
C ALA C 8 -28.21 3.26 9.56
N GLY C 9 -27.79 4.35 8.94
CA GLY C 9 -27.34 5.53 9.65
C GLY C 9 -28.51 6.46 9.94
N ASN C 10 -28.17 7.70 10.25
CA ASN C 10 -29.19 8.70 10.56
C ASN C 10 -29.60 9.53 9.37
N ALA C 11 -29.00 9.34 8.20
CA ALA C 11 -29.29 10.18 7.06
C ALA C 11 -30.62 9.81 6.42
N THR C 12 -30.79 8.54 6.07
CA THR C 12 -32.00 8.05 5.40
C THR C 12 -32.54 6.85 6.15
N PRO C 13 -33.11 7.07 7.34
CA PRO C 13 -33.64 5.93 8.09
C PRO C 13 -34.96 5.41 7.54
N GLU C 14 -35.79 6.30 7.00
CA GLU C 14 -37.11 5.89 6.55
C GLU C 14 -37.00 5.08 5.25
N LEU C 15 -36.10 5.49 4.36
CA LEU C 15 -35.80 4.70 3.17
C LEU C 15 -35.23 3.34 3.53
N ALA C 16 -34.36 3.29 4.53
CA ALA C 16 -33.82 2.01 4.96
C ALA C 16 -34.92 1.11 5.49
N GLN C 17 -35.89 1.69 6.19
CA GLN C 17 -37.03 0.90 6.63
C GLN C 17 -37.84 0.37 5.46
N ARG C 18 -38.08 1.20 4.43
CA ARG C 18 -38.84 0.69 3.29
C ARG C 18 -38.08 -0.44 2.59
N ILE C 19 -36.77 -0.29 2.42
CA ILE C 19 -35.98 -1.33 1.78
C ILE C 19 -36.02 -2.61 2.60
N ALA C 20 -35.92 -2.49 3.93
CA ALA C 20 -36.01 -3.67 4.78
C ALA C 20 -37.37 -4.34 4.65
N ASN C 21 -38.44 -3.55 4.58
CA ASN C 21 -39.78 -4.13 4.43
C ASN C 21 -39.90 -4.90 3.13
N ARG C 22 -39.38 -4.35 2.04
CA ARG C 22 -39.47 -5.06 0.77
C ARG C 22 -38.61 -6.31 0.72
N LEU C 23 -37.60 -6.41 1.59
CA LEU C 23 -36.79 -7.61 1.69
C LEU C 23 -37.29 -8.57 2.76
N TYR C 24 -38.36 -8.21 3.47
CA TYR C 24 -38.95 -9.07 4.50
C TYR C 24 -37.93 -9.43 5.58
N THR C 25 -37.07 -8.47 5.91
CA THR C 25 -36.17 -8.61 7.05
C THR C 25 -36.31 -7.37 7.94
N SER C 26 -35.44 -7.23 8.92
CA SER C 26 -35.46 -6.07 9.80
C SER C 26 -34.08 -5.46 9.87
N LEU C 27 -34.03 -4.17 10.17
CA LEU C 27 -32.76 -3.48 10.32
C LEU C 27 -32.00 -4.01 11.52
N GLY C 28 -30.70 -4.19 11.35
CA GLY C 28 -29.87 -4.66 12.44
C GLY C 28 -29.76 -3.66 13.56
N ASP C 29 -29.38 -4.16 14.73
CA ASP C 29 -29.32 -3.34 15.93
C ASP C 29 -27.95 -2.69 16.02
N ALA C 30 -27.90 -1.38 15.85
CA ALA C 30 -26.69 -0.61 16.06
C ALA C 30 -27.09 0.73 16.62
N ALA C 31 -26.37 1.19 17.64
CA ALA C 31 -26.63 2.50 18.23
C ALA C 31 -25.67 3.51 17.60
N VAL C 32 -26.19 4.33 16.68
CA VAL C 32 -25.41 5.33 15.98
C VAL C 32 -25.94 6.69 16.42
N GLY C 33 -25.12 7.44 17.13
CA GLY C 33 -25.52 8.73 17.67
C GLY C 33 -24.37 9.68 17.78
N ARG C 34 -24.54 10.70 18.62
CA ARG C 34 -23.54 11.73 18.83
C ARG C 34 -23.16 11.78 20.29
N PHE C 35 -21.89 12.07 20.55
CA PHE C 35 -21.45 12.38 21.90
C PHE C 35 -21.87 13.81 22.24
N SER C 36 -21.48 14.26 23.42
CA SER C 36 -21.88 15.59 23.87
C SER C 36 -21.34 16.68 22.96
N ASP C 37 -20.11 16.51 22.47
CA ASP C 37 -19.43 17.58 21.73
C ASP C 37 -19.62 17.47 20.23
N GLY C 38 -20.45 16.55 19.74
CA GLY C 38 -20.74 16.44 18.33
C GLY C 38 -20.00 15.33 17.61
N GLU C 39 -19.18 14.56 18.31
CA GLU C 39 -18.46 13.47 17.68
C GLU C 39 -19.36 12.26 17.49
N VAL C 40 -19.12 11.53 16.41
CA VAL C 40 -19.97 10.40 16.06
C VAL C 40 -19.72 9.25 17.02
N SER C 41 -20.80 8.67 17.53
CA SER C 41 -20.74 7.49 18.40
C SER C 41 -21.39 6.33 17.69
N VAL C 42 -20.70 5.18 17.67
CA VAL C 42 -21.20 3.99 17.00
C VAL C 42 -21.00 2.79 17.91
N GLN C 43 -22.00 1.95 18.02
CA GLN C 43 -21.84 0.66 18.69
C GLN C 43 -22.71 -0.37 17.99
N ILE C 44 -22.09 -1.47 17.57
CA ILE C 44 -22.82 -2.58 16.97
C ILE C 44 -23.28 -3.49 18.10
N ASN C 45 -24.56 -3.84 18.11
CA ASN C 45 -25.17 -4.54 19.23
C ASN C 45 -25.55 -5.97 18.88
N GLU C 46 -24.86 -6.60 17.93
CA GLU C 46 -25.15 -7.98 17.59
C GLU C 46 -23.94 -8.59 16.90
N ASN C 47 -23.93 -9.91 16.84
CA ASN C 47 -22.84 -10.64 16.22
C ASN C 47 -22.90 -10.49 14.72
N VAL C 48 -21.78 -10.08 14.12
CA VAL C 48 -21.72 -9.86 12.68
C VAL C 48 -20.58 -10.66 12.08
N ARG C 49 -20.03 -11.59 12.84
CA ARG C 49 -18.87 -12.34 12.39
C ARG C 49 -19.20 -13.18 11.18
N GLY C 50 -18.45 -12.98 10.10
CA GLY C 50 -18.64 -13.74 8.88
C GLY C 50 -19.83 -13.34 8.06
N GLY C 51 -20.64 -12.40 8.53
CA GLY C 51 -21.85 -12.04 7.83
C GLY C 51 -21.60 -11.16 6.62
N ASP C 52 -22.64 -11.03 5.81
CA ASP C 52 -22.64 -10.16 4.64
C ASP C 52 -23.45 -8.93 4.99
N ILE C 53 -22.79 -7.80 5.13
CA ILE C 53 -23.37 -6.59 5.70
C ILE C 53 -23.66 -5.58 4.60
N PHE C 54 -24.81 -4.93 4.70
CA PHE C 54 -25.15 -3.79 3.86
C PHE C 54 -25.41 -2.59 4.76
N ILE C 55 -24.84 -1.45 4.41
CA ILE C 55 -25.08 -0.20 5.11
C ILE C 55 -25.76 0.76 4.16
N ILE C 56 -26.91 1.27 4.55
CA ILE C 56 -27.70 2.17 3.72
C ILE C 56 -27.59 3.56 4.31
N GLN C 57 -26.89 4.45 3.61
CA GLN C 57 -26.85 5.84 4.05
C GLN C 57 -26.38 6.78 2.96
N SER C 58 -27.21 7.76 2.63
CA SER C 58 -26.81 8.81 1.71
C SER C 58 -25.89 9.81 2.40
N THR C 59 -24.98 10.39 1.64
CA THR C 59 -24.11 11.44 2.17
C THR C 59 -24.68 12.81 1.88
N CYS C 60 -25.91 13.01 2.35
CA CYS C 60 -26.66 14.23 2.15
C CYS C 60 -26.46 15.16 3.35
N ALA C 61 -27.08 16.33 3.28
CA ALA C 61 -26.86 17.36 4.29
C ALA C 61 -27.48 16.96 5.62
N PRO C 62 -26.76 17.12 6.76
CA PRO C 62 -25.38 17.60 6.94
C PRO C 62 -24.31 16.64 6.41
N THR C 63 -23.60 17.05 5.37
CA THR C 63 -22.82 16.13 4.57
C THR C 63 -21.71 15.47 5.37
N ASN C 64 -20.99 16.24 6.16
CA ASN C 64 -19.78 15.73 6.78
C ASN C 64 -20.09 14.79 7.93
N ASP C 65 -21.15 15.09 8.69
CA ASP C 65 -21.57 14.18 9.75
C ASP C 65 -22.04 12.84 9.18
N ASN C 66 -22.78 12.88 8.07
CA ASN C 66 -23.24 11.64 7.47
C ASN C 66 -22.07 10.82 6.92
N LEU C 67 -21.12 11.49 6.29
CA LEU C 67 -19.93 10.79 5.79
C LEU C 67 -19.15 10.16 6.93
N MET C 68 -18.99 10.89 8.03
CA MET C 68 -18.26 10.33 9.16
C MET C 68 -19.01 9.17 9.79
N GLU C 69 -20.34 9.25 9.91
CA GLU C 69 -21.11 8.11 10.38
C GLU C 69 -20.82 6.90 9.52
N LEU C 70 -20.81 7.07 8.20
CA LEU C 70 -20.62 5.94 7.32
C LEU C 70 -19.25 5.30 7.52
N VAL C 71 -18.18 6.11 7.51
CA VAL C 71 -16.85 5.52 7.61
C VAL C 71 -16.63 4.92 8.99
N VAL C 72 -17.21 5.52 10.02
CA VAL C 72 -17.02 5.00 11.37
C VAL C 72 -17.78 3.69 11.56
N MET C 73 -19.00 3.58 11.00
CA MET C 73 -19.68 2.29 11.04
C MET C 73 -18.90 1.23 10.29
N VAL C 74 -18.34 1.57 9.14
CA VAL C 74 -17.57 0.58 8.39
C VAL C 74 -16.37 0.12 9.22
N ASP C 75 -15.69 1.04 9.90
CA ASP C 75 -14.55 0.65 10.72
C ASP C 75 -14.97 -0.24 11.89
N ALA C 76 -16.05 0.11 12.58
CA ALA C 76 -16.52 -0.71 13.69
C ALA C 76 -16.92 -2.10 13.22
N LEU C 77 -17.60 -2.19 12.07
CA LEU C 77 -17.99 -3.49 11.54
C LEU C 77 -16.79 -4.31 11.14
N ARG C 78 -15.77 -3.65 10.57
CA ARG C 78 -14.62 -4.38 10.05
C ARG C 78 -13.70 -4.87 11.16
N ARG C 79 -13.63 -4.15 12.28
CA ARG C 79 -12.88 -4.69 13.41
C ARG C 79 -13.66 -5.72 14.21
N ALA C 80 -14.97 -5.84 14.00
CA ALA C 80 -15.77 -6.87 14.61
C ALA C 80 -15.80 -8.15 13.79
N SER C 81 -14.92 -8.24 12.78
CA SER C 81 -14.75 -9.43 11.94
C SER C 81 -15.94 -9.69 11.03
N ALA C 82 -16.51 -8.63 10.46
CA ALA C 82 -17.52 -8.82 9.44
C ALA C 82 -16.89 -9.42 8.18
N GLY C 83 -17.69 -10.15 7.44
CA GLY C 83 -17.19 -10.83 6.26
C GLY C 83 -17.00 -9.94 5.06
N ARG C 84 -18.10 -9.39 4.56
CA ARG C 84 -18.10 -8.53 3.38
C ARG C 84 -19.02 -7.36 3.64
N ILE C 85 -18.58 -6.15 3.30
CA ILE C 85 -19.33 -4.94 3.59
C ILE C 85 -19.65 -4.25 2.28
N THR C 86 -20.94 -4.07 2.00
CA THR C 86 -21.41 -3.30 0.86
C THR C 86 -22.00 -2.00 1.37
N ALA C 87 -21.59 -0.89 0.78
CA ALA C 87 -22.13 0.41 1.14
C ALA C 87 -23.13 0.84 0.08
N VAL C 88 -24.40 0.87 0.43
CA VAL C 88 -25.43 1.41 -0.44
C VAL C 88 -25.53 2.89 -0.13
N ILE C 89 -25.16 3.72 -1.09
CA ILE C 89 -25.13 5.16 -0.90
C ILE C 89 -26.05 5.78 -1.96
N PRO C 90 -27.35 5.89 -1.69
CA PRO C 90 -28.26 6.35 -2.75
C PRO C 90 -27.88 7.67 -3.35
N TYR C 91 -27.42 8.63 -2.56
CA TYR C 91 -26.92 9.89 -3.06
C TYR C 91 -25.46 10.03 -2.64
N PHE C 92 -24.57 10.09 -3.61
CA PHE C 92 -23.14 10.19 -3.35
C PHE C 92 -22.78 11.68 -3.31
N GLY C 93 -22.49 12.17 -2.11
CA GLY C 93 -22.13 13.56 -1.95
C GLY C 93 -20.71 13.84 -2.37
N TYR C 94 -20.40 15.12 -2.55
CA TYR C 94 -19.12 15.62 -3.02
C TYR C 94 -18.80 15.19 -4.45
N ALA C 95 -19.78 14.70 -5.20
CA ALA C 95 -19.51 14.14 -6.52
C ALA C 95 -19.34 15.21 -7.59
N ARG C 96 -19.71 16.45 -7.31
CA ARG C 96 -19.57 17.51 -8.28
C ARG C 96 -18.15 18.03 -8.37
N GLN C 97 -17.29 17.68 -7.43
CA GLN C 97 -15.88 18.08 -7.45
C GLN C 97 -15.05 16.90 -7.93
N ASP C 98 -14.96 16.76 -9.25
CA ASP C 98 -14.40 15.57 -9.87
C ASP C 98 -13.19 15.85 -10.76
N ARG C 99 -12.69 17.08 -10.82
CA ARG C 99 -11.53 17.40 -11.63
C ARG C 99 -11.00 18.76 -11.21
N ARG C 100 -9.86 19.13 -11.76
CA ARG C 100 -9.29 20.47 -11.59
C ARG C 100 -9.32 21.15 -12.95
N VAL C 101 -10.23 22.10 -13.12
CA VAL C 101 -10.34 22.80 -14.40
C VAL C 101 -9.23 23.82 -14.50
N ARG C 102 -8.46 23.74 -15.59
CA ARG C 102 -7.36 24.67 -15.86
C ARG C 102 -6.29 24.62 -14.78
N SER C 103 -6.12 23.45 -14.17
CA SER C 103 -5.12 23.23 -13.13
C SER C 103 -5.27 24.23 -12.00
N ALA C 104 -6.52 24.57 -11.69
CA ALA C 104 -6.79 25.41 -10.52
C ALA C 104 -6.40 24.67 -9.26
N ARG C 105 -6.00 25.41 -8.24
CA ARG C 105 -5.51 24.79 -7.01
C ARG C 105 -6.69 24.42 -6.11
N VAL C 106 -7.45 23.44 -6.58
CA VAL C 106 -8.62 22.92 -5.88
C VAL C 106 -8.38 21.44 -5.65
N PRO C 107 -9.11 20.83 -4.72
CA PRO C 107 -9.02 19.38 -4.56
C PRO C 107 -9.95 18.65 -5.52
N ILE C 108 -9.70 17.35 -5.65
CA ILE C 108 -10.68 16.46 -6.26
C ILE C 108 -11.31 15.68 -5.12
N THR C 109 -12.41 16.20 -4.58
CA THR C 109 -12.90 15.72 -3.30
C THR C 109 -13.60 14.38 -3.44
N ALA C 110 -14.16 14.09 -4.62
CA ALA C 110 -14.75 12.78 -4.84
C ALA C 110 -13.69 11.69 -4.75
N LYS C 111 -12.49 11.96 -5.24
CA LYS C 111 -11.40 11.00 -5.11
C LYS C 111 -10.98 10.83 -3.66
N VAL C 112 -11.03 11.90 -2.88
CA VAL C 112 -10.69 11.81 -1.46
C VAL C 112 -11.70 10.94 -0.73
N VAL C 113 -12.99 11.13 -1.01
CA VAL C 113 -14.03 10.32 -0.38
C VAL C 113 -13.89 8.86 -0.79
N ALA C 114 -13.61 8.61 -2.07
CA ALA C 114 -13.42 7.24 -2.52
C ALA C 114 -12.23 6.59 -1.83
N ASP C 115 -11.13 7.34 -1.63
CA ASP C 115 -9.98 6.79 -0.93
C ASP C 115 -10.30 6.49 0.53
N PHE C 116 -11.06 7.36 1.19
CA PHE C 116 -11.45 7.09 2.57
C PHE C 116 -12.27 5.80 2.67
N LEU C 117 -13.23 5.63 1.75
CA LEU C 117 -14.06 4.43 1.77
C LEU C 117 -13.23 3.18 1.49
N SER C 118 -12.27 3.27 0.57
CA SER C 118 -11.39 2.13 0.34
C SER C 118 -10.47 1.88 1.54
N SER C 119 -10.13 2.93 2.28
CA SER C 119 -9.22 2.78 3.41
C SER C 119 -9.88 2.06 4.58
N VAL C 120 -11.11 2.43 4.91
CA VAL C 120 -11.74 1.75 6.05
C VAL C 120 -12.21 0.34 5.73
N GLY C 121 -12.22 -0.07 4.47
CA GLY C 121 -12.47 -1.45 4.14
C GLY C 121 -13.81 -1.79 3.52
N VAL C 122 -14.33 -0.88 2.69
CA VAL C 122 -15.54 -1.19 1.94
C VAL C 122 -15.20 -2.13 0.78
N ASP C 123 -16.06 -3.11 0.54
CA ASP C 123 -15.83 -4.07 -0.53
C ASP C 123 -16.62 -3.82 -1.79
N ARG C 124 -17.67 -3.00 -1.73
CA ARG C 124 -18.54 -2.79 -2.87
C ARG C 124 -19.38 -1.55 -2.60
N VAL C 125 -19.66 -0.78 -3.64
CA VAL C 125 -20.47 0.42 -3.54
C VAL C 125 -21.62 0.32 -4.51
N LEU C 126 -22.79 0.78 -4.09
CA LEU C 126 -23.98 0.82 -4.93
C LEU C 126 -24.61 2.20 -4.80
N THR C 127 -24.68 2.93 -5.91
CA THR C 127 -25.21 4.29 -5.92
C THR C 127 -26.31 4.41 -6.97
N VAL C 128 -26.98 5.56 -6.96
CA VAL C 128 -28.02 5.90 -7.92
C VAL C 128 -27.63 7.19 -8.60
N ASP C 129 -27.51 7.16 -9.92
CA ASP C 129 -27.36 8.34 -10.76
C ASP C 129 -26.18 9.21 -10.33
N LEU C 130 -24.99 8.66 -10.45
CA LEU C 130 -23.78 9.43 -10.15
C LEU C 130 -23.71 10.66 -11.03
N HIS C 131 -23.23 11.77 -10.47
CA HIS C 131 -23.11 13.00 -11.23
C HIS C 131 -22.20 12.80 -12.44
N ALA C 132 -21.04 12.20 -12.23
CA ALA C 132 -20.14 11.81 -13.30
C ALA C 132 -19.94 10.30 -13.23
N GLU C 133 -20.17 9.60 -14.34
CA GLU C 133 -20.04 8.16 -14.34
C GLU C 133 -18.60 7.69 -14.21
N GLN C 134 -17.63 8.56 -14.45
CA GLN C 134 -16.23 8.19 -14.29
C GLN C 134 -15.83 7.99 -12.84
N ILE C 135 -16.66 8.42 -11.89
CA ILE C 135 -16.39 8.17 -10.48
C ILE C 135 -16.38 6.68 -10.18
N GLN C 136 -16.94 5.86 -11.07
CA GLN C 136 -16.74 4.42 -10.98
C GLN C 136 -15.26 4.06 -10.98
N GLY C 137 -14.44 4.84 -11.68
CA GLY C 137 -13.03 4.60 -11.71
C GLY C 137 -12.24 5.15 -10.55
N PHE C 138 -12.88 5.87 -9.64
CA PHE C 138 -12.17 6.38 -8.47
C PHE C 138 -12.01 5.34 -7.39
N PHE C 139 -12.60 4.15 -7.55
CA PHE C 139 -12.50 3.07 -6.57
C PHE C 139 -11.69 1.91 -7.13
N ASP C 140 -11.16 1.09 -6.23
CA ASP C 140 -10.62 -0.20 -6.61
C ASP C 140 -11.61 -1.34 -6.46
N VAL C 141 -12.80 -1.06 -5.94
CA VAL C 141 -13.83 -2.08 -5.72
C VAL C 141 -14.90 -1.94 -6.80
N PRO C 142 -15.71 -2.95 -7.05
CA PRO C 142 -16.83 -2.78 -7.98
C PRO C 142 -17.79 -1.70 -7.50
N VAL C 143 -18.25 -0.89 -8.45
CA VAL C 143 -19.22 0.15 -8.19
C VAL C 143 -20.36 -0.03 -9.18
N ASP C 144 -21.57 -0.15 -8.68
CA ASP C 144 -22.75 -0.33 -9.51
C ASP C 144 -23.55 0.97 -9.50
N ASN C 145 -23.58 1.64 -10.63
CA ASN C 145 -24.24 2.94 -10.76
C ASN C 145 -25.60 2.70 -11.43
N VAL C 146 -26.65 2.66 -10.63
CA VAL C 146 -27.98 2.29 -11.08
C VAL C 146 -28.72 3.55 -11.50
N PHE C 147 -29.31 3.52 -12.70
CA PHE C 147 -30.04 4.67 -13.21
C PHE C 147 -31.44 4.72 -12.61
N GLY C 148 -31.87 5.91 -12.26
CA GLY C 148 -33.20 6.11 -11.73
C GLY C 148 -34.27 6.36 -12.76
N SER C 149 -33.91 6.33 -14.02
CA SER C 149 -34.78 6.66 -15.13
C SER C 149 -35.97 5.71 -15.33
N PRO C 150 -35.92 4.44 -14.94
CA PRO C 150 -37.13 3.62 -15.07
C PRO C 150 -38.34 4.16 -14.30
N ILE C 151 -38.14 4.57 -13.05
CA ILE C 151 -39.25 5.10 -12.25
C ILE C 151 -39.75 6.40 -12.86
N LEU C 152 -38.84 7.31 -13.19
CA LEU C 152 -39.24 8.59 -13.75
C LEU C 152 -39.95 8.41 -15.07
N LEU C 153 -39.47 7.49 -15.91
CA LEU C 153 -40.11 7.26 -17.20
C LEU C 153 -41.50 6.67 -17.02
N GLU C 154 -41.63 5.73 -16.09
CA GLU C 154 -42.94 5.15 -15.81
C GLU C 154 -43.91 6.23 -15.32
N ASP C 155 -43.39 7.27 -14.68
CA ASP C 155 -44.26 8.36 -14.25
C ASP C 155 -44.56 9.33 -15.40
N MET C 156 -43.58 9.57 -16.27
CA MET C 156 -43.81 10.47 -17.42
C MET C 156 -44.86 9.90 -18.34
N LEU C 157 -44.83 8.60 -18.58
CA LEU C 157 -45.76 8.01 -19.53
C LEU C 157 -47.20 8.06 -19.05
N GLN C 158 -47.44 8.44 -17.80
CA GLN C 158 -48.78 8.59 -17.26
C GLN C 158 -49.25 10.04 -17.26
N LEU C 159 -48.67 10.90 -18.09
CA LEU C 159 -49.09 12.29 -18.15
C LEU C 159 -49.85 12.64 -19.42
N ASN C 160 -49.70 11.83 -20.47
CA ASN C 160 -50.40 12.03 -21.74
C ASN C 160 -50.09 13.41 -22.31
N LEU C 161 -48.80 13.67 -22.48
CA LEU C 161 -48.35 14.95 -23.01
C LEU C 161 -48.61 15.04 -24.50
N ASP C 162 -48.74 16.27 -24.99
CA ASP C 162 -49.08 16.55 -26.38
C ASP C 162 -47.79 16.83 -27.14
N ASN C 163 -47.24 15.78 -27.75
CA ASN C 163 -45.99 15.86 -28.50
C ASN C 163 -44.87 16.47 -27.65
N PRO C 164 -44.46 15.79 -26.58
CA PRO C 164 -43.50 16.40 -25.66
C PRO C 164 -42.10 16.49 -26.27
N ILE C 165 -41.34 17.44 -25.75
CA ILE C 165 -39.94 17.62 -26.11
C ILE C 165 -39.13 17.61 -24.82
N VAL C 166 -37.99 16.91 -24.84
CA VAL C 166 -37.16 16.77 -23.66
C VAL C 166 -36.04 17.80 -23.72
N VAL C 167 -35.91 18.60 -22.66
CA VAL C 167 -34.98 19.71 -22.60
C VAL C 167 -34.01 19.46 -21.45
N SER C 168 -32.73 19.67 -21.72
CA SER C 168 -31.75 19.64 -20.63
C SER C 168 -31.47 21.06 -20.18
N PRO C 169 -31.58 21.37 -18.89
CA PRO C 169 -31.39 22.75 -18.44
C PRO C 169 -29.99 23.29 -18.66
N ASP C 170 -28.98 22.45 -18.83
CA ASP C 170 -27.63 22.93 -19.06
C ASP C 170 -26.89 21.97 -19.97
N ILE C 171 -25.62 22.28 -20.23
CA ILE C 171 -24.83 21.51 -21.17
C ILE C 171 -24.36 20.20 -20.57
N GLY C 172 -24.28 20.12 -19.24
CA GLY C 172 -23.82 18.90 -18.61
C GLY C 172 -24.84 17.78 -18.57
N GLY C 173 -26.11 18.09 -18.77
CA GLY C 173 -27.17 17.11 -18.71
C GLY C 173 -27.61 16.54 -20.04
N VAL C 174 -26.83 16.73 -21.10
CA VAL C 174 -27.29 16.38 -22.44
C VAL C 174 -27.38 14.87 -22.61
N VAL C 175 -26.45 14.13 -22.03
CA VAL C 175 -26.46 12.67 -22.21
C VAL C 175 -27.68 12.06 -21.55
N ARG C 176 -27.99 12.49 -20.32
CA ARG C 176 -29.17 12.01 -19.63
C ARG C 176 -30.44 12.42 -20.36
N ALA C 177 -30.49 13.66 -20.87
CA ALA C 177 -31.65 14.10 -21.61
C ALA C 177 -31.84 13.26 -22.87
N ARG C 178 -30.76 12.94 -23.56
CA ARG C 178 -30.86 12.12 -24.76
C ARG C 178 -31.36 10.72 -24.44
N ALA C 179 -30.87 10.13 -23.35
CA ALA C 179 -31.35 8.81 -22.96
C ALA C 179 -32.85 8.84 -22.67
N ILE C 180 -33.31 9.84 -21.93
CA ILE C 180 -34.74 9.95 -21.65
C ILE C 180 -35.53 10.16 -22.94
N ALA C 181 -35.02 10.99 -23.84
CA ALA C 181 -35.73 11.25 -25.09
C ALA C 181 -35.85 9.97 -25.92
N LYS C 182 -34.80 9.16 -25.97
CA LYS C 182 -34.92 7.88 -26.66
C LYS C 182 -35.95 6.98 -26.01
N LEU C 183 -35.97 6.94 -24.67
CA LEU C 183 -36.92 6.08 -23.99
C LEU C 183 -38.36 6.57 -24.14
N LEU C 184 -38.57 7.86 -24.28
CA LEU C 184 -39.90 8.45 -24.25
C LEU C 184 -40.48 8.49 -25.66
N ASN C 185 -40.61 7.31 -26.25
CA ASN C 185 -41.14 7.12 -27.60
C ASN C 185 -40.29 7.83 -28.65
N ASP C 186 -39.01 8.06 -28.36
CA ASP C 186 -38.06 8.61 -29.32
C ASP C 186 -38.51 9.98 -29.84
N THR C 187 -38.59 10.95 -28.94
CA THR C 187 -39.03 12.29 -29.30
C THR C 187 -37.83 13.18 -29.62
N ASP C 188 -38.10 14.47 -29.77
CA ASP C 188 -37.09 15.48 -30.05
C ASP C 188 -36.38 15.89 -28.77
N MET C 189 -35.30 16.63 -28.92
CA MET C 189 -34.52 17.11 -27.79
C MET C 189 -34.09 18.55 -28.05
N ALA C 190 -34.10 19.37 -27.01
CA ALA C 190 -33.60 20.73 -27.07
C ALA C 190 -32.71 20.98 -25.87
N ILE C 191 -31.83 21.95 -25.98
CA ILE C 191 -30.80 22.19 -24.98
C ILE C 191 -30.78 23.68 -24.63
N ILE C 192 -30.67 23.99 -23.34
CA ILE C 192 -30.50 25.35 -22.87
C ILE C 192 -29.01 25.66 -22.81
N ASP C 193 -28.62 26.77 -23.43
CA ASP C 193 -27.24 27.22 -23.42
C ASP C 193 -27.19 28.60 -22.79
N LYS C 194 -26.32 28.77 -21.80
CA LYS C 194 -26.21 30.02 -21.05
C LYS C 194 -24.88 30.67 -21.37
N ARG C 195 -24.90 31.97 -21.65
CA ARG C 195 -23.73 32.70 -22.07
C ARG C 195 -23.58 33.99 -21.27
N ARG C 196 -22.36 34.48 -21.21
CA ARG C 196 -22.03 35.76 -20.58
C ARG C 196 -22.49 35.84 -19.13
N GLN C 203 -26.37 34.97 -17.84
CA GLN C 203 -27.13 36.10 -18.38
C GLN C 203 -28.17 35.60 -19.37
N VAL C 204 -27.97 35.91 -20.65
CA VAL C 204 -28.92 35.50 -21.67
C VAL C 204 -28.83 34.00 -21.89
N MET C 205 -30.00 33.37 -22.05
CA MET C 205 -30.08 31.94 -22.31
C MET C 205 -30.57 31.69 -23.72
N HIS C 206 -29.81 30.90 -24.47
CA HIS C 206 -30.18 30.49 -25.82
C HIS C 206 -30.72 29.08 -25.77
N ILE C 207 -31.71 28.80 -26.61
CA ILE C 207 -32.25 27.46 -26.73
C ILE C 207 -31.91 26.94 -28.11
N ILE C 208 -31.20 25.82 -28.16
CA ILE C 208 -30.86 25.14 -29.40
C ILE C 208 -31.94 24.10 -29.64
N GLY C 209 -32.79 24.33 -30.63
CA GLY C 209 -33.93 23.45 -30.87
C GLY C 209 -35.22 24.24 -30.94
N ASP C 210 -36.33 23.60 -31.29
CA ASP C 210 -37.62 24.25 -31.42
C ASP C 210 -38.55 23.82 -30.31
N VAL C 211 -39.04 24.78 -29.54
CA VAL C 211 -39.90 24.50 -28.40
C VAL C 211 -41.25 25.19 -28.51
N ALA C 212 -41.59 25.71 -29.70
CA ALA C 212 -42.81 26.48 -29.87
C ALA C 212 -44.04 25.58 -29.80
N GLY C 213 -44.92 25.86 -28.85
CA GLY C 213 -46.19 25.14 -28.77
C GLY C 213 -46.06 23.66 -28.47
N ARG C 214 -45.15 23.29 -27.58
CA ARG C 214 -44.97 21.90 -27.19
C ARG C 214 -44.86 21.82 -25.68
N ASP C 215 -45.21 20.65 -25.15
CA ASP C 215 -44.99 20.37 -23.73
C ASP C 215 -43.53 20.04 -23.50
N CYS C 216 -42.91 20.75 -22.57
CA CYS C 216 -41.48 20.63 -22.32
C CYS C 216 -41.24 19.86 -21.04
N VAL C 217 -40.31 18.92 -21.08
CA VAL C 217 -39.96 18.09 -19.93
C VAL C 217 -38.50 18.33 -19.61
N LEU C 218 -38.22 19.08 -18.56
CA LEU C 218 -36.86 19.28 -18.11
C LEU C 218 -36.42 18.09 -17.27
N VAL C 219 -35.24 17.55 -17.57
CA VAL C 219 -34.69 16.42 -16.83
C VAL C 219 -33.30 16.80 -16.32
N ASP C 220 -33.04 16.52 -15.05
CA ASP C 220 -31.74 16.77 -14.47
C ASP C 220 -31.43 15.67 -13.47
N ASP C 221 -30.21 15.71 -12.93
CA ASP C 221 -29.86 14.70 -11.93
C ASP C 221 -30.07 15.20 -10.52
N MET C 222 -30.04 16.51 -10.28
CA MET C 222 -30.32 17.03 -8.97
C MET C 222 -31.02 18.38 -9.10
N ILE C 223 -31.61 18.82 -8.00
CA ILE C 223 -32.11 20.18 -7.84
C ILE C 223 -31.50 20.68 -6.54
N ASP C 224 -30.52 21.58 -6.65
CA ASP C 224 -29.86 22.06 -5.44
C ASP C 224 -30.51 23.35 -4.94
N THR C 225 -30.45 24.40 -5.74
CA THR C 225 -31.11 25.65 -5.41
C THR C 225 -32.27 25.99 -6.32
N GLY C 226 -32.49 25.21 -7.38
CA GLY C 226 -33.50 25.51 -8.34
C GLY C 226 -33.17 26.66 -9.27
N GLY C 227 -31.94 27.16 -9.24
CA GLY C 227 -31.60 28.30 -10.09
C GLY C 227 -31.67 27.97 -11.56
N THR C 228 -30.89 26.97 -12.00
CA THR C 228 -30.90 26.60 -13.41
C THR C 228 -32.28 26.14 -13.84
N LEU C 229 -32.97 25.41 -12.99
CA LEU C 229 -34.28 24.88 -13.34
C LEU C 229 -35.30 25.99 -13.56
N CYS C 230 -35.41 26.90 -12.59
CA CYS C 230 -36.36 27.99 -12.71
C CYS C 230 -36.03 28.90 -13.88
N LYS C 231 -34.74 29.20 -14.08
CA LYS C 231 -34.35 30.06 -15.19
C LYS C 231 -34.66 29.41 -16.52
N ALA C 232 -34.39 28.12 -16.66
CA ALA C 232 -34.69 27.42 -17.91
C ALA C 232 -36.18 27.37 -18.16
N ALA C 233 -36.98 27.17 -17.11
CA ALA C 233 -38.43 27.19 -17.28
C ALA C 233 -38.91 28.54 -17.77
N GLU C 234 -38.37 29.63 -17.19
CA GLU C 234 -38.74 30.96 -17.64
C GLU C 234 -38.40 31.15 -19.11
N ALA C 235 -37.20 30.73 -19.52
CA ALA C 235 -36.82 30.87 -20.93
C ALA C 235 -37.76 30.07 -21.83
N LEU C 236 -38.08 28.84 -21.44
CA LEU C 236 -38.95 28.02 -22.26
C LEU C 236 -40.32 28.64 -22.42
N LYS C 237 -40.88 29.17 -21.33
CA LYS C 237 -42.20 29.77 -21.42
C LYS C 237 -42.18 31.07 -22.22
N GLU C 238 -41.08 31.82 -22.17
CA GLU C 238 -41.05 33.08 -22.90
C GLU C 238 -40.61 32.88 -24.35
N ARG C 239 -40.27 31.64 -24.73
CA ARG C 239 -40.30 31.24 -26.13
C ARG C 239 -41.51 30.38 -26.46
N GLY C 240 -42.57 30.49 -25.68
CA GLY C 240 -43.83 29.86 -26.03
C GLY C 240 -43.89 28.36 -25.95
N ALA C 241 -43.83 27.81 -24.73
CA ALA C 241 -44.09 26.40 -24.49
C ALA C 241 -45.34 26.28 -23.64
N LYS C 242 -46.14 25.25 -23.90
CA LYS C 242 -47.44 25.16 -23.23
C LYS C 242 -47.29 24.84 -21.75
N ARG C 243 -46.69 23.70 -21.42
CA ARG C 243 -46.46 23.32 -20.04
C ARG C 243 -45.02 22.84 -19.87
N VAL C 244 -44.50 23.03 -18.67
CA VAL C 244 -43.14 22.60 -18.32
C VAL C 244 -43.22 21.73 -17.08
N PHE C 245 -42.60 20.55 -17.16
CA PHE C 245 -42.49 19.63 -16.05
C PHE C 245 -41.01 19.40 -15.75
N ALA C 246 -40.66 19.35 -14.48
CA ALA C 246 -39.29 19.12 -14.06
C ALA C 246 -39.18 17.74 -13.46
N TYR C 247 -38.13 17.01 -13.84
CA TYR C 247 -37.93 15.62 -13.45
C TYR C 247 -36.49 15.45 -13.02
N ALA C 248 -36.29 15.19 -11.73
CA ALA C 248 -34.94 15.04 -11.21
C ALA C 248 -34.88 13.78 -10.37
N THR C 249 -33.67 13.45 -9.92
CA THR C 249 -33.49 12.26 -9.11
C THR C 249 -33.16 12.60 -7.66
N HIS C 250 -32.23 13.51 -7.42
CA HIS C 250 -31.78 13.82 -6.08
C HIS C 250 -32.35 15.15 -5.63
N PRO C 251 -33.23 15.16 -4.64
CA PRO C 251 -33.83 16.41 -4.14
C PRO C 251 -33.02 17.09 -3.02
N ILE C 252 -31.95 17.77 -3.40
CA ILE C 252 -31.10 18.41 -2.41
C ILE C 252 -31.83 19.59 -1.77
N PHE C 253 -32.38 20.48 -2.58
CA PHE C 253 -33.22 21.59 -2.12
C PHE C 253 -32.53 22.39 -1.01
N SER C 254 -31.42 23.01 -1.35
CA SER C 254 -30.66 23.79 -0.39
C SER C 254 -30.84 25.28 -0.66
N GLY C 255 -30.52 26.08 0.35
CA GLY C 255 -30.61 27.52 0.22
C GLY C 255 -32.03 28.03 0.09
N ASN C 256 -32.29 28.81 -0.96
CA ASN C 256 -33.58 29.43 -1.19
C ASN C 256 -34.46 28.61 -2.12
N ALA C 257 -34.34 27.28 -2.09
CA ALA C 257 -35.04 26.44 -3.06
C ALA C 257 -36.55 26.56 -2.92
N ALA C 258 -37.06 26.63 -1.68
CA ALA C 258 -38.50 26.68 -1.49
C ALA C 258 -39.10 27.93 -2.13
N ASN C 259 -38.48 29.09 -1.92
CA ASN C 259 -38.99 30.31 -2.52
C ASN C 259 -38.82 30.31 -4.03
N ASN C 260 -37.70 29.77 -4.52
CA ASN C 260 -37.48 29.73 -5.97
C ASN C 260 -38.53 28.86 -6.65
N LEU C 261 -38.86 27.72 -6.04
CA LEU C 261 -39.87 26.85 -6.64
C LEU C 261 -41.28 27.42 -6.47
N ARG C 262 -41.56 28.09 -5.36
CA ARG C 262 -42.88 28.67 -5.16
C ARG C 262 -43.17 29.75 -6.19
N ASN C 263 -42.22 30.67 -6.39
CA ASN C 263 -42.39 31.75 -7.34
C ASN C 263 -41.83 31.40 -8.71
N SER C 264 -42.28 30.27 -9.27
CA SER C 264 -41.79 29.80 -10.55
C SER C 264 -42.97 29.45 -11.44
N VAL C 265 -42.65 29.07 -12.67
CA VAL C 265 -43.66 28.76 -13.68
C VAL C 265 -43.74 27.26 -13.95
N ILE C 266 -42.99 26.46 -13.21
CA ILE C 266 -43.00 25.01 -13.41
C ILE C 266 -44.32 24.46 -12.89
N ASP C 267 -45.00 23.68 -13.72
CA ASP C 267 -46.30 23.16 -13.34
C ASP C 267 -46.19 22.03 -12.34
N GLU C 268 -45.14 21.21 -12.43
CA GLU C 268 -45.01 20.06 -11.57
C GLU C 268 -43.55 19.65 -11.49
N VAL C 269 -43.07 19.41 -10.28
CA VAL C 269 -41.71 18.93 -10.05
C VAL C 269 -41.80 17.56 -9.41
N VAL C 270 -41.17 16.58 -10.04
CA VAL C 270 -41.19 15.19 -9.57
C VAL C 270 -39.77 14.76 -9.27
N VAL C 271 -39.58 14.20 -8.07
CA VAL C 271 -38.26 13.80 -7.60
C VAL C 271 -38.33 12.40 -7.04
N CYS C 272 -37.17 11.80 -6.81
CA CYS C 272 -37.08 10.52 -6.13
C CYS C 272 -36.89 10.75 -4.64
N ASP C 273 -36.58 9.70 -3.89
CA ASP C 273 -36.50 9.81 -2.44
C ASP C 273 -35.11 9.44 -1.90
N THR C 274 -34.07 9.70 -2.68
CA THR C 274 -32.71 9.42 -2.21
C THR C 274 -32.30 10.35 -1.09
N ILE C 275 -32.99 11.47 -0.91
CA ILE C 275 -32.76 12.39 0.20
C ILE C 275 -34.11 12.72 0.82
N PRO C 276 -34.26 12.71 2.14
CA PRO C 276 -35.55 13.07 2.74
C PRO C 276 -35.89 14.54 2.51
N LEU C 277 -37.17 14.82 2.36
CA LEU C 277 -37.62 16.19 2.12
C LEU C 277 -37.85 16.93 3.43
N SER C 278 -37.64 18.24 3.40
CA SER C 278 -37.89 19.08 4.55
C SER C 278 -39.38 19.40 4.67
N ASP C 279 -39.74 20.15 5.70
CA ASP C 279 -41.14 20.51 5.91
C ASP C 279 -41.61 21.55 4.93
N GLU C 280 -40.78 22.58 4.68
CA GLU C 280 -41.18 23.64 3.76
C GLU C 280 -41.40 23.09 2.36
N ILE C 281 -40.63 22.08 1.97
CA ILE C 281 -40.78 21.52 0.64
C ILE C 281 -42.01 20.62 0.56
N LYS C 282 -42.27 19.84 1.62
CA LYS C 282 -43.49 19.05 1.65
C LYS C 282 -44.73 19.92 1.66
N SER C 283 -44.65 21.14 2.19
CA SER C 283 -45.79 22.03 2.17
C SER C 283 -46.12 22.51 0.76
N LEU C 284 -45.16 22.50 -0.15
CA LEU C 284 -45.40 22.98 -1.50
C LEU C 284 -46.42 22.09 -2.21
N PRO C 285 -47.33 22.67 -3.00
CA PRO C 285 -48.39 21.86 -3.62
C PRO C 285 -48.00 21.20 -4.92
N ASN C 286 -46.93 21.62 -5.57
CA ASN C 286 -46.57 21.11 -6.90
C ASN C 286 -45.26 20.32 -6.88
N VAL C 287 -44.87 19.79 -5.73
CA VAL C 287 -43.68 18.95 -5.62
C VAL C 287 -44.14 17.57 -5.20
N ARG C 288 -43.81 16.57 -6.02
CA ARG C 288 -44.29 15.21 -5.82
C ARG C 288 -43.10 14.26 -5.80
N THR C 289 -43.25 13.16 -5.08
CA THR C 289 -42.15 12.25 -4.78
C THR C 289 -42.47 10.84 -5.24
N LEU C 290 -41.51 10.22 -5.92
CA LEU C 290 -41.53 8.81 -6.25
C LEU C 290 -40.61 8.07 -5.30
N THR C 291 -40.66 6.74 -5.31
CA THR C 291 -39.86 5.96 -4.39
C THR C 291 -38.92 5.02 -5.15
N LEU C 292 -37.72 4.84 -4.62
CA LEU C 292 -36.73 3.96 -5.21
C LEU C 292 -36.50 2.71 -4.37
N SER C 293 -37.36 2.45 -3.38
CA SER C 293 -37.09 1.35 -2.45
C SER C 293 -37.17 0.00 -3.14
N GLY C 294 -38.09 -0.16 -4.10
CA GLY C 294 -38.17 -1.43 -4.80
C GLY C 294 -36.95 -1.72 -5.64
N MET C 295 -36.45 -0.72 -6.35
CA MET C 295 -35.27 -0.90 -7.19
C MET C 295 -34.05 -1.21 -6.34
N LEU C 296 -33.87 -0.48 -5.24
CA LEU C 296 -32.73 -0.74 -4.37
C LEU C 296 -32.84 -2.09 -3.68
N ALA C 297 -34.05 -2.48 -3.30
CA ALA C 297 -34.23 -3.79 -2.69
C ALA C 297 -33.87 -4.90 -3.66
N GLU C 298 -34.29 -4.79 -4.91
CA GLU C 298 -33.94 -5.80 -5.89
C GLU C 298 -32.44 -5.83 -6.15
N ALA C 299 -31.79 -4.66 -6.19
CA ALA C 299 -30.35 -4.67 -6.39
C ALA C 299 -29.62 -5.31 -5.22
N ILE C 300 -30.06 -5.04 -3.99
CA ILE C 300 -29.45 -5.66 -2.81
C ILE C 300 -29.66 -7.17 -2.85
N ARG C 301 -30.86 -7.59 -3.25
CA ARG C 301 -31.16 -9.01 -3.32
C ARG C 301 -30.28 -9.69 -4.35
N ARG C 302 -30.06 -9.06 -5.50
CA ARG C 302 -29.21 -9.65 -6.52
C ARG C 302 -27.75 -9.70 -6.10
N ILE C 303 -27.28 -8.68 -5.39
CA ILE C 303 -25.89 -8.70 -4.93
C ILE C 303 -25.70 -9.79 -3.88
N SER C 304 -26.68 -9.97 -3.00
CA SER C 304 -26.53 -10.93 -1.92
C SER C 304 -26.51 -12.37 -2.42
N ASN C 305 -27.11 -12.63 -3.58
CA ASN C 305 -27.31 -13.99 -4.06
C ASN C 305 -26.37 -14.38 -5.19
N GLU C 306 -25.32 -13.61 -5.47
CA GLU C 306 -24.39 -13.88 -6.56
C GLU C 306 -25.10 -13.92 -7.91
N GLU C 307 -26.09 -13.06 -8.08
CA GLU C 307 -26.86 -12.99 -9.31
C GLU C 307 -26.39 -11.84 -10.18
N SER C 308 -26.72 -11.91 -11.46
CA SER C 308 -26.33 -10.85 -12.39
C SER C 308 -27.08 -9.57 -12.08
N ILE C 309 -26.36 -8.46 -12.06
CA ILE C 309 -26.95 -7.16 -11.76
C ILE C 309 -27.45 -6.45 -13.01
N SER C 310 -27.15 -6.97 -14.21
CA SER C 310 -27.51 -6.30 -15.45
C SER C 310 -29.02 -6.23 -15.66
N ALA C 311 -29.79 -7.09 -15.02
CA ALA C 311 -31.24 -7.05 -15.17
C ALA C 311 -31.85 -5.79 -14.57
N MET C 312 -31.09 -5.04 -13.79
CA MET C 312 -31.59 -3.83 -13.14
C MET C 312 -31.71 -2.65 -14.09
N PHE C 313 -31.24 -2.78 -15.32
CA PHE C 313 -31.17 -1.67 -16.28
C PHE C 313 -32.20 -1.83 -17.38
N GLU C 314 -33.27 -2.56 -17.08
CA GLU C 314 -34.33 -2.85 -18.04
C GLU C 314 -35.52 -1.91 -17.80
N HIS C 315 -36.22 -1.58 -18.86
CA HIS C 315 -37.39 -0.72 -18.75
C HIS C 315 -38.67 -1.45 -19.10
N ASP D 3 11.06 28.10 2.42
CA ASP D 3 9.84 28.81 2.07
C ASP D 3 8.69 28.40 2.97
N MET D 4 8.59 29.02 4.13
CA MET D 4 7.55 28.69 5.10
C MET D 4 6.29 29.49 4.78
N LYS D 5 5.18 28.78 4.58
CA LYS D 5 3.88 29.39 4.42
C LYS D 5 2.93 28.83 5.46
N LEU D 6 2.10 29.67 6.04
CA LEU D 6 1.08 29.27 7.00
C LEU D 6 -0.29 29.41 6.37
N PHE D 7 -1.13 28.40 6.55
CA PHE D 7 -2.51 28.45 6.14
C PHE D 7 -3.37 28.13 7.35
N ALA D 8 -4.56 28.72 7.39
CA ALA D 8 -5.47 28.51 8.49
C ALA D 8 -6.84 28.11 7.97
N GLY D 9 -7.50 27.23 8.72
CA GLY D 9 -8.89 26.89 8.47
C GLY D 9 -9.81 27.83 9.22
N ASN D 10 -11.05 27.40 9.38
CA ASN D 10 -12.05 28.21 10.06
C ASN D 10 -12.18 27.87 11.54
N ALA D 11 -11.46 26.87 12.03
CA ALA D 11 -11.63 26.44 13.41
C ALA D 11 -10.96 27.40 14.38
N THR D 12 -9.67 27.67 14.18
CA THR D 12 -8.89 28.54 15.06
C THR D 12 -8.20 29.61 14.23
N PRO D 13 -8.96 30.58 13.70
CA PRO D 13 -8.31 31.62 12.89
C PRO D 13 -7.55 32.64 13.73
N GLU D 14 -8.05 32.94 14.94
CA GLU D 14 -7.43 33.98 15.74
C GLU D 14 -6.11 33.49 16.31
N LEU D 15 -6.05 32.22 16.72
CA LEU D 15 -4.78 31.62 17.14
C LEU D 15 -3.79 31.57 15.99
N ALA D 16 -4.26 31.26 14.79
CA ALA D 16 -3.37 31.26 13.63
C ALA D 16 -2.80 32.65 13.38
N GLN D 17 -3.63 33.68 13.58
CA GLN D 17 -3.13 35.04 13.45
C GLN D 17 -2.06 35.35 14.51
N ARG D 18 -2.28 34.92 15.75
CA ARG D 18 -1.26 35.19 16.77
C ARG D 18 0.05 34.48 16.45
N ILE D 19 -0.04 33.23 15.99
CA ILE D 19 1.16 32.49 15.63
C ILE D 19 1.88 33.17 14.48
N ALA D 20 1.13 33.62 13.47
CA ALA D 20 1.74 34.34 12.36
C ALA D 20 2.42 35.61 12.83
N ASN D 21 1.80 36.35 13.75
CA ASN D 21 2.41 37.57 14.26
C ASN D 21 3.72 37.27 14.97
N ARG D 22 3.75 36.22 15.78
CA ARG D 22 5.00 35.91 16.48
C ARG D 22 6.08 35.41 15.54
N LEU D 23 5.73 34.93 14.35
CA LEU D 23 6.71 34.53 13.36
C LEU D 23 7.04 35.64 12.38
N TYR D 24 6.41 36.81 12.52
CA TYR D 24 6.67 37.96 11.65
C TYR D 24 6.42 37.62 10.18
N THR D 25 5.41 36.80 9.93
CA THR D 25 4.94 36.55 8.57
C THR D 25 3.44 36.79 8.50
N SER D 26 2.81 36.43 7.40
CA SER D 26 1.38 36.58 7.24
C SER D 26 0.77 35.26 6.79
N LEU D 27 -0.50 35.08 7.10
CA LEU D 27 -1.21 33.88 6.67
C LEU D 27 -1.36 33.86 5.17
N GLY D 28 -1.15 32.69 4.58
CA GLY D 28 -1.28 32.54 3.14
C GLY D 28 -2.71 32.72 2.68
N ASP D 29 -2.86 33.01 1.40
CA ASP D 29 -4.16 33.31 0.81
C ASP D 29 -4.80 32.01 0.36
N ALA D 30 -5.87 31.60 1.04
CA ALA D 30 -6.67 30.46 0.62
C ALA D 30 -8.11 30.76 0.99
N ALA D 31 -9.03 30.49 0.06
CA ALA D 31 -10.45 30.67 0.31
C ALA D 31 -11.05 29.35 0.77
N VAL D 32 -11.30 29.23 2.06
CA VAL D 32 -11.85 28.02 2.66
C VAL D 32 -13.24 28.36 3.17
N GLY D 33 -14.26 27.80 2.57
CA GLY D 33 -15.63 28.10 2.93
C GLY D 33 -16.55 26.94 2.70
N ARG D 34 -17.85 27.24 2.59
CA ARG D 34 -18.87 26.23 2.39
C ARG D 34 -19.64 26.53 1.12
N PHE D 35 -20.05 25.47 0.43
CA PHE D 35 -20.99 25.61 -0.66
C PHE D 35 -22.39 25.80 -0.09
N SER D 36 -23.37 25.88 -0.98
CA SER D 36 -24.75 26.13 -0.54
C SER D 36 -25.25 25.03 0.36
N ASP D 37 -24.91 23.78 0.05
CA ASP D 37 -25.49 22.63 0.74
C ASP D 37 -24.67 22.16 1.93
N GLY D 38 -23.60 22.88 2.29
CA GLY D 38 -22.81 22.53 3.45
C GLY D 38 -21.51 21.82 3.15
N GLU D 39 -21.19 21.58 1.89
CA GLU D 39 -19.96 20.91 1.54
C GLU D 39 -18.79 21.88 1.59
N VAL D 40 -17.62 21.35 1.97
CA VAL D 40 -16.45 22.19 2.16
C VAL D 40 -15.92 22.65 0.80
N SER D 41 -15.64 23.93 0.69
CA SER D 41 -15.05 24.52 -0.50
C SER D 41 -13.65 25.03 -0.16
N VAL D 42 -12.67 24.68 -0.98
CA VAL D 42 -11.28 25.08 -0.75
C VAL D 42 -10.69 25.56 -2.07
N GLN D 43 -9.97 26.68 -2.02
CA GLN D 43 -9.19 27.11 -3.17
C GLN D 43 -7.92 27.78 -2.67
N ILE D 44 -6.77 27.31 -3.13
CA ILE D 44 -5.49 27.92 -2.82
C ILE D 44 -5.24 29.01 -3.85
N ASN D 45 -4.91 30.21 -3.38
CA ASN D 45 -4.83 31.38 -4.23
C ASN D 45 -3.40 31.88 -4.40
N GLU D 46 -2.42 31.00 -4.30
CA GLU D 46 -1.04 31.41 -4.50
C GLU D 46 -0.20 30.18 -4.84
N ASN D 47 0.99 30.45 -5.38
CA ASN D 47 1.90 29.37 -5.76
C ASN D 47 2.49 28.73 -4.52
N VAL D 48 2.41 27.41 -4.45
CA VAL D 48 2.91 26.67 -3.28
C VAL D 48 3.88 25.59 -3.74
N ARG D 49 4.30 25.65 -4.99
CA ARG D 49 5.14 24.60 -5.55
C ARG D 49 6.48 24.55 -4.83
N GLY D 50 6.82 23.38 -4.29
CA GLY D 50 8.07 23.17 -3.62
C GLY D 50 8.16 23.77 -2.23
N GLY D 51 7.13 24.48 -1.78
CA GLY D 51 7.19 25.14 -0.51
C GLY D 51 7.01 24.21 0.66
N ASP D 52 7.31 24.73 1.84
CA ASP D 52 7.13 24.03 3.11
C ASP D 52 5.91 24.63 3.77
N ILE D 53 4.84 23.86 3.83
CA ILE D 53 3.52 24.35 4.22
C ILE D 53 3.18 23.90 5.62
N PHE D 54 2.59 24.80 6.40
CA PHE D 54 2.02 24.49 7.71
C PHE D 54 0.54 24.84 7.68
N ILE D 55 -0.30 23.94 8.16
CA ILE D 55 -1.74 24.18 8.29
C ILE D 55 -2.08 24.16 9.76
N ILE D 56 -2.70 25.21 10.25
CA ILE D 56 -3.04 25.34 11.66
C ILE D 56 -4.56 25.20 11.77
N GLN D 57 -5.01 24.09 12.34
CA GLN D 57 -6.44 23.95 12.60
C GLN D 57 -6.74 22.85 13.60
N SER D 58 -7.41 23.21 14.69
CA SER D 58 -7.89 22.22 15.64
C SER D 58 -9.12 21.52 15.11
N THR D 59 -9.28 20.27 15.49
CA THR D 59 -10.47 19.50 15.11
C THR D 59 -11.51 19.58 16.22
N CYS D 60 -11.88 20.81 16.55
CA CYS D 60 -12.83 21.11 17.60
C CYS D 60 -14.23 21.26 17.01
N ALA D 61 -15.21 21.51 17.88
CA ALA D 61 -16.60 21.53 17.46
C ALA D 61 -16.89 22.75 16.57
N PRO D 62 -17.59 22.58 15.43
CA PRO D 62 -18.13 21.34 14.84
C PRO D 62 -17.07 20.41 14.29
N THR D 63 -16.95 19.23 14.92
CA THR D 63 -15.76 18.41 14.74
C THR D 63 -15.60 17.93 13.30
N ASN D 64 -16.70 17.47 12.68
CA ASN D 64 -16.58 16.79 11.40
C ASN D 64 -16.32 17.79 10.27
N ASP D 65 -16.91 18.98 10.34
CA ASP D 65 -16.62 20.00 9.36
C ASP D 65 -15.18 20.46 9.43
N ASN D 66 -14.64 20.61 10.64
CA ASN D 66 -13.25 21.02 10.79
C ASN D 66 -12.30 19.94 10.27
N LEU D 67 -12.60 18.68 10.58
CA LEU D 67 -11.78 17.59 10.07
C LEU D 67 -11.82 17.53 8.55
N MET D 68 -12.99 17.73 7.96
CA MET D 68 -13.06 17.70 6.50
C MET D 68 -12.34 18.88 5.89
N GLU D 69 -12.44 20.07 6.49
CA GLU D 69 -11.65 21.19 6.00
C GLU D 69 -10.18 20.85 5.99
N LEU D 70 -9.70 20.22 7.05
CA LEU D 70 -8.28 19.90 7.13
C LEU D 70 -7.86 18.95 6.03
N VAL D 71 -8.58 17.83 5.87
CA VAL D 71 -8.14 16.85 4.88
C VAL D 71 -8.30 17.38 3.47
N VAL D 72 -9.33 18.21 3.23
CA VAL D 72 -9.53 18.75 1.90
C VAL D 72 -8.46 19.78 1.56
N MET D 73 -8.05 20.62 2.53
CA MET D 73 -6.94 21.52 2.27
C MET D 73 -5.66 20.75 1.98
N VAL D 74 -5.41 19.67 2.74
CA VAL D 74 -4.20 18.89 2.49
C VAL D 74 -4.23 18.31 1.08
N ASP D 75 -5.39 17.82 0.64
CA ASP D 75 -5.48 17.27 -0.71
C ASP D 75 -5.25 18.33 -1.78
N ALA D 76 -5.87 19.50 -1.62
CA ALA D 76 -5.69 20.58 -2.59
C ALA D 76 -4.24 21.03 -2.64
N LEU D 77 -3.58 21.14 -1.49
CA LEU D 77 -2.18 21.53 -1.47
C LEU D 77 -1.30 20.47 -2.11
N ARG D 78 -1.62 19.21 -1.90
CA ARG D 78 -0.75 18.14 -2.37
C ARG D 78 -0.89 17.94 -3.87
N ARG D 79 -2.07 18.20 -4.44
CA ARG D 79 -2.18 18.16 -5.89
C ARG D 79 -1.64 19.40 -6.57
N ALA D 80 -1.42 20.48 -5.82
CA ALA D 80 -0.78 21.68 -6.35
C ALA D 80 0.73 21.62 -6.27
N SER D 81 1.28 20.45 -5.97
CA SER D 81 2.72 20.18 -5.95
C SER D 81 3.43 20.88 -4.79
N ALA D 82 2.80 20.89 -3.62
CA ALA D 82 3.48 21.37 -2.43
C ALA D 82 4.61 20.40 -2.06
N GLY D 83 5.64 20.93 -1.42
CA GLY D 83 6.79 20.13 -1.08
C GLY D 83 6.59 19.25 0.13
N ARG D 84 6.37 19.87 1.29
CA ARG D 84 6.21 19.17 2.54
C ARG D 84 5.08 19.82 3.32
N ILE D 85 4.19 19.03 3.88
CA ILE D 85 3.01 19.54 4.57
C ILE D 85 3.06 19.09 6.01
N THR D 86 3.06 20.06 6.93
CA THR D 86 2.96 19.80 8.35
C THR D 86 1.59 20.25 8.83
N ALA D 87 0.90 19.40 9.55
CA ALA D 87 -0.40 19.74 10.11
C ALA D 87 -0.22 20.05 11.59
N VAL D 88 -0.38 21.32 11.96
CA VAL D 88 -0.41 21.72 13.36
C VAL D 88 -1.86 21.61 13.82
N ILE D 89 -2.12 20.68 14.73
CA ILE D 89 -3.47 20.42 15.20
C ILE D 89 -3.46 20.63 16.72
N PRO D 90 -3.66 21.85 17.20
CA PRO D 90 -3.52 22.09 18.65
C PRO D 90 -4.39 21.20 19.49
N TYR D 91 -5.63 20.95 19.09
CA TYR D 91 -6.50 20.01 19.77
C TYR D 91 -6.87 18.89 18.80
N PHE D 92 -6.46 17.68 19.12
CA PHE D 92 -6.72 16.51 18.28
C PHE D 92 -8.04 15.90 18.72
N GLY D 93 -9.06 16.06 17.88
CA GLY D 93 -10.36 15.51 18.20
C GLY D 93 -10.43 14.02 17.94
N TYR D 94 -11.48 13.40 18.49
CA TYR D 94 -11.72 11.97 18.44
C TYR D 94 -10.65 11.16 19.16
N ALA D 95 -9.83 11.80 20.01
CA ALA D 95 -8.70 11.11 20.62
C ALA D 95 -9.11 10.26 21.81
N ARG D 96 -10.33 10.43 22.32
CA ARG D 96 -10.77 9.64 23.46
C ARG D 96 -11.23 8.25 23.07
N GLN D 97 -11.40 7.98 21.78
CA GLN D 97 -11.78 6.67 21.27
C GLN D 97 -10.53 5.99 20.73
N ASP D 98 -9.77 5.36 21.62
CA ASP D 98 -8.45 4.86 21.28
C ASP D 98 -8.29 3.36 21.49
N ARG D 99 -9.34 2.63 21.83
CA ARG D 99 -9.26 1.19 22.02
C ARG D 99 -10.67 0.62 22.03
N ARG D 100 -10.75 -0.70 22.05
CA ARG D 100 -12.01 -1.42 22.23
C ARG D 100 -11.94 -2.13 23.57
N VAL D 101 -12.67 -1.62 24.56
CA VAL D 101 -12.65 -2.24 25.89
C VAL D 101 -13.52 -3.48 25.87
N ARG D 102 -12.93 -4.61 26.28
CA ARG D 102 -13.64 -5.89 26.35
C ARG D 102 -14.15 -6.33 24.99
N SER D 103 -13.43 -5.96 23.93
CA SER D 103 -13.77 -6.33 22.56
C SER D 103 -15.20 -5.92 22.22
N ALA D 104 -15.61 -4.77 22.74
CA ALA D 104 -16.91 -4.21 22.36
C ALA D 104 -16.89 -3.84 20.90
N ARG D 105 -18.05 -3.90 20.25
CA ARG D 105 -18.12 -3.66 18.81
C ARG D 105 -18.21 -2.15 18.56
N VAL D 106 -17.09 -1.49 18.85
CA VAL D 106 -16.95 -0.05 18.66
C VAL D 106 -15.79 0.17 17.72
N PRO D 107 -15.68 1.35 17.12
CA PRO D 107 -14.51 1.67 16.31
C PRO D 107 -13.37 2.21 17.17
N ILE D 108 -12.19 2.22 16.59
CA ILE D 108 -11.08 3.00 17.13
C ILE D 108 -10.93 4.22 16.24
N THR D 109 -11.63 5.30 16.60
CA THR D 109 -11.82 6.40 15.66
C THR D 109 -10.56 7.25 15.52
N ALA D 110 -9.73 7.28 16.55
CA ALA D 110 -8.46 7.98 16.43
C ALA D 110 -7.58 7.34 15.38
N LYS D 111 -7.60 6.02 15.27
CA LYS D 111 -6.85 5.33 14.23
C LYS D 111 -7.42 5.64 12.85
N VAL D 112 -8.74 5.78 12.75
CA VAL D 112 -9.37 6.13 11.47
C VAL D 112 -8.94 7.53 11.04
N VAL D 113 -8.93 8.48 11.96
CA VAL D 113 -8.51 9.84 11.64
C VAL D 113 -7.05 9.86 11.25
N ALA D 114 -6.20 9.11 11.96
CA ALA D 114 -4.79 9.04 11.62
C ALA D 114 -4.59 8.44 10.23
N ASP D 115 -5.37 7.43 9.87
CA ASP D 115 -5.26 6.85 8.54
C ASP D 115 -5.72 7.82 7.46
N PHE D 116 -6.77 8.59 7.72
CA PHE D 116 -7.19 9.59 6.73
C PHE D 116 -6.10 10.63 6.51
N LEU D 117 -5.48 11.10 7.59
CA LEU D 117 -4.41 12.09 7.46
C LEU D 117 -3.22 11.52 6.71
N SER D 118 -2.86 10.28 6.98
CA SER D 118 -1.78 9.65 6.23
C SER D 118 -2.18 9.43 4.76
N SER D 119 -3.46 9.22 4.50
CA SER D 119 -3.91 8.96 3.14
C SER D 119 -3.83 10.19 2.26
N VAL D 120 -4.28 11.35 2.77
CA VAL D 120 -4.23 12.53 1.93
C VAL D 120 -2.83 13.11 1.78
N GLY D 121 -1.86 12.65 2.56
CA GLY D 121 -0.48 13.04 2.32
C GLY D 121 0.14 14.00 3.30
N VAL D 122 -0.21 13.91 4.57
CA VAL D 122 0.44 14.70 5.60
C VAL D 122 1.81 14.10 5.89
N ASP D 123 2.81 14.95 6.07
CA ASP D 123 4.17 14.50 6.33
C ASP D 123 4.58 14.58 7.80
N ARG D 124 3.86 15.35 8.62
CA ARG D 124 4.25 15.56 10.00
C ARG D 124 3.06 16.14 10.74
N VAL D 125 2.91 15.77 12.00
CA VAL D 125 1.82 16.24 12.84
C VAL D 125 2.42 16.84 14.10
N LEU D 126 1.85 17.96 14.56
CA LEU D 126 2.25 18.61 15.78
C LEU D 126 1.00 18.92 16.60
N THR D 127 0.91 18.33 17.79
CA THR D 127 -0.25 18.50 18.65
C THR D 127 0.18 18.97 20.03
N VAL D 128 -0.81 19.31 20.85
CA VAL D 128 -0.61 19.73 22.23
C VAL D 128 -1.42 18.79 23.13
N ASP D 129 -0.75 18.13 24.05
CA ASP D 129 -1.37 17.36 25.13
C ASP D 129 -2.38 16.33 24.61
N LEU D 130 -1.87 15.36 23.87
CA LEU D 130 -2.71 14.28 23.39
C LEU D 130 -3.36 13.55 24.57
N HIS D 131 -4.62 13.14 24.38
CA HIS D 131 -5.32 12.43 25.45
C HIS D 131 -4.59 11.15 25.82
N ALA D 132 -4.18 10.36 24.83
CA ALA D 132 -3.34 9.19 25.03
C ALA D 132 -2.06 9.39 24.23
N GLU D 133 -0.91 9.25 24.88
CA GLU D 133 0.35 9.46 24.17
C GLU D 133 0.66 8.35 23.18
N GLN D 134 -0.02 7.21 23.26
CA GLN D 134 0.20 6.15 22.29
C GLN D 134 -0.35 6.48 20.91
N ILE D 135 -1.16 7.53 20.80
CA ILE D 135 -1.65 7.96 19.49
C ILE D 135 -0.49 8.41 18.60
N GLN D 136 0.67 8.68 19.19
CA GLN D 136 1.88 8.87 18.40
C GLN D 136 2.15 7.66 17.52
N GLY D 137 1.79 6.47 17.98
CA GLY D 137 2.00 5.26 17.21
C GLY D 137 0.92 4.96 16.20
N PHE D 138 -0.14 5.77 16.13
CA PHE D 138 -1.17 5.54 15.13
C PHE D 138 -0.79 6.11 13.77
N PHE D 139 0.33 6.82 13.66
CA PHE D 139 0.78 7.39 12.41
C PHE D 139 2.06 6.70 11.93
N ASP D 140 2.32 6.81 10.63
CA ASP D 140 3.62 6.44 10.09
C ASP D 140 4.57 7.63 9.95
N VAL D 141 4.10 8.83 10.27
CA VAL D 141 4.91 10.04 10.17
C VAL D 141 5.34 10.47 11.56
N PRO D 142 6.37 11.30 11.70
CA PRO D 142 6.70 11.83 13.03
C PRO D 142 5.55 12.64 13.61
N VAL D 143 5.32 12.45 14.90
CA VAL D 143 4.30 13.19 15.63
C VAL D 143 4.97 13.78 16.85
N ASP D 144 4.87 15.09 17.02
CA ASP D 144 5.47 15.79 18.14
C ASP D 144 4.34 16.20 19.09
N ASN D 145 4.31 15.60 20.26
CA ASN D 145 3.25 15.84 21.24
C ASN D 145 3.82 16.77 22.31
N VAL D 146 3.50 18.05 22.19
CA VAL D 146 4.08 19.10 23.03
C VAL D 146 3.21 19.29 24.26
N PHE D 147 3.82 19.28 25.43
CA PHE D 147 3.10 19.45 26.67
C PHE D 147 2.79 20.91 26.93
N GLY D 148 1.59 21.18 27.41
CA GLY D 148 1.19 22.53 27.73
C GLY D 148 1.50 22.96 29.14
N SER D 149 2.15 22.09 29.91
CA SER D 149 2.42 22.30 31.32
C SER D 149 3.37 23.46 31.63
N PRO D 150 4.29 23.87 30.76
CA PRO D 150 5.10 25.05 31.09
C PRO D 150 4.28 26.31 31.34
N ILE D 151 3.31 26.60 30.47
CA ILE D 151 2.49 27.80 30.65
C ILE D 151 1.66 27.69 31.92
N LEU D 152 1.01 26.54 32.11
CA LEU D 152 0.17 26.37 33.28
C LEU D 152 0.99 26.44 34.56
N LEU D 153 2.19 25.86 34.56
CA LEU D 153 3.03 25.91 35.74
C LEU D 153 3.50 27.33 36.03
N GLU D 154 3.87 28.07 34.98
CA GLU D 154 4.27 29.46 35.16
C GLU D 154 3.12 30.27 35.73
N ASP D 155 1.88 29.87 35.45
CA ASP D 155 0.74 30.58 36.03
C ASP D 155 0.46 30.13 37.46
N MET D 156 0.66 28.84 37.75
CA MET D 156 0.44 28.34 39.11
C MET D 156 1.41 28.98 40.08
N LEU D 157 2.67 29.13 39.67
CA LEU D 157 3.67 29.66 40.59
C LEU D 157 3.42 31.11 40.96
N GLN D 158 2.48 31.79 40.29
CA GLN D 158 2.12 33.16 40.60
C GLN D 158 0.88 33.26 41.46
N LEU D 159 0.53 32.20 42.19
CA LEU D 159 -0.66 32.22 43.04
C LEU D 159 -0.32 32.26 44.52
N ASN D 160 0.89 31.85 44.89
CA ASN D 160 1.34 31.86 46.28
C ASN D 160 0.41 31.04 47.17
N LEU D 161 0.24 29.78 46.78
CA LEU D 161 -0.63 28.88 47.51
C LEU D 161 0.03 28.44 48.81
N ASP D 162 -0.80 28.06 49.78
CA ASP D 162 -0.36 27.69 51.11
C ASP D 162 -0.26 26.16 51.19
N ASN D 163 0.93 25.65 50.92
CA ASN D 163 1.20 24.22 50.91
C ASN D 163 0.22 23.48 49.99
N PRO D 164 0.28 23.74 48.68
CA PRO D 164 -0.72 23.17 47.78
C PRO D 164 -0.53 21.67 47.59
N ILE D 165 -1.64 21.02 47.26
CA ILE D 165 -1.65 19.60 46.92
C ILE D 165 -2.29 19.46 45.55
N VAL D 166 -1.71 18.61 44.70
CA VAL D 166 -2.18 18.43 43.34
C VAL D 166 -3.08 17.21 43.28
N VAL D 167 -4.30 17.39 42.79
CA VAL D 167 -5.32 16.35 42.76
C VAL D 167 -5.68 16.06 41.32
N SER D 168 -5.78 14.79 40.97
CA SER D 168 -6.30 14.41 39.67
C SER D 168 -7.77 14.05 39.80
N PRO D 169 -8.66 14.65 39.01
CA PRO D 169 -10.09 14.38 39.19
C PRO D 169 -10.49 12.94 38.91
N ASP D 170 -9.70 12.16 38.18
CA ASP D 170 -10.05 10.78 37.90
C ASP D 170 -8.79 9.95 37.81
N ILE D 171 -8.96 8.66 37.53
CA ILE D 171 -7.85 7.72 37.51
C ILE D 171 -7.01 7.87 36.25
N GLY D 172 -7.58 8.40 35.17
CA GLY D 172 -6.84 8.54 33.94
C GLY D 172 -5.86 9.68 33.91
N GLY D 173 -5.99 10.64 34.83
CA GLY D 173 -5.14 11.81 34.87
C GLY D 173 -3.99 11.74 35.84
N VAL D 174 -3.66 10.56 36.35
CA VAL D 174 -2.69 10.43 37.43
C VAL D 174 -1.29 10.78 36.94
N VAL D 175 -0.94 10.39 35.72
CA VAL D 175 0.41 10.63 35.23
C VAL D 175 0.66 12.12 35.05
N ARG D 176 -0.31 12.82 34.47
CA ARG D 176 -0.19 14.27 34.32
C ARG D 176 -0.16 14.96 35.67
N ALA D 177 -1.00 14.52 36.60
CA ALA D 177 -0.99 15.11 37.94
C ALA D 177 0.36 14.91 38.62
N ARG D 178 0.95 13.73 38.46
CA ARG D 178 2.26 13.48 39.06
C ARG D 178 3.32 14.36 38.45
N ALA D 179 3.30 14.54 37.13
CA ALA D 179 4.27 15.42 36.50
C ALA D 179 4.15 16.84 37.02
N ILE D 180 2.92 17.35 37.13
CA ILE D 180 2.72 18.70 37.66
C ILE D 180 3.20 18.78 39.10
N ALA D 181 2.90 17.75 39.90
CA ALA D 181 3.30 17.76 41.30
C ALA D 181 4.82 17.80 41.45
N LYS D 182 5.53 17.04 40.61
CA LYS D 182 6.99 17.10 40.63
C LYS D 182 7.48 18.49 40.23
N LEU D 183 6.85 19.10 39.22
CA LEU D 183 7.30 20.43 38.81
C LEU D 183 6.99 21.50 39.83
N LEU D 184 5.92 21.34 40.61
CA LEU D 184 5.43 22.39 41.49
C LEU D 184 6.11 22.27 42.86
N ASN D 185 7.43 22.39 42.85
CA ASN D 185 8.26 22.29 44.05
C ASN D 185 8.14 20.94 44.73
N ASP D 186 7.76 19.91 43.98
CA ASP D 186 7.72 18.52 44.49
C ASP D 186 6.80 18.40 45.70
N THR D 187 5.51 18.65 45.48
CA THR D 187 4.52 18.58 46.55
C THR D 187 3.88 17.20 46.60
N ASP D 188 2.83 17.09 47.40
CA ASP D 188 2.06 15.86 47.56
C ASP D 188 1.06 15.72 46.44
N MET D 189 0.46 14.53 46.35
CA MET D 189 -0.53 14.25 45.32
C MET D 189 -1.67 13.44 45.93
N ALA D 190 -2.88 13.73 45.51
CA ALA D 190 -4.06 12.98 45.90
C ALA D 190 -4.89 12.68 44.67
N ILE D 191 -5.71 11.63 44.75
CA ILE D 191 -6.44 11.12 43.60
C ILE D 191 -7.90 10.92 43.97
N ILE D 192 -8.79 11.33 43.08
CA ILE D 192 -10.22 11.09 43.25
C ILE D 192 -10.56 9.75 42.60
N ASP D 193 -11.23 8.90 43.36
CA ASP D 193 -11.67 7.60 42.88
C ASP D 193 -13.18 7.53 42.99
N LYS D 194 -13.84 7.17 41.88
CA LYS D 194 -15.29 7.12 41.82
C LYS D 194 -15.74 5.67 41.69
N ARG D 195 -16.75 5.29 42.48
CA ARG D 195 -17.20 3.91 42.55
C ARG D 195 -18.72 3.87 42.42
N ARG D 196 -19.21 2.71 42.00
CA ARG D 196 -20.65 2.43 41.93
C ARG D 196 -21.41 3.45 41.09
N GLN D 203 -21.17 7.57 41.62
CA GLN D 203 -21.88 7.76 42.89
C GLN D 203 -20.94 8.34 43.94
N VAL D 204 -20.58 7.53 44.94
CA VAL D 204 -19.70 8.02 46.00
C VAL D 204 -18.29 8.17 45.47
N MET D 205 -17.63 9.25 45.88
CA MET D 205 -16.26 9.52 45.49
C MET D 205 -15.33 9.39 46.69
N HIS D 206 -14.30 8.58 46.54
CA HIS D 206 -13.27 8.39 47.56
C HIS D 206 -12.05 9.19 47.17
N ILE D 207 -11.38 9.76 48.16
CA ILE D 207 -10.13 10.47 47.93
C ILE D 207 -9.01 9.68 48.58
N ILE D 208 -8.03 9.29 47.79
CA ILE D 208 -6.84 8.59 48.26
C ILE D 208 -5.79 9.66 48.51
N GLY D 209 -5.47 9.92 49.78
CA GLY D 209 -4.57 10.99 50.13
C GLY D 209 -5.19 11.92 51.16
N ASP D 210 -4.43 12.88 51.67
CA ASP D 210 -4.91 13.79 52.70
C ASP D 210 -5.04 15.19 52.12
N VAL D 211 -6.25 15.75 52.20
CA VAL D 211 -6.54 17.07 51.64
C VAL D 211 -7.05 18.04 52.69
N ALA D 212 -6.92 17.71 53.96
CA ALA D 212 -7.49 18.52 55.03
C ALA D 212 -6.70 19.82 55.19
N GLY D 213 -7.38 20.95 55.01
CA GLY D 213 -6.75 22.24 55.26
C GLY D 213 -5.61 22.59 54.33
N ARG D 214 -5.75 22.26 53.05
CA ARG D 214 -4.73 22.58 52.06
C ARG D 214 -5.40 23.17 50.83
N ASP D 215 -4.63 23.96 50.09
CA ASP D 215 -5.09 24.45 48.79
C ASP D 215 -4.95 23.34 47.76
N CYS D 216 -6.04 23.04 47.06
CA CYS D 216 -6.09 21.93 46.13
C CYS D 216 -6.04 22.46 44.71
N VAL D 217 -5.22 21.83 43.87
CA VAL D 217 -5.08 22.21 42.47
C VAL D 217 -5.47 21.02 41.61
N LEU D 218 -6.66 21.09 41.01
CA LEU D 218 -7.09 20.05 40.09
C LEU D 218 -6.47 20.29 38.73
N VAL D 219 -5.88 19.25 38.14
CA VAL D 219 -5.28 19.34 36.82
C VAL D 219 -5.90 18.27 35.93
N ASP D 220 -6.27 18.66 34.71
CA ASP D 220 -6.82 17.72 33.76
C ASP D 220 -6.34 18.12 32.36
N ASP D 221 -6.66 17.30 31.38
CA ASP D 221 -6.28 17.64 30.01
C ASP D 221 -7.41 18.33 29.25
N MET D 222 -8.66 18.12 29.65
CA MET D 222 -9.76 18.83 29.01
C MET D 222 -10.85 19.09 30.04
N ILE D 223 -11.75 19.99 29.69
CA ILE D 223 -13.00 20.19 30.42
C ILE D 223 -14.09 20.13 29.35
N ASP D 224 -14.84 19.03 29.34
CA ASP D 224 -15.88 18.87 28.33
C ASP D 224 -17.22 19.38 28.83
N THR D 225 -17.76 18.74 29.87
CA THR D 225 -19.00 19.19 30.48
C THR D 225 -18.81 19.73 31.88
N GLY D 226 -17.60 19.62 32.44
CA GLY D 226 -17.38 20.02 33.80
C GLY D 226 -17.94 19.08 34.84
N GLY D 227 -18.42 17.91 34.45
CA GLY D 227 -19.01 16.99 35.41
C GLY D 227 -17.99 16.48 36.42
N THR D 228 -16.93 15.83 35.93
CA THR D 228 -15.93 15.31 36.84
C THR D 228 -15.28 16.41 37.64
N LEU D 229 -15.03 17.56 37.00
CA LEU D 229 -14.36 18.66 37.68
C LEU D 229 -15.20 19.21 38.82
N CYS D 230 -16.47 19.53 38.55
CA CYS D 230 -17.34 20.06 39.58
C CYS D 230 -17.56 19.06 40.69
N LYS D 231 -17.76 17.79 40.35
CA LYS D 231 -17.98 16.78 41.37
C LYS D 231 -16.75 16.61 42.26
N ALA D 232 -15.56 16.59 41.66
CA ALA D 232 -14.34 16.46 42.45
C ALA D 232 -14.13 17.66 43.34
N ALA D 233 -14.46 18.86 42.84
CA ALA D 233 -14.35 20.04 43.69
C ALA D 233 -15.28 19.95 44.89
N GLU D 234 -16.51 19.50 44.66
CA GLU D 234 -17.45 19.34 45.77
C GLU D 234 -16.92 18.34 46.80
N ALA D 235 -16.38 17.22 46.33
CA ALA D 235 -15.82 16.24 47.26
C ALA D 235 -14.66 16.84 48.06
N LEU D 236 -13.77 17.56 47.39
CA LEU D 236 -12.63 18.15 48.07
C LEU D 236 -13.06 19.14 49.13
N LYS D 237 -14.05 19.98 48.81
CA LYS D 237 -14.49 20.96 49.79
C LYS D 237 -15.23 20.31 50.94
N GLU D 238 -15.93 19.20 50.70
CA GLU D 238 -16.68 18.59 51.79
C GLU D 238 -15.81 17.61 52.58
N ARG D 239 -14.56 17.42 52.16
CA ARG D 239 -13.52 16.92 53.06
C ARG D 239 -12.57 18.02 53.52
N GLY D 240 -13.03 19.27 53.50
CA GLY D 240 -12.28 20.35 54.11
C GLY D 240 -11.00 20.76 53.41
N ALA D 241 -11.12 21.36 52.23
CA ALA D 241 -10.00 22.01 51.56
C ALA D 241 -10.29 23.50 51.47
N LYS D 242 -9.24 24.31 51.62
CA LYS D 242 -9.44 25.75 51.70
C LYS D 242 -9.89 26.33 50.37
N ARG D 243 -9.07 26.20 49.33
CA ARG D 243 -9.42 26.69 48.01
C ARG D 243 -9.12 25.63 46.97
N VAL D 244 -9.89 25.65 45.88
CA VAL D 244 -9.72 24.71 44.78
C VAL D 244 -9.56 25.51 43.50
N PHE D 245 -8.52 25.20 42.74
CA PHE D 245 -8.26 25.79 41.44
C PHE D 245 -8.24 24.68 40.40
N ALA D 246 -8.82 24.94 39.24
CA ALA D 246 -8.87 23.97 38.16
C ALA D 246 -7.94 24.44 37.04
N TYR D 247 -7.16 23.52 36.51
CA TYR D 247 -6.14 23.82 35.51
C TYR D 247 -6.24 22.80 34.40
N ALA D 248 -6.65 23.23 33.21
CA ALA D 248 -6.81 22.32 32.09
C ALA D 248 -6.11 22.90 30.88
N THR D 249 -6.08 22.13 29.81
CA THR D 249 -5.45 22.59 28.58
C THR D 249 -6.45 22.85 27.47
N HIS D 250 -7.38 21.94 27.24
CA HIS D 250 -8.32 22.07 26.14
C HIS D 250 -9.69 22.47 26.66
N PRO D 251 -10.16 23.67 26.35
CA PRO D 251 -11.49 24.14 26.80
C PRO D 251 -12.63 23.78 25.86
N ILE D 252 -13.07 22.53 25.92
CA ILE D 252 -14.14 22.07 25.04
C ILE D 252 -15.46 22.73 25.42
N PHE D 253 -15.83 22.66 26.70
CA PHE D 253 -17.00 23.35 27.25
C PHE D 253 -18.26 23.07 26.42
N SER D 254 -18.66 21.81 26.41
CA SER D 254 -19.84 21.40 25.65
C SER D 254 -20.99 21.11 26.60
N GLY D 255 -22.20 21.09 26.03
CA GLY D 255 -23.39 20.81 26.79
C GLY D 255 -23.73 21.87 27.81
N ASN D 256 -23.89 21.46 29.07
CA ASN D 256 -24.29 22.36 30.15
C ASN D 256 -23.10 22.90 30.93
N ALA D 257 -21.95 23.10 30.25
CA ALA D 257 -20.73 23.47 30.97
C ALA D 257 -20.87 24.82 31.65
N ALA D 258 -21.51 25.79 30.99
CA ALA D 258 -21.62 27.13 31.58
C ALA D 258 -22.38 27.10 32.90
N ASN D 259 -23.50 26.39 32.95
CA ASN D 259 -24.27 26.30 34.18
C ASN D 259 -23.53 25.49 35.24
N ASN D 260 -22.85 24.42 34.83
CA ASN D 260 -22.11 23.61 35.80
C ASN D 260 -21.00 24.42 36.44
N LEU D 261 -20.29 25.22 35.65
CA LEU D 261 -19.21 26.04 36.21
C LEU D 261 -19.75 27.20 37.03
N ARG D 262 -20.88 27.80 36.61
CA ARG D 262 -21.44 28.90 37.35
C ARG D 262 -21.88 28.46 38.75
N ASN D 263 -22.60 27.36 38.84
CA ASN D 263 -23.09 26.85 40.11
C ASN D 263 -22.12 25.84 40.72
N SER D 264 -20.86 26.23 40.86
CA SER D 264 -19.83 25.35 41.39
C SER D 264 -19.06 26.07 42.49
N VAL D 265 -18.13 25.33 43.10
CA VAL D 265 -17.35 25.85 44.21
C VAL D 265 -15.91 26.12 43.80
N ILE D 266 -15.59 25.96 42.52
CA ILE D 266 -14.22 26.19 42.05
C ILE D 266 -13.96 27.69 42.06
N ASP D 267 -12.86 28.10 42.68
CA ASP D 267 -12.56 29.52 42.80
C ASP D 267 -12.06 30.11 41.49
N GLU D 268 -11.33 29.34 40.69
CA GLU D 268 -10.75 29.86 39.47
C GLU D 268 -10.47 28.69 38.52
N VAL D 269 -10.86 28.87 37.26
CA VAL D 269 -10.60 27.88 36.21
C VAL D 269 -9.70 28.54 35.19
N VAL D 270 -8.55 27.92 34.92
CA VAL D 270 -7.58 28.46 33.98
C VAL D 270 -7.38 27.45 32.86
N VAL D 271 -7.48 27.91 31.62
CA VAL D 271 -7.40 27.06 30.44
C VAL D 271 -6.44 27.69 29.43
N CYS D 272 -6.07 26.89 28.44
CA CYS D 272 -5.28 27.39 27.32
C CYS D 272 -6.22 27.83 26.20
N ASP D 273 -5.68 28.11 25.03
CA ASP D 273 -6.48 28.66 23.94
C ASP D 273 -6.45 27.76 22.70
N THR D 274 -6.33 26.45 22.89
CA THR D 274 -6.36 25.54 21.76
C THR D 274 -7.73 25.47 21.11
N ILE D 275 -8.77 25.90 21.80
CA ILE D 275 -10.13 25.98 21.25
C ILE D 275 -10.67 27.36 21.59
N PRO D 276 -11.30 28.07 20.66
CA PRO D 276 -11.87 29.38 21.00
C PRO D 276 -13.04 29.24 21.97
N LEU D 277 -13.19 30.25 22.84
CA LEU D 277 -14.25 30.23 23.84
C LEU D 277 -15.53 30.84 23.27
N SER D 278 -16.66 30.36 23.78
CA SER D 278 -17.95 30.90 23.39
C SER D 278 -18.24 32.18 24.17
N ASP D 279 -19.40 32.78 23.90
CA ASP D 279 -19.78 34.01 24.57
C ASP D 279 -20.20 33.76 26.01
N GLU D 280 -20.99 32.71 26.23
CA GLU D 280 -21.45 32.42 27.59
C GLU D 280 -20.29 32.12 28.52
N ILE D 281 -19.23 31.50 27.99
CA ILE D 281 -18.09 31.17 28.83
C ILE D 281 -17.24 32.41 29.09
N LYS D 282 -17.07 33.26 28.09
CA LYS D 282 -16.36 34.51 28.30
C LYS D 282 -17.09 35.41 29.28
N SER D 283 -18.42 35.31 29.37
CA SER D 283 -19.16 36.10 30.35
C SER D 283 -18.87 35.67 31.78
N LEU D 284 -18.45 34.44 31.99
CA LEU D 284 -18.20 33.94 33.34
C LEU D 284 -17.06 34.72 33.98
N PRO D 285 -17.15 35.03 35.28
CA PRO D 285 -16.12 35.88 35.90
C PRO D 285 -14.92 35.11 36.41
N ASN D 286 -14.99 33.80 36.57
CA ASN D 286 -13.91 33.02 37.16
C ASN D 286 -13.26 32.06 36.18
N VAL D 287 -13.37 32.33 34.88
CA VAL D 287 -12.72 31.53 33.85
C VAL D 287 -11.71 32.40 33.14
N ARG D 288 -10.44 32.00 33.17
CA ARG D 288 -9.34 32.78 32.66
C ARG D 288 -8.55 31.97 31.65
N THR D 289 -7.94 32.65 30.70
CA THR D 289 -7.33 32.02 29.54
C THR D 289 -5.86 32.42 29.42
N LEU D 290 -5.01 31.41 29.20
CA LEU D 290 -3.62 31.59 28.84
C LEU D 290 -3.47 31.37 27.34
N THR D 291 -2.31 31.70 26.81
CA THR D 291 -2.08 31.57 25.38
C THR D 291 -0.91 30.63 25.09
N LEU D 292 -1.05 29.86 24.02
CA LEU D 292 -0.03 28.93 23.59
C LEU D 292 0.65 29.37 22.30
N SER D 293 0.42 30.60 21.86
CA SER D 293 0.92 31.02 20.55
C SER D 293 2.44 31.08 20.52
N GLY D 294 3.07 31.49 21.62
CA GLY D 294 4.52 31.54 21.63
C GLY D 294 5.15 30.17 21.53
N MET D 295 4.61 29.21 22.28
CA MET D 295 5.15 27.86 22.25
C MET D 295 4.97 27.22 20.88
N LEU D 296 3.79 27.39 20.28
CA LEU D 296 3.55 26.83 18.95
C LEU D 296 4.40 27.53 17.90
N ALA D 297 4.60 28.84 18.03
CA ALA D 297 5.44 29.56 17.09
C ALA D 297 6.87 29.06 17.15
N GLU D 298 7.40 28.85 18.36
CA GLU D 298 8.75 28.34 18.48
C GLU D 298 8.87 26.91 17.93
N ALA D 299 7.86 26.08 18.15
CA ALA D 299 7.92 24.73 17.60
C ALA D 299 7.89 24.75 16.08
N ILE D 300 7.06 25.62 15.49
CA ILE D 300 7.02 25.73 14.03
C ILE D 300 8.35 26.23 13.50
N ARG D 301 8.94 27.19 14.19
CA ARG D 301 10.23 27.73 13.79
C ARG D 301 11.32 26.66 13.83
N ARG D 302 11.31 25.83 14.86
CA ARG D 302 12.31 24.78 14.96
C ARG D 302 12.10 23.70 13.90
N ILE D 303 10.85 23.37 13.59
CA ILE D 303 10.61 22.37 12.56
C ILE D 303 11.04 22.89 11.20
N SER D 304 10.80 24.17 10.93
CA SER D 304 11.10 24.72 9.62
C SER D 304 12.60 24.81 9.37
N ASN D 305 13.41 24.89 10.41
CA ASN D 305 14.84 25.14 10.28
C ASN D 305 15.71 23.91 10.51
N GLU D 306 15.14 22.71 10.54
CA GLU D 306 15.89 21.48 10.79
C GLU D 306 16.59 21.51 12.14
N GLU D 307 15.96 22.12 13.13
CA GLU D 307 16.52 22.24 14.47
C GLU D 307 15.91 21.19 15.40
N SER D 308 16.62 20.94 16.49
CA SER D 308 16.14 19.96 17.46
C SER D 308 14.89 20.47 18.16
N ILE D 309 13.89 19.60 18.27
CA ILE D 309 12.63 19.96 18.91
C ILE D 309 12.63 19.70 20.41
N SER D 310 13.66 19.03 20.93
CA SER D 310 13.70 18.65 22.35
C SER D 310 13.77 19.87 23.27
N ALA D 311 14.23 21.02 22.78
CA ALA D 311 14.30 22.20 23.62
C ALA D 311 12.92 22.71 24.02
N MET D 312 11.87 22.22 23.39
CA MET D 312 10.52 22.68 23.67
C MET D 312 9.95 22.11 24.96
N PHE D 313 10.65 21.18 25.60
CA PHE D 313 10.15 20.47 26.77
C PHE D 313 10.86 20.93 28.05
N GLU D 314 11.37 22.15 28.03
CA GLU D 314 12.12 22.71 29.14
C GLU D 314 11.21 23.64 29.93
N HIS D 315 11.46 23.73 31.24
CA HIS D 315 10.68 24.61 32.11
C HIS D 315 11.53 25.73 32.68
N ASP E 3 -12.03 -26.12 9.56
CA ASP E 3 -10.79 -26.87 9.65
C ASP E 3 -9.78 -26.16 10.53
N MET E 4 -9.87 -26.38 11.84
CA MET E 4 -9.00 -25.74 12.81
C MET E 4 -7.72 -26.55 12.95
N LYS E 5 -6.58 -25.91 12.71
CA LYS E 5 -5.27 -26.52 12.96
C LYS E 5 -4.49 -25.61 13.89
N LEU E 6 -3.78 -26.23 14.83
CA LEU E 6 -2.91 -25.51 15.75
C LEU E 6 -1.47 -25.81 15.42
N PHE E 7 -0.64 -24.78 15.39
CA PHE E 7 0.79 -24.91 15.24
C PHE E 7 1.47 -24.20 16.40
N ALA E 8 2.62 -24.71 16.81
CA ALA E 8 3.36 -24.14 17.92
C ALA E 8 4.80 -23.89 17.50
N GLY E 9 5.35 -22.81 18.02
CA GLY E 9 6.77 -22.53 17.90
C GLY E 9 7.54 -23.15 19.04
N ASN E 10 8.76 -22.67 19.23
CA ASN E 10 9.62 -23.18 20.29
C ASN E 10 9.53 -22.39 21.58
N ALA E 11 8.78 -21.30 21.60
CA ALA E 11 8.75 -20.45 22.79
C ALA E 11 7.91 -21.06 23.91
N THR E 12 6.66 -21.43 23.60
CA THR E 12 5.73 -21.98 24.59
C THR E 12 5.14 -23.28 24.05
N PRO E 13 5.94 -24.34 23.97
CA PRO E 13 5.41 -25.61 23.45
C PRO E 13 4.51 -26.32 24.45
N GLU E 14 4.80 -26.21 25.74
CA GLU E 14 4.05 -26.95 26.74
C GLU E 14 2.66 -26.33 26.91
N LEU E 15 2.57 -25.01 26.88
CA LEU E 15 1.28 -24.33 26.88
C LEU E 15 0.47 -24.69 25.64
N ALA E 16 1.12 -24.76 24.49
CA ALA E 16 0.42 -25.15 23.27
C ALA E 16 -0.13 -26.56 23.40
N GLN E 17 0.62 -27.46 24.04
CA GLN E 17 0.11 -28.80 24.28
C GLN E 17 -1.10 -28.77 25.20
N ARG E 18 -1.08 -27.97 26.26
CA ARG E 18 -2.24 -27.93 27.15
C ARG E 18 -3.46 -27.38 26.41
N ILE E 19 -3.28 -26.35 25.59
CA ILE E 19 -4.40 -25.79 24.84
C ILE E 19 -4.94 -26.82 23.86
N ALA E 20 -4.06 -27.56 23.19
CA ALA E 20 -4.51 -28.61 22.29
C ALA E 20 -5.29 -29.68 23.04
N ASN E 21 -4.82 -30.06 24.23
CA ASN E 21 -5.53 -31.08 24.99
C ASN E 21 -6.94 -30.61 25.37
N ARG E 22 -7.07 -29.35 25.78
CA ARG E 22 -8.40 -28.86 26.14
C ARG E 22 -9.31 -28.71 24.94
N LEU E 23 -8.77 -28.63 23.73
CA LEU E 23 -9.58 -28.59 22.52
C LEU E 23 -9.77 -29.97 21.91
N TYR E 24 -9.20 -31.01 22.51
CA TYR E 24 -9.36 -32.39 22.03
C TYR E 24 -8.88 -32.53 20.59
N THR E 25 -7.82 -31.81 20.24
CA THR E 25 -7.14 -31.99 18.96
C THR E 25 -5.66 -32.21 19.21
N SER E 26 -4.86 -32.20 18.15
CA SER E 26 -3.42 -32.36 18.29
C SER E 26 -2.72 -31.23 17.52
N LEU E 27 -1.51 -30.93 17.95
CA LEU E 27 -0.72 -29.92 17.28
C LEU E 27 -0.33 -30.38 15.88
N GLY E 28 -0.42 -29.46 14.92
CA GLY E 28 -0.06 -29.78 13.56
C GLY E 28 1.42 -30.06 13.41
N ASP E 29 1.75 -30.74 12.32
CA ASP E 29 3.11 -31.18 12.07
C ASP E 29 3.85 -30.08 11.32
N ALA E 30 4.80 -29.45 11.99
CA ALA E 30 5.70 -28.48 11.36
C ALA E 30 7.05 -28.62 12.02
N ALA E 31 8.10 -28.62 11.21
CA ALA E 31 9.47 -28.69 11.72
C ALA E 31 10.03 -27.28 11.80
N VAL E 32 10.07 -26.74 13.02
CA VAL E 32 10.57 -25.38 13.28
C VAL E 32 11.85 -25.52 14.07
N GLY E 33 12.97 -25.14 13.49
CA GLY E 33 14.25 -25.29 14.13
C GLY E 33 15.23 -24.23 13.69
N ARG E 34 16.52 -24.52 13.88
CA ARG E 34 17.59 -23.60 13.53
C ARG E 34 18.52 -24.27 12.55
N PHE E 35 19.07 -23.48 11.63
CA PHE E 35 20.16 -23.94 10.80
C PHE E 35 21.46 -23.90 11.61
N SER E 36 22.56 -24.24 10.95
CA SER E 36 23.84 -24.31 11.65
C SER E 36 24.24 -22.95 12.22
N ASP E 37 23.97 -21.87 11.49
CA ASP E 37 24.47 -20.56 11.85
C ASP E 37 23.48 -19.75 12.68
N GLY E 38 22.36 -20.34 13.09
CA GLY E 38 21.41 -19.66 13.94
C GLY E 38 20.19 -19.12 13.23
N GLU E 39 20.08 -19.31 11.93
CA GLU E 39 18.93 -18.80 11.19
C GLU E 39 17.74 -19.74 11.36
N VAL E 40 16.54 -19.15 11.39
CA VAL E 40 15.33 -19.92 11.64
C VAL E 40 15.01 -20.79 10.45
N SER E 41 14.71 -22.06 10.71
CA SER E 41 14.29 -23.01 9.69
C SER E 41 12.85 -23.41 9.96
N VAL E 42 12.02 -23.37 8.93
CA VAL E 42 10.61 -23.70 9.06
C VAL E 42 10.21 -24.60 7.90
N GLN E 43 9.46 -25.66 8.18
CA GLN E 43 8.85 -26.46 7.13
C GLN E 43 7.51 -26.97 7.62
N ILE E 44 6.45 -26.69 6.85
CA ILE E 44 5.13 -27.21 7.15
C ILE E 44 5.00 -28.58 6.50
N ASN E 45 4.57 -29.56 7.28
CA ASN E 45 4.60 -30.95 6.84
C ASN E 45 3.19 -31.52 6.62
N GLU E 46 2.23 -30.68 6.28
CA GLU E 46 0.89 -31.16 6.01
C GLU E 46 0.14 -30.14 5.17
N ASN E 47 -0.95 -30.59 4.57
CA ASN E 47 -1.77 -29.72 3.74
C ASN E 47 -2.53 -28.73 4.60
N VAL E 48 -2.43 -27.44 4.25
CA VAL E 48 -3.07 -26.40 5.03
C VAL E 48 -3.93 -25.53 4.11
N ARG E 49 -4.16 -26.01 2.89
CA ARG E 49 -4.89 -25.21 1.91
C ARG E 49 -6.32 -24.96 2.36
N GLY E 50 -6.69 -23.69 2.43
CA GLY E 50 -8.03 -23.31 2.80
C GLY E 50 -8.35 -23.44 4.27
N GLY E 51 -7.42 -23.94 5.08
CA GLY E 51 -7.69 -24.16 6.48
C GLY E 51 -7.67 -22.90 7.31
N ASP E 52 -8.15 -23.03 8.53
CA ASP E 52 -8.16 -21.95 9.51
C ASP E 52 -7.06 -22.27 10.51
N ILE E 53 -6.00 -21.49 10.48
CA ILE E 53 -4.76 -21.80 11.21
C ILE E 53 -4.64 -20.92 12.43
N PHE E 54 -4.19 -21.50 13.53
CA PHE E 54 -3.82 -20.78 14.74
C PHE E 54 -2.37 -21.08 15.05
N ILE E 55 -1.58 -20.05 15.35
CA ILE E 55 -0.20 -20.21 15.76
C ILE E 55 -0.08 -19.69 17.18
N ILE E 56 0.43 -20.54 18.07
CA ILE E 56 0.56 -20.19 19.47
C ILE E 56 2.03 -19.99 19.77
N GLN E 57 2.43 -18.73 20.02
CA GLN E 57 3.80 -18.49 20.43
C GLN E 57 3.96 -17.12 21.07
N SER E 58 4.46 -17.09 22.30
CA SER E 58 4.80 -15.84 22.95
C SER E 58 6.13 -15.32 22.41
N THR E 59 6.25 -14.00 22.40
CA THR E 59 7.50 -13.36 21.98
C THR E 59 8.37 -13.06 23.20
N CYS E 60 8.66 -14.10 23.96
CA CYS E 60 9.43 -14.03 25.18
C CYS E 60 10.89 -14.32 24.89
N ALA E 61 11.72 -14.27 25.94
CA ALA E 61 13.16 -14.39 25.77
C ALA E 61 13.55 -15.81 25.36
N PRO E 62 14.42 -15.99 24.36
CA PRO E 62 15.08 -15.01 23.48
C PRO E 62 14.14 -14.32 22.51
N THR E 63 13.95 -13.01 22.70
CA THR E 63 12.83 -12.31 22.08
C THR E 63 12.91 -12.33 20.57
N ASN E 64 14.09 -12.07 20.01
CA ASN E 64 14.18 -11.84 18.58
C ASN E 64 14.07 -13.14 17.80
N ASP E 65 14.62 -14.23 18.34
CA ASP E 65 14.46 -15.54 17.70
C ASP E 65 13.00 -15.98 17.70
N ASN E 66 12.29 -15.74 18.80
CA ASN E 66 10.88 -16.12 18.85
C ASN E 66 10.05 -15.29 17.87
N LEU E 67 10.33 -13.99 17.80
CA LEU E 67 9.62 -13.14 16.86
C LEU E 67 9.89 -13.57 15.41
N MET E 68 11.14 -13.91 15.11
CA MET E 68 11.44 -14.35 13.75
C MET E 68 10.79 -15.69 13.45
N GLU E 69 10.77 -16.62 14.40
CA GLU E 69 10.03 -17.86 14.18
C GLU E 69 8.59 -17.58 13.84
N LEU E 70 7.96 -16.65 14.56
CA LEU E 70 6.55 -16.36 14.31
C LEU E 70 6.34 -15.81 12.90
N VAL E 71 7.10 -14.80 12.51
CA VAL E 71 6.85 -14.19 11.21
C VAL E 71 7.21 -15.14 10.09
N VAL E 72 8.23 -15.98 10.28
CA VAL E 72 8.63 -16.91 9.25
C VAL E 72 7.59 -18.03 9.09
N MET E 73 7.03 -18.52 10.20
CA MET E 73 5.94 -19.48 10.08
C MET E 73 4.74 -18.88 9.37
N VAL E 74 4.40 -17.62 9.68
CA VAL E 74 3.27 -17.00 9.02
C VAL E 74 3.53 -16.89 7.52
N ASP E 75 4.74 -16.54 7.13
CA ASP E 75 5.05 -16.45 5.71
C ASP E 75 4.98 -17.80 5.01
N ALA E 76 5.54 -18.84 5.63
CA ALA E 76 5.47 -20.17 5.04
C ALA E 76 4.03 -20.66 4.91
N LEU E 77 3.21 -20.42 5.93
CA LEU E 77 1.81 -20.80 5.87
C LEU E 77 1.07 -20.03 4.79
N ARG E 78 1.37 -18.76 4.63
CA ARG E 78 0.63 -17.92 3.71
C ARG E 78 1.00 -18.20 2.26
N ARG E 79 2.24 -18.61 1.99
CA ARG E 79 2.57 -19.03 0.64
C ARG E 79 2.11 -20.45 0.33
N ALA E 80 1.74 -21.23 1.34
CA ALA E 80 1.17 -22.55 1.12
C ALA E 80 -0.33 -22.50 0.96
N SER E 81 -0.90 -21.31 0.77
CA SER E 81 -2.31 -21.08 0.49
C SER E 81 -3.20 -21.39 1.69
N ALA E 82 -2.77 -21.03 2.88
CA ALA E 82 -3.64 -21.10 4.04
C ALA E 82 -4.77 -20.10 3.91
N GLY E 83 -5.91 -20.42 4.52
CA GLY E 83 -7.08 -19.58 4.40
C GLY E 83 -7.04 -18.35 5.28
N ARG E 84 -7.02 -18.57 6.59
CA ARG E 84 -7.03 -17.49 7.57
C ARG E 84 -6.06 -17.85 8.67
N ILE E 85 -5.24 -16.88 9.09
CA ILE E 85 -4.19 -17.12 10.07
C ILE E 85 -4.45 -16.24 11.27
N THR E 86 -4.61 -16.86 12.44
CA THR E 86 -4.73 -16.15 13.70
C THR E 86 -3.46 -16.40 14.49
N ALA E 87 -2.86 -15.34 15.02
CA ALA E 87 -1.67 -15.45 15.84
C ALA E 87 -2.08 -15.27 17.29
N VAL E 88 -2.01 -16.35 18.07
CA VAL E 88 -2.21 -16.29 19.51
C VAL E 88 -0.86 -15.99 20.13
N ILE E 89 -0.71 -14.82 20.72
CA ILE E 89 0.56 -14.39 21.28
C ILE E 89 0.32 -14.09 22.76
N PRO E 90 0.41 -15.10 23.64
CA PRO E 90 0.03 -14.86 25.04
C PRO E 90 0.80 -13.73 25.70
N TYR E 91 2.09 -13.58 25.42
CA TYR E 91 2.86 -12.46 25.89
C TYR E 91 3.40 -11.70 24.69
N PHE E 92 2.98 -10.45 24.53
CA PHE E 92 3.39 -9.62 23.40
C PHE E 92 4.65 -8.87 23.82
N GLY E 93 5.79 -9.26 23.25
CA GLY E 93 7.04 -8.60 23.57
C GLY E 93 7.19 -7.27 22.86
N TYR E 94 8.14 -6.49 23.33
CA TYR E 94 8.42 -5.13 22.86
C TYR E 94 7.28 -4.16 23.12
N ALA E 95 6.33 -4.52 23.99
CA ALA E 95 5.14 -3.70 24.16
C ALA E 95 5.38 -2.50 25.07
N ARG E 96 6.50 -2.46 25.79
CA ARG E 96 6.79 -1.35 26.67
C ARG E 96 7.33 -0.15 25.92
N GLN E 97 7.71 -0.30 24.66
CA GLN E 97 8.19 0.79 23.83
C GLN E 97 7.06 1.22 22.91
N ASP E 98 6.19 2.09 23.43
CA ASP E 98 4.94 2.42 22.76
C ASP E 98 4.79 3.91 22.43
N ARG E 99 5.80 4.73 22.68
CA ARG E 99 5.72 6.15 22.38
C ARG E 99 7.13 6.74 22.43
N ARG E 100 7.24 7.99 22.04
CA ARG E 100 8.47 8.77 22.17
C ARG E 100 8.22 9.86 23.18
N VAL E 101 8.77 9.72 24.39
CA VAL E 101 8.56 10.72 25.42
C VAL E 101 9.46 11.91 25.15
N ARG E 102 8.85 13.10 25.08
CA ARG E 102 9.57 14.35 24.84
C ARG E 102 10.30 14.35 23.50
N SER E 103 9.74 13.64 22.52
CA SER E 103 10.30 13.56 21.18
C SER E 103 11.75 13.10 21.21
N ALA E 104 12.05 12.19 22.13
CA ALA E 104 13.37 11.58 22.15
C ALA E 104 13.56 10.75 20.89
N ARG E 105 14.80 10.64 20.45
CA ARG E 105 15.09 9.95 19.19
C ARG E 105 15.17 8.43 19.44
N VAL E 106 14.02 7.87 19.76
CA VAL E 106 13.87 6.45 20.03
C VAL E 106 12.85 5.91 19.04
N PRO E 107 12.82 4.60 18.84
CA PRO E 107 11.77 4.01 18.01
C PRO E 107 10.50 3.74 18.81
N ILE E 108 9.42 3.51 18.08
CA ILE E 108 8.23 2.92 18.67
C ILE E 108 8.19 1.47 18.21
N THR E 109 8.79 0.58 18.99
CA THR E 109 9.10 -0.75 18.50
C THR E 109 7.86 -1.63 18.46
N ALA E 110 6.87 -1.35 19.30
CA ALA E 110 5.62 -2.08 19.22
C ALA E 110 4.92 -1.84 17.88
N LYS E 111 5.00 -0.61 17.37
CA LYS E 111 4.44 -0.32 16.05
C LYS E 111 5.20 -1.04 14.96
N VAL E 112 6.52 -1.17 15.12
CA VAL E 112 7.32 -1.90 14.13
C VAL E 112 6.93 -3.36 14.10
N VAL E 113 6.76 -3.97 15.27
CA VAL E 113 6.36 -5.38 15.34
C VAL E 113 4.96 -5.57 14.75
N ALA E 114 4.04 -4.64 15.05
CA ALA E 114 2.70 -4.72 14.48
C ALA E 114 2.74 -4.61 12.97
N ASP E 115 3.58 -3.74 12.43
CA ASP E 115 3.70 -3.62 10.98
C ASP E 115 4.28 -4.88 10.35
N PHE E 116 5.27 -5.50 11.00
CA PHE E 116 5.81 -6.75 10.47
C PHE E 116 4.74 -7.83 10.42
N LEU E 117 3.95 -7.95 11.49
CA LEU E 117 2.89 -8.95 11.52
C LEU E 117 1.83 -8.69 10.46
N SER E 118 1.47 -7.42 10.26
CA SER E 118 0.55 -7.10 9.19
C SER E 118 1.16 -7.34 7.82
N SER E 119 2.47 -7.21 7.68
CA SER E 119 3.13 -7.38 6.40
C SER E 119 3.16 -8.84 5.97
N VAL E 120 3.50 -9.75 6.88
CA VAL E 120 3.54 -11.15 6.46
C VAL E 120 2.17 -11.77 6.29
N GLY E 121 1.10 -11.12 6.73
CA GLY E 121 -0.23 -11.60 6.41
C GLY E 121 -1.03 -12.21 7.55
N VAL E 122 -0.86 -11.70 8.76
CA VAL E 122 -1.69 -12.14 9.87
C VAL E 122 -3.07 -11.51 9.74
N ASP E 123 -4.11 -12.29 10.03
CA ASP E 123 -5.47 -11.81 9.93
C ASP E 123 -6.11 -11.43 11.26
N ARG E 124 -5.55 -11.87 12.38
CA ARG E 124 -6.15 -11.64 13.69
C ARG E 124 -5.10 -11.93 14.74
N VAL E 125 -5.14 -11.16 15.82
CA VAL E 125 -4.20 -11.32 16.93
C VAL E 125 -5.00 -11.50 18.21
N LEU E 126 -4.53 -12.39 19.08
CA LEU E 126 -5.14 -12.63 20.38
C LEU E 126 -4.05 -12.63 21.42
N THR E 127 -4.12 -11.69 22.37
CA THR E 127 -3.10 -11.54 23.40
C THR E 127 -3.75 -11.55 24.78
N VAL E 128 -2.90 -11.59 25.80
CA VAL E 128 -3.32 -11.55 27.19
C VAL E 128 -2.63 -10.37 27.86
N ASP E 129 -3.42 -9.45 28.41
CA ASP E 129 -2.95 -8.36 29.27
C ASP E 129 -1.86 -7.54 28.60
N LEU E 130 -2.22 -6.85 27.52
CA LEU E 130 -1.29 -5.96 26.86
C LEU E 130 -0.80 -4.89 27.82
N HIS E 131 0.48 -4.52 27.71
CA HIS E 131 1.02 -3.49 28.59
C HIS E 131 0.27 -2.17 28.42
N ALA E 132 0.05 -1.75 27.18
CA ALA E 132 -0.79 -0.61 26.86
C ALA E 132 -1.93 -1.08 25.97
N GLU E 133 -3.16 -0.77 26.37
CA GLU E 133 -4.31 -1.22 25.58
C GLU E 133 -4.42 -0.51 24.24
N GLN E 134 -3.74 0.62 24.06
CA GLN E 134 -3.79 1.31 22.78
C GLN E 134 -3.04 0.56 21.68
N ILE E 135 -2.24 -0.44 22.03
CA ILE E 135 -1.58 -1.26 21.03
C ILE E 135 -2.60 -1.99 20.16
N GLN E 136 -3.84 -2.10 20.62
CA GLN E 136 -4.92 -2.55 19.75
C GLN E 136 -5.03 -1.70 18.50
N GLY E 137 -4.71 -0.42 18.61
CA GLY E 137 -4.75 0.47 17.47
C GLY E 137 -3.53 0.46 16.59
N PHE E 138 -2.50 -0.30 16.95
CA PHE E 138 -1.32 -0.38 16.10
C PHE E 138 -1.50 -1.36 14.96
N PHE E 139 -2.61 -2.09 14.90
CA PHE E 139 -2.89 -3.04 13.85
C PHE E 139 -4.05 -2.57 12.98
N ASP E 140 -4.11 -3.11 11.77
CA ASP E 140 -5.31 -2.97 10.94
C ASP E 140 -6.25 -4.15 11.05
N VAL E 141 -5.87 -5.19 11.80
CA VAL E 141 -6.68 -6.38 11.97
C VAL E 141 -7.32 -6.35 13.35
N PRO E 142 -8.39 -7.12 13.58
CA PRO E 142 -8.93 -7.20 14.94
C PRO E 142 -7.92 -7.75 15.92
N VAL E 143 -7.87 -7.15 17.10
CA VAL E 143 -7.00 -7.60 18.18
C VAL E 143 -7.86 -7.78 19.41
N ASP E 144 -7.82 -8.97 19.99
CA ASP E 144 -8.60 -9.28 21.19
C ASP E 144 -7.64 -9.35 22.36
N ASN E 145 -7.77 -8.40 23.27
CA ASN E 145 -6.89 -8.28 24.43
C ASN E 145 -7.64 -8.84 25.64
N VAL E 146 -7.34 -10.08 26.00
CA VAL E 146 -8.06 -10.81 27.03
C VAL E 146 -7.39 -10.58 28.37
N PHE E 147 -8.19 -10.21 29.37
CA PHE E 147 -7.66 -9.95 30.69
C PHE E 147 -7.43 -11.25 31.45
N GLY E 148 -6.33 -11.32 32.16
CA GLY E 148 -6.02 -12.49 32.96
C GLY E 148 -6.55 -12.44 34.37
N SER E 149 -7.28 -11.40 34.71
CA SER E 149 -7.77 -11.15 36.05
C SER E 149 -8.79 -12.17 36.57
N PRO E 150 -9.58 -12.86 35.74
CA PRO E 150 -10.46 -13.90 36.32
C PRO E 150 -9.71 -14.99 37.07
N ILE E 151 -8.64 -15.52 36.50
CA ILE E 151 -7.87 -16.57 37.18
C ILE E 151 -7.24 -16.05 38.45
N LEU E 152 -6.61 -14.89 38.38
CA LEU E 152 -5.96 -14.32 39.55
C LEU E 152 -6.97 -14.00 40.63
N LEU E 153 -8.12 -13.48 40.26
CA LEU E 153 -9.14 -13.17 41.26
C LEU E 153 -9.69 -14.44 41.90
N GLU E 154 -9.91 -15.48 41.10
CA GLU E 154 -10.37 -16.74 41.66
C GLU E 154 -9.34 -17.30 42.62
N ASP E 155 -8.07 -16.98 42.41
CA ASP E 155 -7.06 -17.44 43.36
C ASP E 155 -6.98 -16.54 44.60
N MET E 156 -7.19 -15.24 44.43
CA MET E 156 -7.17 -14.33 45.58
C MET E 156 -8.29 -14.64 46.54
N LEU E 157 -9.48 -14.95 46.02
CA LEU E 157 -10.61 -15.18 46.88
C LEU E 157 -10.47 -16.43 47.73
N GLN E 158 -9.44 -17.26 47.47
CA GLN E 158 -9.19 -18.45 48.26
C GLN E 158 -8.08 -18.24 49.28
N LEU E 159 -7.81 -17.00 49.67
CA LEU E 159 -6.78 -16.71 50.66
C LEU E 159 -7.34 -16.28 52.01
N ASN E 160 -8.59 -15.81 52.04
CA ASN E 160 -9.25 -15.38 53.27
C ASN E 160 -8.44 -14.30 53.97
N LEU E 161 -8.18 -13.23 53.24
CA LEU E 161 -7.41 -12.11 53.76
C LEU E 161 -8.25 -11.29 54.74
N ASP E 162 -7.56 -10.62 55.65
CA ASP E 162 -8.20 -9.84 56.71
C ASP E 162 -8.26 -8.38 56.27
N ASN E 163 -9.39 -8.01 55.68
CA ASN E 163 -9.61 -6.66 55.18
C ASN E 163 -8.50 -6.22 54.22
N PRO E 164 -8.35 -6.89 53.08
CA PRO E 164 -7.21 -6.61 52.20
C PRO E 164 -7.33 -5.26 51.53
N ILE E 165 -6.17 -4.72 51.17
CA ILE E 165 -6.07 -3.49 50.40
C ILE E 165 -5.22 -3.78 49.17
N VAL E 166 -5.65 -3.27 48.02
CA VAL E 166 -4.97 -3.52 46.76
C VAL E 166 -4.04 -2.35 46.45
N VAL E 167 -2.77 -2.66 46.23
CA VAL E 167 -1.73 -1.65 46.03
C VAL E 167 -1.14 -1.83 44.63
N SER E 168 -0.96 -0.74 43.93
CA SER E 168 -0.23 -0.78 42.67
C SER E 168 1.21 -0.36 42.90
N PRO E 169 2.20 -1.16 42.49
CA PRO E 169 3.59 -0.81 42.79
C PRO E 169 4.06 0.47 42.13
N ASP E 170 3.40 0.95 41.08
CA ASP E 170 3.83 2.18 40.42
C ASP E 170 2.61 2.91 39.89
N ILE E 171 2.87 4.04 39.23
CA ILE E 171 1.80 4.90 38.74
C ILE E 171 1.16 4.33 37.49
N GLY E 172 1.88 3.50 36.73
CA GLY E 172 1.32 2.96 35.51
C GLY E 172 0.33 1.83 35.71
N GLY E 173 0.30 1.22 36.89
CA GLY E 173 -0.57 0.12 37.17
C GLY E 173 -1.86 0.46 37.88
N VAL E 174 -2.23 1.74 37.93
CA VAL E 174 -3.35 2.16 38.75
C VAL E 174 -4.67 1.66 38.19
N VAL E 175 -4.83 1.63 36.87
CA VAL E 175 -6.09 1.21 36.27
C VAL E 175 -6.34 -0.27 36.55
N ARG E 176 -5.31 -1.09 36.39
CA ARG E 176 -5.44 -2.51 36.68
C ARG E 176 -5.70 -2.74 38.17
N ALA E 177 -5.00 -2.00 39.02
CA ALA E 177 -5.24 -2.13 40.46
C ALA E 177 -6.67 -1.76 40.83
N ARG E 178 -7.20 -0.71 40.22
CA ARG E 178 -8.57 -0.31 40.50
C ARG E 178 -9.56 -1.37 40.04
N ALA E 179 -9.33 -1.96 38.87
CA ALA E 179 -10.22 -3.02 38.41
C ALA E 179 -10.22 -4.20 39.38
N ILE E 180 -9.03 -4.61 39.82
CA ILE E 180 -8.96 -5.72 40.77
C ILE E 180 -9.64 -5.34 42.08
N ALA E 181 -9.44 -4.11 42.54
CA ALA E 181 -10.06 -3.68 43.80
C ALA E 181 -11.58 -3.70 43.71
N LYS E 182 -12.13 -3.27 42.57
CA LYS E 182 -13.58 -3.36 42.40
C LYS E 182 -14.04 -4.81 42.40
N LEU E 183 -13.28 -5.70 41.74
CA LEU E 183 -13.69 -7.10 41.70
C LEU E 183 -13.57 -7.78 43.05
N LEU E 184 -12.64 -7.36 43.89
CA LEU E 184 -12.31 -8.06 45.13
C LEU E 184 -13.18 -7.52 46.26
N ASN E 185 -14.49 -7.67 46.09
CA ASN E 185 -15.49 -7.22 47.05
C ASN E 185 -15.45 -5.71 47.28
N ASP E 186 -14.93 -4.96 46.30
CA ASP E 186 -14.93 -3.50 46.34
C ASP E 186 -14.20 -2.96 47.58
N THR E 187 -12.91 -3.24 47.65
CA THR E 187 -12.09 -2.81 48.78
C THR E 187 -11.42 -1.46 48.48
N ASP E 188 -10.50 -1.07 49.36
CA ASP E 188 -9.74 0.16 49.23
C ASP E 188 -8.58 -0.04 48.28
N MET E 189 -7.94 1.07 47.91
CA MET E 189 -6.80 1.03 47.02
C MET E 189 -5.75 2.02 47.51
N ALA E 190 -4.48 1.64 47.38
CA ALA E 190 -3.36 2.51 47.70
C ALA E 190 -2.35 2.43 46.57
N ILE E 191 -1.53 3.46 46.44
CA ILE E 191 -0.61 3.59 45.31
C ILE E 191 0.77 3.93 45.82
N ILE E 192 1.78 3.30 45.26
CA ILE E 192 3.17 3.60 45.55
C ILE E 192 3.65 4.67 44.58
N ASP E 193 4.21 5.75 45.11
CA ASP E 193 4.75 6.84 44.31
C ASP E 193 6.23 6.97 44.61
N LYS E 194 7.06 6.97 43.57
CA LYS E 194 8.51 7.03 43.72
C LYS E 194 9.01 8.37 43.20
N ARG E 195 9.88 9.01 43.97
CA ARG E 195 10.36 10.35 43.67
C ARG E 195 11.87 10.39 43.77
N ARG E 196 12.46 11.36 43.07
CA ARG E 196 13.89 11.65 43.14
C ARG E 196 14.74 10.43 42.80
N GLN E 203 14.33 6.69 44.58
CA GLN E 203 14.83 6.94 45.93
C GLN E 203 13.73 6.70 46.96
N VAL E 204 13.24 7.78 47.58
CA VAL E 204 12.20 7.64 48.59
C VAL E 204 10.88 7.28 47.93
N MET E 205 10.13 6.37 48.55
CA MET E 205 8.83 5.95 48.07
C MET E 205 7.74 6.44 49.00
N HIS E 206 6.76 7.14 48.45
CA HIS E 206 5.60 7.62 49.18
C HIS E 206 4.44 6.70 48.89
N ILE E 207 3.60 6.47 49.90
CA ILE E 207 2.39 5.69 49.72
C ILE E 207 1.20 6.62 49.90
N ILE E 208 0.37 6.71 48.87
CA ILE E 208 -0.86 7.49 48.91
C ILE E 208 -1.97 6.53 49.33
N GLY E 209 -2.48 6.68 50.55
CA GLY E 209 -3.46 5.76 51.09
C GLY E 209 -3.02 5.23 52.44
N ASP E 210 -3.88 4.47 53.12
CA ASP E 210 -3.59 3.94 54.44
C ASP E 210 -3.40 2.43 54.37
N VAL E 211 -2.23 1.96 54.80
CA VAL E 211 -1.90 0.54 54.74
C VAL E 211 -1.57 -0.03 56.12
N ALA E 212 -1.90 0.69 57.18
CA ALA E 212 -1.52 0.27 58.53
C ALA E 212 -2.36 -0.92 58.97
N GLY E 213 -1.69 -2.03 59.27
CA GLY E 213 -2.37 -3.19 59.82
C GLY E 213 -3.36 -3.85 58.89
N ARG E 214 -3.03 -3.95 57.61
CA ARG E 214 -3.89 -4.58 56.62
C ARG E 214 -3.06 -5.52 55.77
N ASP E 215 -3.72 -6.53 55.21
CA ASP E 215 -3.09 -7.39 54.23
C ASP E 215 -3.04 -6.68 52.89
N CYS E 216 -1.85 -6.60 52.30
CA CYS E 216 -1.62 -5.85 51.08
C CYS E 216 -1.46 -6.80 49.92
N VAL E 217 -2.13 -6.49 48.80
CA VAL E 217 -2.07 -7.31 47.60
C VAL E 217 -1.51 -6.44 46.48
N LEU E 218 -0.26 -6.67 46.12
CA LEU E 218 0.34 -5.97 44.99
C LEU E 218 -0.08 -6.65 43.69
N VAL E 219 -0.54 -5.86 42.73
CA VAL E 219 -0.94 -6.39 41.43
C VAL E 219 -0.17 -5.65 40.34
N ASP E 220 0.39 -6.40 39.40
CA ASP E 220 1.09 -5.80 38.27
C ASP E 220 0.83 -6.64 37.03
N ASP E 221 1.32 -6.16 35.89
CA ASP E 221 1.15 -6.94 34.68
C ASP E 221 2.35 -7.81 34.36
N MET E 222 3.53 -7.45 34.85
CA MET E 222 4.70 -8.30 34.65
C MET E 222 5.61 -8.19 35.87
N ILE E 223 6.53 -9.13 35.96
CA ILE E 223 7.65 -9.06 36.89
C ILE E 223 8.89 -9.30 36.05
N ASP E 224 9.67 -8.25 35.80
CA ASP E 224 10.84 -8.41 34.95
C ASP E 224 12.09 -8.68 35.79
N THR E 225 12.47 -7.74 36.64
CA THR E 225 13.59 -7.93 37.55
C THR E 225 13.17 -8.00 39.01
N GLY E 226 11.91 -7.75 39.31
CA GLY E 226 11.47 -7.70 40.68
C GLY E 226 11.88 -6.46 41.43
N GLY E 227 12.45 -5.46 40.76
CA GLY E 227 12.90 -4.27 41.46
C GLY E 227 11.77 -3.49 42.08
N THR E 228 10.82 -3.06 41.25
CA THR E 228 9.69 -2.29 41.78
C THR E 228 8.89 -3.11 42.79
N LEU E 229 8.72 -4.39 42.52
CA LEU E 229 7.93 -5.24 43.41
C LEU E 229 8.57 -5.37 44.78
N CYS E 230 9.85 -5.73 44.81
CA CYS E 230 10.54 -5.89 46.09
C CYS E 230 10.61 -4.58 46.85
N LYS E 231 10.91 -3.48 46.14
CA LYS E 231 10.98 -2.18 46.81
C LYS E 231 9.64 -1.77 47.40
N ALA E 232 8.56 -1.98 46.64
CA ALA E 232 7.23 -1.63 47.14
C ALA E 232 6.86 -2.50 48.35
N ALA E 233 7.22 -3.78 48.32
CA ALA E 233 6.95 -4.63 49.47
C ALA E 233 7.70 -4.14 50.69
N GLU E 234 8.97 -3.75 50.52
CA GLU E 234 9.73 -3.22 51.65
C GLU E 234 9.06 -1.97 52.22
N ALA E 235 8.63 -1.06 51.34
CA ALA E 235 7.95 0.15 51.81
C ALA E 235 6.69 -0.19 52.57
N LEU E 236 5.88 -1.11 52.04
CA LEU E 236 4.63 -1.48 52.68
C LEU E 236 4.88 -2.07 54.06
N LYS E 237 5.88 -2.94 54.18
CA LYS E 237 6.13 -3.54 55.48
C LYS E 237 6.70 -2.53 56.46
N GLU E 238 7.47 -1.55 55.99
CA GLU E 238 8.05 -0.60 56.93
C GLU E 238 7.10 0.55 57.22
N ARG E 239 5.93 0.58 56.57
CA ARG E 239 4.78 1.32 57.10
C ARG E 239 3.75 0.40 57.73
N GLY E 240 4.17 -0.79 58.18
CA GLY E 240 3.30 -1.63 58.98
C GLY E 240 2.13 -2.28 58.27
N ALA E 241 2.43 -3.22 57.38
CA ALA E 241 1.42 -4.08 56.78
C ALA E 241 1.67 -5.51 57.22
N LYS E 242 0.58 -6.26 57.45
CA LYS E 242 0.73 -7.59 58.03
C LYS E 242 1.38 -8.56 57.04
N ARG E 243 0.73 -8.79 55.90
CA ARG E 243 1.26 -9.67 54.87
C ARG E 243 1.16 -9.00 53.52
N VAL E 244 2.08 -9.34 52.63
CA VAL E 244 2.10 -8.82 51.27
C VAL E 244 2.12 -9.98 50.29
N PHE E 245 1.21 -9.95 49.33
CA PHE E 245 1.15 -10.94 48.26
C PHE E 245 1.31 -10.22 46.94
N ALA E 246 2.05 -10.82 46.02
CA ALA E 246 2.29 -10.26 44.71
C ALA E 246 1.54 -11.08 43.68
N TYR E 247 0.87 -10.41 42.76
CA TYR E 247 0.00 -11.04 41.77
C TYR E 247 0.30 -10.41 40.42
N ALA E 248 0.87 -11.19 39.51
CA ALA E 248 1.23 -10.69 38.20
C ALA E 248 0.71 -11.66 37.14
N THR E 249 0.86 -11.25 35.89
CA THR E 249 0.41 -12.09 34.79
C THR E 249 1.56 -12.69 33.99
N HIS E 250 2.54 -11.87 33.63
CA HIS E 250 3.64 -12.31 32.78
C HIS E 250 4.90 -12.51 33.61
N PRO E 251 5.39 -13.72 33.77
CA PRO E 251 6.61 -13.98 34.55
C PRO E 251 7.90 -13.92 33.73
N ILE E 252 8.35 -12.70 33.45
CA ILE E 252 9.55 -12.53 32.65
C ILE E 252 10.78 -13.00 33.42
N PHE E 253 10.95 -12.52 34.65
CA PHE E 253 12.01 -12.95 35.55
C PHE E 253 13.38 -12.93 34.89
N SER E 254 13.82 -11.73 34.53
CA SER E 254 15.10 -11.55 33.88
C SER E 254 16.11 -10.94 34.83
N GLY E 255 17.38 -11.09 34.49
CA GLY E 255 18.46 -10.53 35.29
C GLY E 255 18.61 -11.21 36.64
N ASN E 256 18.58 -10.42 37.71
CA ASN E 256 18.78 -10.91 39.07
C ASN E 256 17.48 -11.21 39.78
N ALA E 257 16.45 -11.63 39.05
CA ALA E 257 15.12 -11.79 39.64
C ALA E 257 15.12 -12.85 40.74
N ALA E 258 15.83 -13.96 40.53
CA ALA E 258 15.81 -15.03 41.52
C ALA E 258 16.36 -14.55 42.85
N ASN E 259 17.48 -13.84 42.85
CA ASN E 259 18.05 -13.35 44.09
C ASN E 259 17.19 -12.26 44.71
N ASN E 260 16.60 -11.40 43.88
CA ASN E 260 15.74 -10.35 44.41
C ASN E 260 14.52 -10.93 45.11
N LEU E 261 13.92 -11.96 44.51
CA LEU E 261 12.76 -12.58 45.14
C LEU E 261 13.13 -13.40 46.35
N ARG E 262 14.29 -14.07 46.32
CA ARG E 262 14.70 -14.87 47.47
C ARG E 262 14.94 -14.00 48.69
N ASN E 263 15.66 -12.90 48.53
CA ASN E 263 15.96 -12.00 49.63
C ASN E 263 14.94 -10.88 49.73
N SER E 264 13.66 -11.23 49.81
CA SER E 264 12.59 -10.26 49.85
C SER E 264 11.63 -10.60 50.99
N VAL E 265 10.66 -9.73 51.19
CA VAL E 265 9.69 -9.89 52.27
C VAL E 265 8.32 -10.30 51.75
N ILE E 266 8.20 -10.57 50.46
CA ILE E 266 6.93 -10.99 49.88
C ILE E 266 6.63 -12.41 50.33
N ASP E 267 5.43 -12.62 50.87
CA ASP E 267 5.09 -13.93 51.39
C ASP E 267 4.77 -14.93 50.28
N GLU E 268 4.20 -14.46 49.18
CA GLU E 268 3.79 -15.36 48.10
C GLU E 268 3.70 -14.58 46.81
N VAL E 269 4.27 -15.12 45.75
CA VAL E 269 4.20 -14.54 44.41
C VAL E 269 3.44 -15.51 43.52
N VAL E 270 2.37 -15.05 42.89
CA VAL E 270 1.54 -15.88 42.04
C VAL E 270 1.55 -15.28 40.64
N VAL E 271 1.82 -16.13 39.65
CA VAL E 271 1.94 -15.70 38.26
C VAL E 271 1.14 -16.63 37.37
N CYS E 272 0.94 -16.21 36.13
CA CYS E 272 0.32 -17.06 35.13
C CYS E 272 1.41 -17.81 34.36
N ASP E 273 1.05 -18.46 33.27
CA ASP E 273 1.99 -19.31 32.55
C ASP E 273 2.17 -18.86 31.10
N THR E 274 2.05 -17.56 30.85
CA THR E 274 2.27 -17.06 29.49
C THR E 274 3.74 -17.16 29.07
N ILE E 275 4.65 -17.33 30.02
CA ILE E 275 6.07 -17.55 29.74
C ILE E 275 6.52 -18.73 30.58
N PRO E 276 7.27 -19.68 30.03
CA PRO E 276 7.75 -20.80 30.86
C PRO E 276 8.75 -20.33 31.91
N LEU E 277 8.74 -20.99 33.06
CA LEU E 277 9.63 -20.64 34.15
C LEU E 277 10.97 -21.36 34.02
N SER E 278 12.02 -20.72 34.51
CA SER E 278 13.34 -21.32 34.52
C SER E 278 13.48 -22.28 35.70
N ASP E 279 14.66 -22.89 35.81
CA ASP E 279 14.88 -23.85 36.89
C ASP E 279 15.09 -23.13 38.22
N GLU E 280 15.86 -22.05 38.22
CA GLU E 280 16.12 -21.33 39.47
C GLU E 280 14.84 -20.78 40.05
N ILE E 281 13.89 -20.39 39.20
CA ILE E 281 12.64 -19.84 39.70
C ILE E 281 11.74 -20.94 40.21
N LYS E 282 11.69 -22.07 39.52
CA LYS E 282 10.94 -23.21 40.02
C LYS E 282 11.48 -23.73 41.34
N SER E 283 12.78 -23.58 41.59
CA SER E 283 13.34 -23.99 42.87
C SER E 283 12.85 -23.13 44.03
N LEU E 284 12.43 -21.90 43.76
CA LEU E 284 11.99 -21.01 44.83
C LEU E 284 10.74 -21.57 45.50
N PRO E 285 10.63 -21.45 46.83
CA PRO E 285 9.50 -22.07 47.52
C PRO E 285 8.24 -21.21 47.57
N ASN E 286 8.33 -19.91 47.30
CA ASN E 286 7.19 -19.02 47.45
C ASN E 286 6.72 -18.44 46.12
N VAL E 287 7.03 -19.12 45.01
CA VAL E 287 6.57 -18.70 43.69
C VAL E 287 5.65 -19.79 43.16
N ARG E 288 4.41 -19.42 42.86
CA ARG E 288 3.38 -20.35 42.47
C ARG E 288 2.77 -19.93 41.14
N THR E 289 2.29 -20.90 40.37
CA THR E 289 1.87 -20.68 39.00
C THR E 289 0.43 -21.13 38.79
N LEU E 290 -0.34 -20.28 38.13
CA LEU E 290 -1.67 -20.60 37.64
C LEU E 290 -1.58 -20.86 36.14
N THR E 291 -2.66 -21.38 35.57
CA THR E 291 -2.65 -21.72 34.15
C THR E 291 -3.73 -20.95 33.41
N LEU E 292 -3.42 -20.56 32.18
CA LEU E 292 -4.34 -19.84 31.32
C LEU E 292 -4.83 -20.69 30.16
N SER E 293 -4.56 -22.00 30.18
CA SER E 293 -4.86 -22.82 29.00
C SER E 293 -6.36 -22.93 28.77
N GLY E 294 -7.16 -22.98 29.83
CA GLY E 294 -8.60 -23.05 29.64
C GLY E 294 -9.18 -21.80 29.01
N MET E 295 -8.73 -20.65 29.48
CA MET E 295 -9.22 -19.38 28.94
C MET E 295 -8.81 -19.22 27.48
N LEU E 296 -7.57 -19.54 27.15
CA LEU E 296 -7.13 -19.43 25.76
C LEU E 296 -7.82 -20.45 24.88
N ALA E 297 -8.05 -21.65 25.39
CA ALA E 297 -8.77 -22.65 24.60
C ALA E 297 -10.18 -22.20 24.29
N GLU E 298 -10.88 -21.63 25.27
CA GLU E 298 -12.22 -21.13 25.01
C GLU E 298 -12.21 -19.97 24.03
N ALA E 299 -11.23 -19.09 24.12
CA ALA E 299 -11.17 -17.98 23.16
C ALA E 299 -10.91 -18.50 21.75
N ILE E 300 -10.02 -19.47 21.60
CA ILE E 300 -9.75 -20.05 20.28
C ILE E 300 -11.01 -20.73 19.74
N ARG E 301 -11.72 -21.43 20.61
CA ARG E 301 -12.94 -22.10 20.21
C ARG E 301 -13.99 -21.11 19.74
N ARG E 302 -14.12 -19.98 20.44
CA ARG E 302 -15.11 -18.98 20.04
C ARG E 302 -14.70 -18.30 18.74
N ILE E 303 -13.42 -18.05 18.53
CA ILE E 303 -12.99 -17.43 17.28
C ILE E 303 -13.23 -18.37 16.11
N SER E 304 -12.98 -19.66 16.32
CA SER E 304 -13.09 -20.61 15.21
C SER E 304 -14.53 -20.82 14.77
N ASN E 305 -15.50 -20.57 15.66
CA ASN E 305 -16.90 -20.88 15.39
C ASN E 305 -17.76 -19.67 15.08
N GLU E 306 -17.17 -18.52 14.81
CA GLU E 306 -17.92 -17.28 14.53
C GLU E 306 -18.82 -16.91 15.71
N GLU E 307 -18.36 -17.15 16.92
CA GLU E 307 -19.12 -16.85 18.12
C GLU E 307 -18.64 -15.55 18.75
N SER E 308 -19.50 -14.96 19.58
CA SER E 308 -19.15 -13.73 20.25
C SER E 308 -18.03 -13.95 21.25
N ILE E 309 -17.04 -13.06 21.24
CA ILE E 309 -15.90 -13.17 22.15
C ILE E 309 -16.14 -12.45 23.46
N SER E 310 -17.21 -11.66 23.58
CA SER E 310 -17.44 -10.86 24.77
C SER E 310 -17.69 -11.71 26.01
N ALA E 311 -18.10 -12.96 25.85
CA ALA E 311 -18.33 -13.81 27.01
C ALA E 311 -17.05 -14.15 27.75
N MET E 312 -15.89 -13.85 27.17
CA MET E 312 -14.61 -14.16 27.78
C MET E 312 -14.23 -13.20 28.90
N PHE E 313 -15.00 -12.13 29.09
CA PHE E 313 -14.67 -11.07 30.04
C PHE E 313 -15.58 -11.11 31.26
N GLU E 314 -16.11 -12.28 31.56
CA GLU E 314 -17.03 -12.49 32.66
C GLU E 314 -16.29 -13.09 33.84
N HIS E 315 -16.73 -12.76 35.05
CA HIS E 315 -16.11 -13.29 36.26
C HIS E 315 -17.07 -14.20 37.02
N ASP F 3 -16.75 -23.89 -8.20
CA ASP F 3 -17.15 -23.39 -9.51
C ASP F 3 -15.94 -23.02 -10.35
N MET F 4 -15.36 -24.01 -11.01
CA MET F 4 -14.18 -23.79 -11.83
C MET F 4 -14.58 -23.34 -13.23
N LYS F 5 -14.09 -22.17 -13.64
CA LYS F 5 -14.26 -21.69 -15.00
C LYS F 5 -12.90 -21.43 -15.61
N LEU F 6 -12.75 -21.78 -16.89
CA LEU F 6 -11.53 -21.54 -17.63
C LEU F 6 -11.79 -20.44 -18.66
N PHE F 7 -10.87 -19.50 -18.77
CA PHE F 7 -10.91 -18.49 -19.81
C PHE F 7 -9.58 -18.52 -20.54
N ALA F 8 -9.61 -18.20 -21.82
CA ALA F 8 -8.41 -18.21 -22.64
C ALA F 8 -8.28 -16.88 -23.37
N GLY F 9 -7.04 -16.44 -23.52
CA GLY F 9 -6.72 -15.31 -24.37
C GLY F 9 -6.45 -15.76 -25.79
N ASN F 10 -5.80 -14.89 -26.55
CA ASN F 10 -5.49 -15.18 -27.94
C ASN F 10 -4.11 -15.77 -28.14
N ALA F 11 -3.31 -15.90 -27.08
CA ALA F 11 -1.94 -16.36 -27.24
C ALA F 11 -1.87 -17.86 -27.46
N THR F 12 -2.50 -18.64 -26.57
CA THR F 12 -2.48 -20.10 -26.64
C THR F 12 -3.90 -20.63 -26.55
N PRO F 13 -4.70 -20.44 -27.61
CA PRO F 13 -6.07 -20.94 -27.55
C PRO F 13 -6.17 -22.44 -27.73
N GLU F 14 -5.28 -23.04 -28.52
CA GLU F 14 -5.38 -24.46 -28.80
C GLU F 14 -4.96 -25.27 -27.58
N LEU F 15 -3.92 -24.82 -26.88
CA LEU F 15 -3.54 -25.44 -25.61
C LEU F 15 -4.65 -25.32 -24.58
N ALA F 16 -5.31 -24.16 -24.52
CA ALA F 16 -6.42 -24.00 -23.60
C ALA F 16 -7.54 -24.96 -23.92
N GLN F 17 -7.79 -25.21 -25.21
CA GLN F 17 -8.78 -26.20 -25.58
C GLN F 17 -8.37 -27.60 -25.14
N ARG F 18 -7.09 -27.97 -25.30
CA ARG F 18 -6.69 -29.29 -24.86
C ARG F 18 -6.83 -29.44 -23.35
N ILE F 19 -6.46 -28.41 -22.60
CA ILE F 19 -6.59 -28.47 -21.14
C ILE F 19 -8.05 -28.59 -20.74
N ALA F 20 -8.93 -27.83 -21.42
CA ALA F 20 -10.35 -27.95 -21.14
C ALA F 20 -10.87 -29.35 -21.43
N ASN F 21 -10.43 -29.95 -22.53
CA ASN F 21 -10.86 -31.29 -22.88
C ASN F 21 -10.44 -32.29 -21.81
N ARG F 22 -9.20 -32.19 -21.32
CA ARG F 22 -8.75 -33.12 -20.29
C ARG F 22 -9.46 -32.91 -18.96
N LEU F 23 -10.04 -31.74 -18.73
CA LEU F 23 -10.82 -31.50 -17.53
C LEU F 23 -12.30 -31.74 -17.73
N TYR F 24 -12.71 -32.14 -18.94
CA TYR F 24 -14.12 -32.44 -19.23
C TYR F 24 -15.02 -31.25 -18.95
N THR F 25 -14.52 -30.05 -19.21
CA THR F 25 -15.33 -28.83 -19.16
C THR F 25 -15.18 -28.08 -20.48
N SER F 26 -15.71 -26.87 -20.54
CA SER F 26 -15.58 -26.04 -21.72
C SER F 26 -15.05 -24.67 -21.34
N LEU F 27 -14.41 -24.02 -22.30
CA LEU F 27 -13.89 -22.67 -22.07
C LEU F 27 -15.04 -21.69 -21.88
N GLY F 28 -14.88 -20.79 -20.91
CA GLY F 28 -15.90 -19.80 -20.66
C GLY F 28 -16.03 -18.80 -21.79
N ASP F 29 -17.18 -18.14 -21.83
CA ASP F 29 -17.51 -17.23 -22.91
C ASP F 29 -16.98 -15.85 -22.56
N ALA F 30 -15.96 -15.40 -23.29
CA ALA F 30 -15.45 -14.05 -23.19
C ALA F 30 -15.00 -13.60 -24.56
N ALA F 31 -15.36 -12.38 -24.93
CA ALA F 31 -14.95 -11.81 -26.21
C ALA F 31 -13.70 -10.97 -25.99
N VAL F 32 -12.55 -11.52 -26.38
CA VAL F 32 -11.26 -10.86 -26.23
C VAL F 32 -10.74 -10.56 -27.62
N GLY F 33 -10.66 -9.30 -27.97
CA GLY F 33 -10.24 -8.89 -29.30
C GLY F 33 -9.54 -7.57 -29.30
N ARG F 34 -9.50 -6.93 -30.47
CA ARG F 34 -8.85 -5.65 -30.65
C ARG F 34 -9.84 -4.64 -31.18
N PHE F 35 -9.68 -3.39 -30.75
CA PHE F 35 -10.41 -2.30 -31.36
C PHE F 35 -9.75 -1.94 -32.68
N SER F 36 -10.27 -0.89 -33.33
CA SER F 36 -9.76 -0.52 -34.64
C SER F 36 -8.29 -0.11 -34.58
N ASP F 37 -7.90 0.58 -33.51
CA ASP F 37 -6.57 1.17 -33.43
C ASP F 37 -5.55 0.27 -32.74
N GLY F 38 -5.92 -0.96 -32.39
CA GLY F 38 -4.99 -1.89 -31.80
C GLY F 38 -5.11 -2.04 -30.29
N GLU F 39 -6.05 -1.35 -29.66
CA GLU F 39 -6.22 -1.47 -28.23
C GLU F 39 -7.00 -2.73 -27.89
N VAL F 40 -6.67 -3.32 -26.73
CA VAL F 40 -7.27 -4.58 -26.34
C VAL F 40 -8.72 -4.36 -25.92
N SER F 41 -9.62 -5.20 -26.43
CA SER F 41 -11.02 -5.17 -26.07
C SER F 41 -11.37 -6.46 -25.34
N VAL F 42 -12.04 -6.34 -24.20
CA VAL F 42 -12.40 -7.50 -23.39
C VAL F 42 -13.84 -7.35 -22.94
N GLN F 43 -14.62 -8.42 -23.05
CA GLN F 43 -15.94 -8.46 -22.46
C GLN F 43 -16.23 -9.86 -21.95
N ILE F 44 -16.58 -9.97 -20.68
CA ILE F 44 -16.98 -11.25 -20.10
C ILE F 44 -18.47 -11.43 -20.33
N ASN F 45 -18.86 -12.57 -20.86
CA ASN F 45 -20.22 -12.80 -21.31
C ASN F 45 -20.97 -13.80 -20.46
N GLU F 46 -20.61 -13.91 -19.18
CA GLU F 46 -21.32 -14.82 -18.29
C GLU F 46 -21.08 -14.40 -16.85
N ASN F 47 -21.93 -14.91 -15.96
CA ASN F 47 -21.82 -14.60 -14.55
C ASN F 47 -20.62 -15.30 -13.94
N VAL F 48 -19.78 -14.53 -13.25
CA VAL F 48 -18.56 -15.07 -12.66
C VAL F 48 -18.51 -14.74 -11.17
N ARG F 49 -19.63 -14.29 -10.63
CA ARG F 49 -19.67 -13.85 -9.25
C ARG F 49 -19.38 -14.99 -8.30
N GLY F 50 -18.36 -14.83 -7.47
CA GLY F 50 -18.01 -15.82 -6.49
C GLY F 50 -17.28 -17.03 -7.03
N GLY F 51 -17.09 -17.11 -8.34
CA GLY F 51 -16.48 -18.27 -8.95
C GLY F 51 -14.98 -18.31 -8.77
N ASP F 52 -14.42 -19.47 -9.06
CA ASP F 52 -12.98 -19.71 -9.05
C ASP F 52 -12.52 -19.73 -10.49
N ILE F 53 -11.78 -18.72 -10.89
CA ILE F 53 -11.46 -18.47 -12.30
C ILE F 53 -10.02 -18.85 -12.57
N PHE F 54 -9.78 -19.48 -13.71
CA PHE F 54 -8.45 -19.73 -14.23
C PHE F 54 -8.34 -19.07 -15.60
N ILE F 55 -7.24 -18.35 -15.84
CA ILE F 55 -6.96 -17.74 -17.12
C ILE F 55 -5.70 -18.39 -17.67
N ILE F 56 -5.78 -18.93 -18.87
CA ILE F 56 -4.67 -19.61 -19.50
C ILE F 56 -4.15 -18.74 -20.63
N GLN F 57 -2.97 -18.18 -20.45
CA GLN F 57 -2.35 -17.42 -21.52
C GLN F 57 -0.87 -17.21 -21.33
N SER F 58 -0.06 -17.67 -22.28
CA SER F 58 1.36 -17.39 -22.26
C SER F 58 1.63 -15.97 -22.72
N THR F 59 2.69 -15.38 -22.19
CA THR F 59 3.10 -14.04 -22.60
C THR F 59 4.17 -14.13 -23.68
N CYS F 60 3.81 -14.81 -24.76
CA CYS F 60 4.69 -15.06 -25.89
C CYS F 60 4.45 -13.99 -26.96
N ALA F 61 5.21 -14.08 -28.04
CA ALA F 61 5.18 -13.06 -29.08
C ALA F 61 3.86 -13.07 -29.83
N PRO F 62 3.23 -11.90 -30.07
CA PRO F 62 3.59 -10.54 -29.66
C PRO F 62 3.45 -10.28 -28.16
N THR F 63 4.58 -10.05 -27.50
CA THR F 63 4.65 -10.15 -26.05
C THR F 63 3.75 -9.12 -25.37
N ASN F 64 3.78 -7.88 -25.83
CA ASN F 64 3.12 -6.81 -25.09
C ASN F 64 1.61 -6.87 -25.24
N ASP F 65 1.12 -7.26 -26.43
CA ASP F 65 -0.31 -7.43 -26.61
C ASP F 65 -0.84 -8.56 -25.75
N ASN F 66 -0.10 -9.67 -25.65
CA ASN F 66 -0.54 -10.78 -24.82
C ASN F 66 -0.54 -10.41 -23.35
N LEU F 67 0.49 -9.69 -22.90
CA LEU F 67 0.52 -9.23 -21.52
C LEU F 67 -0.64 -8.30 -21.21
N MET F 68 -0.95 -7.38 -22.14
CA MET F 68 -2.05 -6.48 -21.90
C MET F 68 -3.39 -7.21 -21.90
N GLU F 69 -3.56 -8.19 -22.78
CA GLU F 69 -4.77 -9.01 -22.73
C GLU F 69 -4.93 -9.64 -21.37
N LEU F 70 -3.83 -10.18 -20.83
CA LEU F 70 -3.92 -10.86 -19.55
C LEU F 70 -4.33 -9.90 -18.43
N VAL F 71 -3.66 -8.76 -18.32
CA VAL F 71 -3.96 -7.87 -17.21
C VAL F 71 -5.36 -7.26 -17.37
N VAL F 72 -5.78 -7.01 -18.60
CA VAL F 72 -7.09 -6.42 -18.83
C VAL F 72 -8.20 -7.43 -18.53
N MET F 73 -8.01 -8.70 -18.89
CA MET F 73 -8.98 -9.71 -18.48
C MET F 73 -9.05 -9.83 -16.97
N VAL F 74 -7.91 -9.80 -16.29
CA VAL F 74 -7.94 -9.90 -14.84
C VAL F 74 -8.71 -8.72 -14.24
N ASP F 75 -8.51 -7.52 -14.77
CA ASP F 75 -9.23 -6.36 -14.25
C ASP F 75 -10.73 -6.48 -14.50
N ALA F 76 -11.14 -6.89 -15.70
CA ALA F 76 -12.55 -7.04 -15.99
C ALA F 76 -13.18 -8.11 -15.11
N LEU F 77 -12.49 -9.21 -14.88
CA LEU F 77 -13.02 -10.26 -14.01
C LEU F 77 -13.12 -9.78 -12.57
N ARG F 78 -12.16 -9.00 -12.12
CA ARG F 78 -12.11 -8.60 -10.72
C ARG F 78 -13.15 -7.53 -10.43
N ARG F 79 -13.48 -6.67 -11.40
CA ARG F 79 -14.58 -5.73 -11.16
C ARG F 79 -15.95 -6.37 -11.34
N ALA F 80 -16.03 -7.55 -11.93
CA ALA F 80 -17.26 -8.29 -12.04
C ALA F 80 -17.51 -9.17 -10.83
N SER F 81 -16.73 -8.99 -9.77
CA SER F 81 -16.90 -9.68 -8.48
C SER F 81 -16.54 -11.15 -8.56
N ALA F 82 -15.50 -11.49 -9.30
CA ALA F 82 -14.98 -12.85 -9.26
C ALA F 82 -14.39 -13.15 -7.89
N GLY F 83 -14.43 -14.43 -7.53
CA GLY F 83 -13.96 -14.83 -6.21
C GLY F 83 -12.46 -14.90 -6.10
N ARG F 84 -11.85 -15.81 -6.84
CA ARG F 84 -10.42 -16.05 -6.81
C ARG F 84 -9.94 -16.24 -8.23
N ILE F 85 -8.83 -15.60 -8.59
CA ILE F 85 -8.31 -15.62 -9.95
C ILE F 85 -6.93 -16.23 -9.94
N THR F 86 -6.77 -17.32 -10.67
CA THR F 86 -5.47 -17.95 -10.88
C THR F 86 -5.05 -17.70 -12.32
N ALA F 87 -3.82 -17.24 -12.51
CA ALA F 87 -3.28 -17.02 -13.84
C ALA F 87 -2.33 -18.16 -14.16
N VAL F 88 -2.73 -19.00 -15.11
CA VAL F 88 -1.86 -20.04 -15.63
C VAL F 88 -1.10 -19.43 -16.80
N ILE F 89 0.21 -19.27 -16.64
CA ILE F 89 1.04 -18.63 -17.65
C ILE F 89 2.11 -19.63 -18.06
N PRO F 90 1.84 -20.50 -19.03
CA PRO F 90 2.81 -21.56 -19.33
C PRO F 90 4.19 -21.06 -19.67
N TYR F 91 4.30 -19.96 -20.41
CA TYR F 91 5.57 -19.32 -20.69
C TYR F 91 5.53 -17.91 -20.13
N PHE F 92 6.38 -17.62 -19.16
CA PHE F 92 6.45 -16.31 -18.52
C PHE F 92 7.44 -15.46 -19.29
N GLY F 93 6.93 -14.48 -20.03
CA GLY F 93 7.79 -13.60 -20.78
C GLY F 93 8.46 -12.56 -19.92
N TYR F 94 9.48 -11.92 -20.48
CA TYR F 94 10.32 -10.93 -19.82
C TYR F 94 11.10 -11.50 -18.65
N ALA F 95 11.21 -12.82 -18.55
CA ALA F 95 11.83 -13.43 -17.38
C ALA F 95 13.35 -13.41 -17.44
N ARG F 96 13.94 -13.12 -18.59
CA ARG F 96 15.38 -13.06 -18.71
C ARG F 96 15.97 -11.78 -18.17
N GLN F 97 15.14 -10.77 -17.90
CA GLN F 97 15.60 -9.50 -17.33
C GLN F 97 15.27 -9.51 -15.85
N ASP F 98 16.16 -10.11 -15.06
CA ASP F 98 15.88 -10.38 -13.66
C ASP F 98 16.85 -9.73 -12.69
N ARG F 99 17.78 -8.91 -13.16
CA ARG F 99 18.73 -8.24 -12.29
C ARG F 99 19.39 -7.11 -13.06
N ARG F 100 20.19 -6.31 -12.36
CA ARG F 100 21.03 -5.28 -12.97
C ARG F 100 22.48 -5.70 -12.77
N VAL F 101 23.13 -6.17 -13.82
CA VAL F 101 24.51 -6.59 -13.70
C VAL F 101 25.42 -5.37 -13.66
N ARG F 102 26.25 -5.29 -12.63
CA ARG F 102 27.20 -4.19 -12.45
C ARG F 102 26.50 -2.84 -12.32
N SER F 103 25.29 -2.85 -11.77
CA SER F 103 24.50 -1.64 -11.55
C SER F 103 24.33 -0.86 -12.84
N ALA F 104 24.17 -1.59 -13.94
CA ALA F 104 23.85 -0.96 -15.21
C ALA F 104 22.48 -0.32 -15.13
N ARG F 105 22.27 0.76 -15.87
CA ARG F 105 21.02 1.50 -15.79
C ARG F 105 19.98 0.83 -16.69
N VAL F 106 19.57 -0.35 -16.27
CA VAL F 106 18.57 -1.15 -16.96
C VAL F 106 17.43 -1.41 -15.98
N PRO F 107 16.26 -1.79 -16.47
CA PRO F 107 15.17 -2.17 -15.57
C PRO F 107 15.28 -3.63 -15.18
N ILE F 108 14.53 -3.98 -14.12
CA ILE F 108 14.27 -5.38 -13.82
C ILE F 108 12.83 -5.64 -14.25
N THR F 109 12.66 -6.07 -15.50
CA THR F 109 11.34 -6.04 -16.10
C THR F 109 10.45 -7.17 -15.59
N ALA F 110 11.05 -8.27 -15.15
CA ALA F 110 10.28 -9.33 -14.53
C ALA F 110 9.60 -8.85 -13.26
N LYS F 111 10.28 -8.02 -12.48
CA LYS F 111 9.68 -7.44 -11.29
C LYS F 111 8.56 -6.48 -11.65
N VAL F 112 8.70 -5.75 -12.76
CA VAL F 112 7.63 -4.86 -13.19
C VAL F 112 6.39 -5.65 -13.59
N VAL F 113 6.58 -6.73 -14.33
CA VAL F 113 5.45 -7.57 -14.72
C VAL F 113 4.79 -8.19 -13.50
N ALA F 114 5.59 -8.66 -12.54
CA ALA F 114 5.02 -9.23 -11.33
C ALA F 114 4.23 -8.19 -10.55
N ASP F 115 4.71 -6.96 -10.49
CA ASP F 115 3.97 -5.91 -9.81
C ASP F 115 2.66 -5.57 -10.52
N PHE F 116 2.66 -5.56 -11.85
CA PHE F 116 1.43 -5.32 -12.58
C PHE F 116 0.40 -6.41 -12.28
N LEU F 117 0.84 -7.67 -12.28
CA LEU F 117 -0.07 -8.77 -12.00
C LEU F 117 -0.60 -8.70 -10.58
N SER F 118 0.23 -8.34 -9.62
CA SER F 118 -0.25 -8.15 -8.26
C SER F 118 -1.18 -6.96 -8.15
N SER F 119 -0.98 -5.93 -8.98
CA SER F 119 -1.80 -4.73 -8.91
C SER F 119 -3.21 -4.98 -9.41
N VAL F 120 -3.38 -5.67 -10.54
CA VAL F 120 -4.73 -5.90 -11.03
C VAL F 120 -5.50 -6.95 -10.22
N GLY F 121 -4.84 -7.70 -9.36
CA GLY F 121 -5.57 -8.55 -8.45
C GLY F 121 -5.49 -10.04 -8.72
N VAL F 122 -4.35 -10.53 -9.19
CA VAL F 122 -4.14 -11.97 -9.34
C VAL F 122 -3.88 -12.57 -7.96
N ASP F 123 -4.46 -13.74 -7.71
CA ASP F 123 -4.30 -14.42 -6.44
C ASP F 123 -3.29 -15.56 -6.45
N ARG F 124 -2.92 -16.07 -7.61
CA ARG F 124 -2.04 -17.21 -7.71
C ARG F 124 -1.53 -17.30 -9.12
N VAL F 125 -0.28 -17.73 -9.27
CA VAL F 125 0.36 -17.88 -10.57
C VAL F 125 0.87 -19.30 -10.70
N LEU F 126 0.73 -19.87 -11.89
CA LEU F 126 1.22 -21.20 -12.19
C LEU F 126 1.98 -21.14 -13.52
N THR F 127 3.27 -21.44 -13.48
CA THR F 127 4.12 -21.37 -14.67
C THR F 127 4.83 -22.70 -14.87
N VAL F 128 5.52 -22.80 -16.01
CA VAL F 128 6.32 -23.96 -16.36
C VAL F 128 7.74 -23.49 -16.64
N ASP F 129 8.71 -24.04 -15.90
CA ASP F 129 10.13 -23.86 -16.15
C ASP F 129 10.53 -22.40 -16.24
N LEU F 130 10.40 -21.69 -15.12
CA LEU F 130 10.83 -20.31 -15.06
C LEU F 130 12.32 -20.20 -15.39
N HIS F 131 12.70 -19.14 -16.09
CA HIS F 131 14.11 -18.96 -16.43
C HIS F 131 14.97 -18.86 -15.19
N ALA F 132 14.54 -18.06 -14.22
CA ALA F 132 15.17 -17.99 -12.90
C ALA F 132 14.14 -18.36 -11.86
N GLU F 133 14.47 -19.32 -10.99
CA GLU F 133 13.51 -19.75 -9.99
C GLU F 133 13.28 -18.70 -8.91
N GLN F 134 14.15 -17.71 -8.79
CA GLN F 134 13.95 -16.67 -7.80
C GLN F 134 12.80 -15.73 -8.16
N ILE F 135 12.28 -15.80 -9.38
CA ILE F 135 11.13 -15.01 -9.76
C ILE F 135 9.91 -15.41 -8.94
N GLN F 136 9.95 -16.58 -8.30
CA GLN F 136 8.94 -16.92 -7.31
C GLN F 136 8.88 -15.86 -6.21
N GLY F 137 10.01 -15.25 -5.89
CA GLY F 137 10.03 -14.21 -4.88
C GLY F 137 9.67 -12.83 -5.34
N PHE F 138 9.39 -12.65 -6.64
CA PHE F 138 8.97 -11.35 -7.12
C PHE F 138 7.49 -11.10 -6.89
N PHE F 139 6.74 -12.08 -6.39
CA PHE F 139 5.32 -11.94 -6.12
C PHE F 139 5.05 -11.99 -4.62
N ASP F 140 3.90 -11.45 -4.23
CA ASP F 140 3.38 -11.67 -2.89
C ASP F 140 2.38 -12.81 -2.81
N VAL F 141 2.05 -13.42 -3.94
CA VAL F 141 1.09 -14.52 -3.99
C VAL F 141 1.84 -15.83 -4.19
N PRO F 142 1.24 -16.97 -3.88
CA PRO F 142 1.91 -18.25 -4.18
C PRO F 142 2.16 -18.40 -5.68
N VAL F 143 3.35 -18.89 -6.02
CA VAL F 143 3.73 -19.17 -7.38
C VAL F 143 4.20 -20.61 -7.44
N ASP F 144 3.60 -21.40 -8.33
CA ASP F 144 3.95 -22.80 -8.49
C ASP F 144 4.72 -22.94 -9.79
N ASN F 145 6.00 -23.26 -9.69
CA ASN F 145 6.87 -23.37 -10.86
C ASN F 145 7.05 -24.85 -11.17
N VAL F 146 6.30 -25.34 -12.14
CA VAL F 146 6.23 -26.76 -12.46
C VAL F 146 7.29 -27.08 -13.50
N PHE F 147 8.08 -28.12 -13.25
CA PHE F 147 9.14 -28.52 -14.16
C PHE F 147 8.56 -29.35 -15.31
N GLY F 148 9.06 -29.08 -16.51
CA GLY F 148 8.63 -29.82 -17.67
C GLY F 148 9.43 -31.07 -17.96
N SER F 149 10.37 -31.39 -17.10
CA SER F 149 11.32 -32.50 -17.28
C SER F 149 10.68 -33.89 -17.27
N PRO F 150 9.54 -34.14 -16.61
CA PRO F 150 8.94 -35.48 -16.73
C PRO F 150 8.60 -35.87 -18.16
N ILE F 151 7.97 -34.98 -18.92
CA ILE F 151 7.62 -35.30 -20.30
C ILE F 151 8.87 -35.50 -21.14
N LEU F 152 9.82 -34.59 -21.03
CA LEU F 152 11.04 -34.70 -21.81
C LEU F 152 11.82 -35.95 -21.46
N LEU F 153 11.88 -36.30 -20.18
CA LEU F 153 12.59 -37.51 -19.77
C LEU F 153 11.89 -38.76 -20.28
N GLU F 154 10.56 -38.78 -20.23
CA GLU F 154 9.82 -39.91 -20.76
C GLU F 154 10.06 -40.05 -22.25
N ASP F 155 10.35 -38.95 -22.94
CA ASP F 155 10.67 -39.04 -24.37
C ASP F 155 12.11 -39.46 -24.60
N MET F 156 13.04 -39.00 -23.74
CA MET F 156 14.44 -39.39 -23.90
C MET F 156 14.62 -40.87 -23.69
N LEU F 157 13.92 -41.44 -22.71
CA LEU F 157 14.11 -42.86 -22.41
C LEU F 157 13.62 -43.76 -23.53
N GLN F 158 12.94 -43.22 -24.54
CA GLN F 158 12.47 -43.99 -25.68
C GLN F 158 13.38 -43.83 -26.89
N LEU F 159 14.64 -43.44 -26.69
CA LEU F 159 15.57 -43.28 -27.80
C LEU F 159 16.64 -44.36 -27.84
N ASN F 160 16.89 -45.04 -26.73
CA ASN F 160 17.87 -46.11 -26.64
C ASN F 160 19.25 -45.63 -27.07
N LEU F 161 19.70 -44.57 -26.40
CA LEU F 161 21.00 -43.99 -26.70
C LEU F 161 22.12 -44.87 -26.18
N ASP F 162 23.29 -44.74 -26.80
CA ASP F 162 24.46 -45.57 -26.49
C ASP F 162 25.35 -44.78 -25.54
N ASN F 163 25.17 -45.01 -24.25
CA ASN F 163 25.92 -44.34 -23.21
C ASN F 163 25.84 -42.81 -23.35
N PRO F 164 24.65 -42.23 -23.20
CA PRO F 164 24.49 -40.81 -23.48
C PRO F 164 25.17 -39.95 -22.42
N ILE F 165 25.52 -38.74 -22.84
CA ILE F 165 26.07 -37.72 -21.95
C ILE F 165 25.22 -36.47 -22.11
N VAL F 166 24.91 -35.82 -21.00
CA VAL F 166 24.04 -34.65 -20.98
C VAL F 166 24.91 -33.40 -20.97
N VAL F 167 24.68 -32.52 -21.94
CA VAL F 167 25.49 -31.32 -22.13
C VAL F 167 24.61 -30.10 -21.96
N SER F 168 25.09 -29.12 -21.23
CA SER F 168 24.39 -27.84 -21.16
C SER F 168 25.04 -26.87 -22.12
N PRO F 169 24.29 -26.25 -23.03
CA PRO F 169 24.91 -25.37 -24.02
C PRO F 169 25.60 -24.15 -23.45
N ASP F 170 25.29 -23.73 -22.22
CA ASP F 170 25.94 -22.57 -21.64
C ASP F 170 26.05 -22.77 -20.14
N ILE F 171 26.61 -21.76 -19.46
CA ILE F 171 26.88 -21.85 -18.04
C ILE F 171 25.61 -21.68 -17.22
N GLY F 172 24.59 -21.02 -17.77
CA GLY F 172 23.37 -20.81 -17.02
C GLY F 172 22.46 -22.02 -16.92
N GLY F 173 22.67 -23.02 -17.77
CA GLY F 173 21.84 -24.20 -17.79
C GLY F 173 22.38 -25.40 -17.02
N VAL F 174 23.38 -25.20 -16.18
CA VAL F 174 24.08 -26.32 -15.56
C VAL F 174 23.18 -27.03 -14.55
N VAL F 175 22.36 -26.30 -13.81
CA VAL F 175 21.52 -26.92 -12.79
C VAL F 175 20.47 -27.81 -13.43
N ARG F 176 19.84 -27.32 -14.50
CA ARG F 176 18.86 -28.13 -15.22
C ARG F 176 19.52 -29.34 -15.87
N ALA F 177 20.71 -29.15 -16.45
CA ALA F 177 21.42 -30.28 -17.05
C ALA F 177 21.76 -31.33 -16.00
N ARG F 178 22.18 -30.90 -14.82
CA ARG F 178 22.50 -31.85 -13.76
C ARG F 178 21.26 -32.61 -13.31
N ALA F 179 20.12 -31.93 -13.18
CA ALA F 179 18.90 -32.63 -12.81
C ALA F 179 18.53 -33.68 -13.84
N ILE F 180 18.60 -33.33 -15.12
CA ILE F 180 18.30 -34.31 -16.17
C ILE F 180 19.28 -35.47 -16.13
N ALA F 181 20.56 -35.17 -15.92
CA ALA F 181 21.56 -36.22 -15.89
C ALA F 181 21.31 -37.19 -14.73
N LYS F 182 20.93 -36.68 -13.57
CA LYS F 182 20.57 -37.56 -12.46
C LYS F 182 19.35 -38.41 -12.82
N LEU F 183 18.35 -37.82 -13.46
CA LEU F 183 17.16 -38.59 -13.80
C LEU F 183 17.41 -39.63 -14.89
N LEU F 184 18.37 -39.38 -15.78
CA LEU F 184 18.57 -40.22 -16.96
C LEU F 184 19.57 -41.33 -16.62
N ASN F 185 19.19 -42.14 -15.64
CA ASN F 185 20.00 -43.27 -15.17
C ASN F 185 21.34 -42.83 -14.61
N ASP F 186 21.43 -41.58 -14.15
CA ASP F 186 22.62 -41.05 -13.48
C ASP F 186 23.86 -41.16 -14.37
N THR F 187 23.84 -40.44 -15.48
CA THR F 187 24.95 -40.46 -16.42
C THR F 187 25.93 -39.33 -16.14
N ASP F 188 26.87 -39.13 -17.06
CA ASP F 188 27.87 -38.08 -16.97
C ASP F 188 27.28 -36.76 -17.46
N MET F 189 28.03 -35.69 -17.23
CA MET F 189 27.62 -34.36 -17.63
C MET F 189 28.83 -33.61 -18.18
N ALA F 190 28.60 -32.82 -19.22
CA ALA F 190 29.62 -31.95 -19.79
C ALA F 190 29.00 -30.57 -20.01
N ILE F 191 29.86 -29.55 -20.06
CA ILE F 191 29.41 -28.17 -20.11
C ILE F 191 30.14 -27.44 -21.22
N ILE F 192 29.42 -26.63 -21.99
CA ILE F 192 30.01 -25.78 -23.01
C ILE F 192 30.35 -24.44 -22.36
N ASP F 193 31.59 -24.01 -22.54
CA ASP F 193 32.06 -22.72 -22.02
C ASP F 193 32.52 -21.87 -23.20
N LYS F 194 32.01 -20.65 -23.28
CA LYS F 194 32.32 -19.76 -24.39
C LYS F 194 33.15 -18.59 -23.87
N ARG F 195 34.22 -18.26 -24.58
CA ARG F 195 35.17 -17.25 -24.16
C ARG F 195 35.44 -16.28 -25.30
N ARG F 196 35.88 -15.07 -24.93
CA ARG F 196 36.31 -14.05 -25.87
C ARG F 196 35.25 -13.71 -26.90
N GLN F 203 33.26 -16.53 -29.24
CA GLN F 203 34.30 -16.98 -30.15
C GLN F 203 34.59 -18.46 -29.96
N VAL F 204 35.75 -18.79 -29.40
CA VAL F 204 36.11 -20.18 -29.21
C VAL F 204 35.28 -20.77 -28.08
N MET F 205 34.83 -22.01 -28.27
CA MET F 205 34.06 -22.73 -27.27
C MET F 205 34.87 -23.88 -26.71
N HIS F 206 34.98 -23.91 -25.39
CA HIS F 206 35.65 -24.99 -24.67
C HIS F 206 34.61 -25.93 -24.11
N ILE F 207 34.91 -27.22 -24.10
CA ILE F 207 34.03 -28.21 -23.49
C ILE F 207 34.75 -28.78 -22.27
N ILE F 208 34.11 -28.64 -21.11
CA ILE F 208 34.61 -29.20 -19.87
C ILE F 208 33.96 -30.57 -19.71
N GLY F 209 34.74 -31.64 -19.86
CA GLY F 209 34.19 -32.98 -19.85
C GLY F 209 34.62 -33.76 -21.08
N ASP F 210 34.30 -35.04 -21.14
CA ASP F 210 34.69 -35.90 -22.26
C ASP F 210 33.47 -36.29 -23.07
N VAL F 211 33.49 -35.96 -24.36
CA VAL F 211 32.36 -36.22 -25.25
C VAL F 211 32.74 -37.10 -26.42
N ALA F 212 33.91 -37.73 -26.37
CA ALA F 212 34.41 -38.50 -27.51
C ALA F 212 33.62 -39.79 -27.68
N GLY F 213 32.99 -39.95 -28.83
CA GLY F 213 32.30 -41.19 -29.16
C GLY F 213 31.11 -41.50 -28.28
N ARG F 214 30.31 -40.48 -27.94
CA ARG F 214 29.13 -40.68 -27.13
C ARG F 214 27.98 -39.91 -27.76
N ASP F 215 26.76 -40.36 -27.47
CA ASP F 215 25.57 -39.63 -27.87
C ASP F 215 25.35 -38.47 -26.90
N CYS F 216 25.21 -37.27 -27.46
CA CYS F 216 25.13 -36.06 -26.67
C CYS F 216 23.70 -35.56 -26.65
N VAL F 217 23.21 -35.17 -25.48
CA VAL F 217 21.86 -34.66 -25.32
C VAL F 217 21.96 -33.25 -24.77
N LEU F 218 21.72 -32.26 -25.61
CA LEU F 218 21.68 -30.87 -25.16
C LEU F 218 20.33 -30.57 -24.54
N VAL F 219 20.33 -29.97 -23.36
CA VAL F 219 19.10 -29.59 -22.68
C VAL F 219 19.15 -28.10 -22.36
N ASP F 220 18.06 -27.40 -22.64
CA ASP F 220 17.96 -25.99 -22.34
C ASP F 220 16.52 -25.69 -21.93
N ASP F 221 16.30 -24.44 -21.51
CA ASP F 221 14.94 -24.07 -21.14
C ASP F 221 14.20 -23.38 -22.28
N MET F 222 14.92 -22.77 -23.22
CA MET F 222 14.27 -22.18 -24.38
C MET F 222 15.18 -22.30 -25.58
N ILE F 223 14.59 -22.09 -26.76
CA ILE F 223 15.33 -21.92 -28.00
C ILE F 223 14.79 -20.64 -28.61
N ASP F 224 15.57 -19.57 -28.56
CA ASP F 224 15.10 -18.29 -29.08
C ASP F 224 15.52 -18.10 -30.53
N THR F 225 16.82 -18.03 -30.78
CA THR F 225 17.33 -17.94 -32.14
C THR F 225 18.08 -19.18 -32.58
N GLY F 226 18.32 -20.13 -31.69
CA GLY F 226 19.11 -21.29 -32.01
C GLY F 226 20.59 -21.04 -32.09
N GLY F 227 21.05 -19.85 -31.72
CA GLY F 227 22.47 -19.55 -31.83
C GLY F 227 23.32 -20.42 -30.94
N THR F 228 23.07 -20.37 -29.62
CA THR F 228 23.86 -21.18 -28.70
C THR F 228 23.71 -22.66 -28.99
N LEU F 229 22.50 -23.09 -29.35
CA LEU F 229 22.25 -24.50 -29.60
C LEU F 229 23.02 -25.00 -30.80
N CYS F 230 22.91 -24.30 -31.93
CA CYS F 230 23.62 -24.72 -33.14
C CYS F 230 25.12 -24.66 -32.94
N LYS F 231 25.62 -23.61 -32.29
CA LYS F 231 27.06 -23.51 -32.07
C LYS F 231 27.57 -24.63 -31.18
N ALA F 232 26.84 -24.95 -30.11
CA ALA F 232 27.25 -26.02 -29.23
C ALA F 232 27.22 -27.37 -29.94
N ALA F 233 26.22 -27.58 -30.81
CA ALA F 233 26.18 -28.82 -31.58
C ALA F 233 27.39 -28.93 -32.50
N GLU F 234 27.76 -27.83 -33.15
CA GLU F 234 28.93 -27.84 -34.02
C GLU F 234 30.19 -28.18 -33.22
N ALA F 235 30.35 -27.57 -32.05
CA ALA F 235 31.51 -27.88 -31.21
C ALA F 235 31.53 -29.35 -30.81
N LEU F 236 30.38 -29.88 -30.40
CA LEU F 236 30.32 -31.27 -29.97
C LEU F 236 30.69 -32.21 -31.11
N LYS F 237 30.18 -31.94 -32.31
CA LYS F 237 30.50 -32.83 -33.42
C LYS F 237 31.95 -32.71 -33.85
N GLU F 238 32.55 -31.52 -33.70
CA GLU F 238 33.93 -31.38 -34.14
C GLU F 238 34.91 -31.78 -33.05
N ARG F 239 34.41 -32.13 -31.87
CA ARG F 239 35.17 -32.97 -30.93
C ARG F 239 34.68 -34.41 -30.92
N GLY F 240 34.05 -34.87 -32.01
CA GLY F 240 33.74 -36.27 -32.17
C GLY F 240 32.66 -36.83 -31.27
N ALA F 241 31.42 -36.41 -31.49
CA ALA F 241 30.26 -37.02 -30.85
C ALA F 241 29.40 -37.67 -31.93
N LYS F 242 28.82 -38.82 -31.61
CA LYS F 242 28.10 -39.59 -32.62
C LYS F 242 26.83 -38.88 -33.06
N ARG F 243 25.89 -38.67 -32.14
CA ARG F 243 24.65 -37.98 -32.44
C ARG F 243 24.38 -36.94 -31.38
N VAL F 244 23.69 -35.87 -31.77
CA VAL F 244 23.30 -34.79 -30.88
C VAL F 244 21.81 -34.58 -30.97
N PHE F 245 21.16 -34.56 -29.81
CA PHE F 245 19.73 -34.28 -29.70
C PHE F 245 19.54 -33.05 -28.84
N ALA F 246 18.61 -32.20 -29.22
CA ALA F 246 18.33 -30.98 -28.47
C ALA F 246 16.97 -31.13 -27.81
N TYR F 247 16.89 -30.73 -26.54
CA TYR F 247 15.70 -30.91 -25.73
C TYR F 247 15.44 -29.61 -24.98
N ALA F 248 14.35 -28.93 -25.33
CA ALA F 248 14.02 -27.66 -24.70
C ALA F 248 12.58 -27.70 -24.26
N THR F 249 12.17 -26.64 -23.56
CA THR F 249 10.80 -26.55 -23.09
C THR F 249 10.00 -25.48 -23.83
N HIS F 250 10.55 -24.28 -23.97
CA HIS F 250 9.83 -23.18 -24.57
C HIS F 250 10.32 -22.93 -25.99
N PRO F 251 9.50 -23.17 -27.00
CA PRO F 251 9.89 -22.94 -28.40
C PRO F 251 9.61 -21.53 -28.92
N ILE F 252 10.48 -20.59 -28.54
CA ILE F 252 10.29 -19.21 -28.95
C ILE F 252 10.51 -19.05 -30.44
N PHE F 253 11.65 -19.55 -30.94
CA PHE F 253 11.96 -19.59 -32.37
C PHE F 253 11.75 -18.23 -33.04
N SER F 254 12.54 -17.26 -32.61
CA SER F 254 12.45 -15.91 -33.15
C SER F 254 13.64 -15.63 -34.07
N GLY F 255 13.47 -14.61 -34.90
CA GLY F 255 14.51 -14.20 -35.82
C GLY F 255 14.78 -15.22 -36.91
N ASN F 256 16.05 -15.62 -37.05
CA ASN F 256 16.47 -16.54 -38.09
C ASN F 256 16.50 -17.99 -37.62
N ALA F 257 15.60 -18.37 -36.72
CA ALA F 257 15.66 -19.69 -36.11
C ALA F 257 15.47 -20.79 -37.14
N ALA F 258 14.54 -20.60 -38.08
CA ALA F 258 14.25 -21.64 -39.06
C ALA F 258 15.48 -21.96 -39.90
N ASN F 259 16.19 -20.94 -40.38
CA ASN F 259 17.39 -21.18 -41.18
C ASN F 259 18.52 -21.74 -40.33
N ASN F 260 18.64 -21.28 -39.09
CA ASN F 260 19.70 -21.80 -38.22
C ASN F 260 19.49 -23.29 -37.95
N LEU F 261 18.25 -23.69 -37.70
CA LEU F 261 17.97 -25.09 -37.44
C LEU F 261 18.08 -25.94 -38.70
N ARG F 262 17.67 -25.39 -39.85
CA ARG F 262 17.75 -26.15 -41.09
C ARG F 262 19.20 -26.46 -41.46
N ASN F 263 20.07 -25.45 -41.39
CA ASN F 263 21.47 -25.63 -41.73
C ASN F 263 22.31 -25.96 -40.50
N SER F 264 21.91 -26.99 -39.77
CA SER F 264 22.59 -27.38 -38.55
C SER F 264 22.87 -28.88 -38.57
N VAL F 265 23.57 -29.34 -37.53
CA VAL F 265 23.96 -30.74 -37.44
C VAL F 265 23.15 -31.48 -36.38
N ILE F 266 22.16 -30.83 -35.78
CA ILE F 266 21.34 -31.47 -34.76
C ILE F 266 20.43 -32.48 -35.43
N ASP F 267 20.43 -33.71 -34.92
CA ASP F 267 19.65 -34.76 -35.53
C ASP F 267 18.16 -34.63 -35.23
N GLU F 268 17.82 -34.13 -34.05
CA GLU F 268 16.42 -34.05 -33.65
C GLU F 268 16.28 -32.99 -32.58
N VAL F 269 15.27 -32.13 -32.73
CA VAL F 269 14.96 -31.11 -31.75
C VAL F 269 13.56 -31.40 -31.22
N VAL F 270 13.44 -31.54 -29.91
CA VAL F 270 12.17 -31.85 -29.27
C VAL F 270 11.82 -30.73 -28.30
N VAL F 271 10.60 -30.22 -28.40
CA VAL F 271 10.15 -29.09 -27.62
C VAL F 271 8.77 -29.41 -27.04
N CYS F 272 8.36 -28.58 -26.08
CA CYS F 272 7.02 -28.68 -25.53
C CYS F 272 6.10 -27.74 -26.31
N ASP F 273 4.88 -27.51 -25.81
CA ASP F 273 3.90 -26.73 -26.55
C ASP F 273 3.43 -25.51 -25.76
N THR F 274 4.31 -24.95 -24.94
CA THR F 274 3.93 -23.74 -24.20
C THR F 274 3.78 -22.53 -25.11
N ILE F 275 4.31 -22.59 -26.32
CA ILE F 275 4.14 -21.54 -27.33
C ILE F 275 3.75 -22.21 -28.63
N PRO F 276 2.76 -21.72 -29.35
CA PRO F 276 2.40 -22.34 -30.64
C PRO F 276 3.52 -22.16 -31.66
N LEU F 277 3.67 -23.16 -32.53
CA LEU F 277 4.69 -23.13 -33.57
C LEU F 277 4.19 -22.41 -34.81
N SER F 278 5.13 -21.79 -35.52
CA SER F 278 4.82 -21.14 -36.78
C SER F 278 4.76 -22.16 -37.91
N ASP F 279 4.47 -21.67 -39.12
CA ASP F 279 4.37 -22.57 -40.27
C ASP F 279 5.75 -23.02 -40.73
N GLU F 280 6.71 -22.10 -40.78
CA GLU F 280 8.05 -22.46 -41.25
C GLU F 280 8.68 -23.50 -40.34
N ILE F 281 8.38 -23.43 -39.05
CA ILE F 281 8.97 -24.39 -38.11
C ILE F 281 8.27 -25.73 -38.22
N LYS F 282 6.95 -25.74 -38.39
CA LYS F 282 6.25 -26.99 -38.60
C LYS F 282 6.67 -27.67 -39.91
N SER F 283 7.10 -26.90 -40.90
CA SER F 283 7.59 -27.49 -42.14
C SER F 283 8.89 -28.24 -41.95
N LEU F 284 9.68 -27.91 -40.92
CA LEU F 284 10.96 -28.55 -40.71
C LEU F 284 10.76 -30.03 -40.39
N PRO F 285 11.62 -30.91 -40.91
CA PRO F 285 11.40 -32.35 -40.70
C PRO F 285 11.95 -32.90 -39.40
N ASN F 286 12.85 -32.19 -38.73
CA ASN F 286 13.52 -32.71 -37.54
C ASN F 286 13.14 -31.95 -36.27
N VAL F 287 11.99 -31.29 -36.27
CA VAL F 287 11.49 -30.60 -35.08
C VAL F 287 10.20 -31.28 -34.67
N ARG F 288 10.17 -31.78 -33.44
CA ARG F 288 9.06 -32.57 -32.93
C ARG F 288 8.55 -31.96 -31.63
N THR F 289 7.26 -32.15 -31.37
CA THR F 289 6.57 -31.46 -30.28
C THR F 289 5.92 -32.45 -29.33
N LEU F 290 6.13 -32.24 -28.04
CA LEU F 290 5.42 -32.93 -26.98
C LEU F 290 4.34 -32.01 -26.43
N THR F 291 3.46 -32.56 -25.61
CA THR F 291 2.35 -31.78 -25.08
C THR F 291 2.40 -31.73 -23.56
N LEU F 292 2.03 -30.59 -22.99
CA LEU F 292 1.98 -30.38 -21.56
C LEU F 292 0.56 -30.27 -21.03
N SER F 293 -0.44 -30.60 -21.85
CA SER F 293 -1.82 -30.36 -21.45
C SER F 293 -2.23 -31.24 -20.28
N GLY F 294 -1.75 -32.48 -20.24
CA GLY F 294 -2.09 -33.35 -19.13
C GLY F 294 -1.52 -32.87 -17.80
N MET F 295 -0.26 -32.45 -17.81
CA MET F 295 0.36 -31.95 -16.60
C MET F 295 -0.31 -30.68 -16.10
N LEU F 296 -0.61 -29.75 -17.01
CA LEU F 296 -1.28 -28.53 -16.60
C LEU F 296 -2.71 -28.80 -16.13
N ALA F 297 -3.40 -29.74 -16.78
CA ALA F 297 -4.74 -30.08 -16.35
C ALA F 297 -4.74 -30.66 -14.94
N GLU F 298 -3.79 -31.53 -14.65
CA GLU F 298 -3.71 -32.09 -13.30
C GLU F 298 -3.35 -31.02 -12.27
N ALA F 299 -2.47 -30.09 -12.62
CA ALA F 299 -2.14 -29.02 -11.68
C ALA F 299 -3.35 -28.13 -11.42
N ILE F 300 -4.12 -27.81 -12.46
CA ILE F 300 -5.32 -27.00 -12.27
C ILE F 300 -6.33 -27.74 -11.40
N ARG F 301 -6.47 -29.04 -11.64
CA ARG F 301 -7.40 -29.86 -10.87
C ARG F 301 -7.00 -29.88 -9.40
N ARG F 302 -5.70 -30.00 -9.12
CA ARG F 302 -5.26 -30.03 -7.73
C ARG F 302 -5.42 -28.67 -7.05
N ILE F 303 -5.20 -27.58 -7.79
CA ILE F 303 -5.38 -26.26 -7.19
C ILE F 303 -6.85 -26.02 -6.89
N SER F 304 -7.73 -26.46 -7.78
CA SER F 304 -9.15 -26.19 -7.60
C SER F 304 -9.75 -26.95 -6.42
N ASN F 305 -9.15 -28.06 -6.04
CA ASN F 305 -9.72 -28.96 -5.04
C ASN F 305 -9.05 -28.88 -3.67
N GLU F 306 -8.20 -27.88 -3.42
CA GLU F 306 -7.48 -27.75 -2.17
C GLU F 306 -6.59 -28.96 -1.90
N GLU F 307 -6.01 -29.53 -2.95
CA GLU F 307 -5.16 -30.69 -2.84
C GLU F 307 -3.69 -30.28 -2.89
N SER F 308 -2.84 -31.18 -2.40
CA SER F 308 -1.41 -30.91 -2.39
C SER F 308 -0.87 -30.90 -3.81
N ILE F 309 -0.05 -29.89 -4.11
CA ILE F 309 0.53 -29.76 -5.44
C ILE F 309 1.86 -30.49 -5.57
N SER F 310 2.43 -30.99 -4.47
CA SER F 310 3.74 -31.62 -4.51
C SER F 310 3.76 -32.89 -5.34
N ALA F 311 2.61 -33.53 -5.55
CA ALA F 311 2.59 -34.75 -6.36
C ALA F 311 2.92 -34.48 -7.82
N MET F 312 2.95 -33.23 -8.24
CA MET F 312 3.21 -32.88 -9.62
C MET F 312 4.68 -32.99 -9.99
N PHE F 313 5.56 -33.23 -9.02
CA PHE F 313 7.00 -33.22 -9.23
C PHE F 313 7.59 -34.63 -9.18
N GLU F 314 6.75 -35.62 -9.50
CA GLU F 314 7.14 -37.02 -9.46
C GLU F 314 7.44 -37.50 -10.87
N HIS F 315 8.35 -38.46 -10.98
CA HIS F 315 8.72 -39.01 -12.28
C HIS F 315 8.32 -40.48 -12.38
C1 HSX G . -15.07 9.44 -29.62
O4 HSX G . -14.95 8.38 -30.83
C2 HSX G . -14.29 10.42 -29.99
O2 HSX G . -14.80 11.60 -29.48
C3 HSX G . -14.34 10.47 -31.63
O3 HSX G . -15.31 11.43 -32.02
C4 HSX G . -14.71 9.24 -32.08
C5 HSX G . -13.59 8.62 -32.92
O5 HSX G . -13.81 8.87 -34.21
P' HSX G . -14.63 7.79 -35.08
O1X HSX G . -15.64 7.12 -34.20
O2X HSX G . -15.38 8.53 -36.24
O3X HSX G . -13.67 6.74 -35.66
O1 HSX G . -16.40 9.91 -29.51
MG MG H . -16.93 11.81 -29.86
MG MG I . -16.53 9.16 -24.39
PB ADP J . -19.39 7.90 -24.80
O1B ADP J . -19.60 6.43 -24.62
O2B ADP J . -20.65 8.72 -24.80
O3B ADP J . -18.27 8.49 -23.98
PA ADP J . -17.47 7.39 -26.77
O1A ADP J . -17.22 7.78 -28.20
O2A ADP J . -16.46 7.69 -25.71
O3A ADP J . -18.87 8.01 -26.32
O5' ADP J . -17.78 5.83 -26.72
C5' ADP J . -17.02 5.00 -25.86
C4' ADP J . -17.22 3.54 -26.25
O4' ADP J . -16.23 3.21 -27.22
C3' ADP J . -17.03 2.61 -25.07
O3' ADP J . -18.23 1.89 -24.83
C2' ADP J . -15.98 1.62 -25.48
O2' ADP J . -16.54 0.32 -25.42
C1' ADP J . -15.61 1.97 -26.91
N9 ADP J . -14.15 2.11 -27.01
C8 ADP J . -13.31 2.19 -25.98
N7 ADP J . -12.03 2.29 -26.39
C5 ADP J . -12.05 2.27 -27.73
C6 ADP J . -11.05 2.35 -28.80
N6 ADP J . -9.74 2.47 -28.51
N1 ADP J . -11.48 2.29 -30.07
C2 ADP J . -12.79 2.17 -30.36
N3 ADP J . -13.75 2.10 -29.44
C4 ADP J . -13.45 2.14 -28.13
P AMP K . -16.28 27.53 -18.08
O1P AMP K . -17.63 27.88 -17.50
O2P AMP K . -16.07 27.98 -19.50
O3P AMP K . -15.11 27.79 -17.18
O5' AMP K . -16.31 25.94 -18.21
C5' AMP K . -15.65 25.31 -19.30
C4' AMP K . -15.70 23.81 -19.19
O4' AMP K . -15.32 23.23 -20.47
C3' AMP K . -14.75 23.21 -18.16
O3' AMP K . -15.36 22.06 -17.59
C2' AMP K . -13.56 22.78 -19.02
O2' AMP K . -12.79 21.73 -18.46
C1' AMP K . -14.25 22.34 -20.29
N9 AMP K . -13.40 22.42 -21.50
C8 AMP K . -13.12 21.39 -22.31
N7 AMP K . -12.30 21.78 -23.32
C5 AMP K . -12.05 23.08 -23.15
C6 AMP K . -11.25 24.08 -23.85
N6 AMP K . -10.57 23.77 -24.97
N1 AMP K . -11.23 25.33 -23.34
C2 AMP K . -11.92 25.65 -22.23
N3 AMP K . -12.66 24.78 -21.54
C4 AMP K . -12.76 23.49 -21.94
C1 HSX L . 26.20 -22.53 -0.37
O4 HSX L . 26.39 -23.39 0.97
C2 HSX L . 27.22 -21.71 -0.37
O2 HSX L . 27.58 -21.44 -1.68
C3 HSX L . 28.46 -22.51 0.38
O3 HSX L . 29.26 -23.10 -0.62
C4 HSX L . 27.91 -23.47 1.17
C5 HSX L . 28.24 -23.19 2.64
O5 HSX L . 29.34 -23.89 2.98
P' HSX L . 29.16 -25.35 3.61
O1X HSX L . 27.94 -26.01 3.02
O2X HSX L . 30.40 -26.23 3.27
O3X HSX L . 29.00 -25.25 5.14
O1 HSX L . 26.27 -23.36 -1.51
MG MG M . 27.74 -23.25 -2.88
MG MG N . 22.00 -21.32 -3.63
PB ADP O . 21.12 -24.28 -4.28
O1B ADP O . 19.97 -24.90 -3.55
O2B ADP O . 21.49 -24.98 -5.56
O3B ADP O . 21.04 -22.78 -4.42
PA ADP O . 22.45 -23.87 -1.86
O1A ADP O . 23.79 -24.19 -1.28
O2A ADP O . 21.99 -22.44 -1.99
O3A ADP O . 22.36 -24.54 -3.31
O5' ADP O . 21.33 -24.66 -1.06
C5' ADP O . 20.23 -23.96 -0.50
C4' ADP O . 19.53 -24.84 0.51
O4' ADP O . 20.13 -24.63 1.78
C3' ADP O . 18.06 -24.47 0.64
O3' ADP O . 17.25 -25.59 0.27
C2' ADP O . 17.82 -24.19 2.10
O2' ADP O . 16.84 -25.10 2.57
C1' ADP O . 19.15 -24.45 2.78
N9 ADP O . 19.49 -23.28 3.60
C8 ADP O . 18.89 -22.08 3.54
N7 ADP O . 19.43 -21.22 4.42
C5 ADP O . 20.39 -21.87 5.08
C6 ADP O . 21.34 -21.55 6.15
N6 ADP O . 21.37 -20.31 6.70
N1 ADP O . 22.18 -22.52 6.55
C2 ADP O . 22.16 -23.74 6.00
N3 ADP O . 21.32 -24.10 5.03
C4 ADP O . 20.42 -23.23 4.54
P AMP P . 29.70 -11.35 -18.40
O1P AMP P . 29.34 -12.03 -19.69
O2P AMP P . 31.07 -11.69 -17.87
O3P AMP P . 29.36 -9.89 -18.33
O5' AMP P . 28.74 -12.02 -17.33
C5' AMP P . 29.18 -12.24 -16.00
C4' AMP P . 28.10 -12.79 -15.11
O4' AMP P . 28.70 -13.30 -13.90
C3' AMP P . 27.06 -11.76 -14.68
O3' AMP P . 25.79 -12.40 -14.57
C2' AMP P . 27.54 -11.37 -13.29
O2' AMP P . 26.52 -10.89 -12.43
C1' AMP P . 28.11 -12.69 -12.78
N9 AMP P . 29.14 -12.54 -11.74
C8 AMP P . 29.09 -13.09 -10.52
N7 AMP P . 30.18 -12.77 -9.79
C5 AMP P . 30.95 -12.00 -10.57
C6 AMP P . 32.25 -11.32 -10.40
N6 AMP P . 32.93 -11.42 -9.25
N1 AMP P . 32.70 -10.60 -11.44
C2 AMP P . 32.02 -10.52 -12.58
N3 AMP P . 30.83 -11.10 -12.81
C4 AMP P . 30.26 -11.85 -11.85
C1 HSX Q . -25.23 20.56 -11.62
O4 HSX Q . -25.61 21.80 -10.68
C2 HSX Q . -26.26 19.76 -11.51
O2 HSX Q . -26.42 19.08 -12.70
C3 HSX Q . -27.57 20.73 -11.26
O3 HSX Q . -28.20 20.96 -12.51
C4 HSX Q . -27.14 21.90 -10.74
C5 HSX Q . -27.69 22.11 -9.33
O5 HSX Q . -28.80 22.84 -9.39
P' HSX Q . -28.69 24.44 -9.24
O1X HSX Q . -29.84 25.13 -10.04
O2X HSX Q . -28.76 24.84 -7.76
O3X HSX Q . -27.37 24.90 -9.82
O1 HSX Q . -25.10 20.98 -12.96
MG MG R . -26.35 20.40 -14.42
MG MG S . -20.62 18.48 -13.63
PB ADP T . -19.58 21.08 -15.07
O1B ADP T . -19.52 19.64 -14.70
O2B ADP T . -19.74 21.33 -16.54
O3B ADP T . -18.54 21.94 -14.41
PA ADP T . -21.27 21.43 -12.87
O1A ADP T . -20.83 20.06 -12.47
O2A ADP T . -22.67 21.90 -12.64
O3A ADP T . -20.95 21.61 -14.43
O5' ADP T . -20.26 22.48 -12.21
C5' ADP T . -19.27 22.01 -11.29
C4' ADP T . -18.71 23.19 -10.52
O4' ADP T . -19.51 23.39 -9.36
C3' ADP T . -17.30 22.92 -10.06
O3' ADP T . -16.42 23.88 -10.64
C2' ADP T . -17.30 23.13 -8.57
O2' ADP T . -16.37 24.17 -8.26
C1' ADP T . -18.70 23.56 -8.21
N9 ADP T . -19.19 22.71 -7.12
C8 ADP T . -18.62 21.57 -6.71
N7 ADP T . -19.30 21.02 -5.68
C5 ADP T . -20.34 21.83 -5.42
C6 ADP T . -21.45 21.84 -4.47
N6 ADP T . -21.59 20.85 -3.56
N1 ADP T . -22.31 22.86 -4.53
C2 ADP T . -22.18 23.85 -5.43
N3 ADP T . -21.19 23.90 -6.33
C4 ADP T . -20.25 22.94 -6.37
P AMP U . -26.24 4.11 -25.42
O1P AMP U . -25.96 2.76 -24.83
O2P AMP U . -25.68 4.35 -26.79
O3P AMP U . -27.66 4.56 -25.25
O5' AMP U . -25.43 5.11 -24.49
C5' AMP U . -26.08 5.73 -23.39
C4' AMP U . -25.13 6.56 -22.57
O4' AMP U . -25.88 7.43 -21.69
C3' AMP U . -24.19 5.76 -21.67
O3' AMP U . -22.93 6.43 -21.58
C2' AMP U . -24.89 5.82 -20.32
O2' AMP U . -24.02 5.67 -19.22
C1' AMP U . -25.49 7.22 -20.35
N9 AMP U . -26.66 7.39 -19.50
C8 AMP U . -26.79 8.30 -18.52
N7 AMP U . -27.99 8.21 -17.89
C5 AMP U . -28.65 7.21 -18.49
C6 AMP U . -29.97 6.58 -18.31
N6 AMP U . -30.83 7.03 -17.37
N1 AMP U . -30.29 5.57 -19.13
C2 AMP U . -29.43 5.13 -20.07
N3 AMP U . -28.22 5.64 -20.29
C4 AMP U . -27.77 6.67 -19.54
C1 HSX V . -11.67 12.46 30.08
O4 HSX V . -13.21 12.92 30.09
C2 HSX V . -11.00 13.58 30.15
O2 HSX V . -9.82 13.35 30.83
C3 HSX V . -11.93 14.62 31.02
O3 HSX V . -11.50 14.58 32.37
C4 HSX V . -13.22 14.21 30.93
C5 HSX V . -14.08 15.27 30.23
O5 HSX V . -14.66 16.06 31.14
P' HSX V . -16.12 15.66 31.67
O1X HSX V . -16.28 14.17 31.66
O2X HSX V . -16.30 16.18 33.14
O3X HSX V . -17.20 16.29 30.76
O1 HSX V . -11.39 11.68 31.22
MG MG W . -10.13 12.25 32.68
MG MG X . -8.99 8.01 28.44
PB ADP Y . -10.59 5.90 30.14
O1B ADP Y . -11.69 5.09 29.51
O2B ADP Y . -10.09 5.35 31.45
O3B ADP Y . -9.51 6.33 29.19
PA ADP Y . -11.92 8.27 29.48
O1A ADP Y . -12.42 9.49 30.18
O2A ADP Y . -10.93 8.36 28.35
O3A ADP Y . -11.33 7.26 30.57
O5' ADP Y . -13.19 7.45 28.94
C5' ADP Y . -13.25 7.09 27.56
C4' ADP Y . -14.67 6.68 27.21
O4' ADP Y . -15.38 7.84 26.82
C3' ADP Y . -14.70 5.71 26.06
O3' ADP Y . -15.28 4.47 26.48
C2' ADP Y . -15.61 6.31 25.02
O2' ADP Y . -16.68 5.41 24.79
C1' ADP Y . -16.12 7.59 25.62
N9 ADP Y . -15.90 8.68 24.67
C8 ADP Y . -15.12 8.61 23.57
N7 ADP Y . -15.12 9.78 22.90
C5 ADP Y . -15.92 10.62 23.56
C6 ADP Y . -16.37 12.00 23.39
N6 ADP Y . -15.94 12.75 22.34
N1 ADP Y . -17.21 12.50 24.31
C2 ADP Y . -17.64 11.78 25.34
N3 ADP Y . -17.27 10.51 25.57
C4 ADP Y . -16.43 9.89 24.72
P AMP Z . 9.44 10.91 33.81
O1P AMP Z . 9.89 9.76 34.67
O2P AMP Z . 9.00 12.13 34.57
O3P AMP Z . 10.33 11.21 32.63
O5' AMP Z . 8.09 10.40 33.15
C5' AMP Z . 7.03 11.31 32.90
C4' AMP Z . 5.88 10.64 32.17
O4' AMP Z . 4.72 11.50 32.26
C3' AMP Z . 6.12 10.40 30.69
O3' AMP Z . 5.46 9.20 30.31
C2' AMP Z . 5.43 11.58 30.04
O2' AMP Z . 5.00 11.35 28.71
C1' AMP Z . 4.25 11.79 30.97
N9 AMP Z . 3.71 13.15 30.97
C8 AMP Z . 2.44 13.48 30.69
N7 AMP Z . 2.24 14.82 30.76
C5 AMP Z . 3.42 15.36 31.10
C6 AMP Z . 3.92 16.72 31.34
N6 AMP Z . 3.08 17.78 31.25
N1 AMP Z . 5.21 16.87 31.67
C2 AMP Z . 6.03 15.81 31.77
N3 AMP Z . 5.65 14.54 31.56
C4 AMP Z . 4.38 14.26 31.23
C1 HSX AA . 6.59 -1.88 33.90
O4 HSX AA . 8.09 -2.27 34.29
C2 HSX AA . 5.88 -2.94 34.21
O2 HSX AA . 4.62 -2.53 34.60
C3 HSX AA . 6.64 -3.62 35.51
O3 HSX AA . 6.02 -3.15 36.69
C4 HSX AA . 7.94 -3.22 35.49
C5 HSX AA . 8.87 -4.43 35.30
O5 HSX AA . 9.28 -4.86 36.50
P' HSX AA . 10.67 -4.28 37.09
O1X HSX AA . 10.61 -4.30 38.65
O2X HSX AA . 11.84 -5.15 36.60
O3X HSX AA . 10.85 -2.87 36.63
O1 HSX AA . 6.15 -0.77 34.66
MG MG BA . 4.67 -0.88 36.02
MG MG CA . 4.30 1.75 30.53
PB ADP DA . 5.67 4.33 31.70
O1B ADP DA . 4.74 3.59 30.78
O2B ADP DA . 4.99 5.26 32.66
O3B ADP DA . 6.87 4.91 31.01
PA ADP DA . 7.04 1.91 32.02
O1A ADP DA . 6.23 1.44 30.86
O2A ADP DA . 7.38 0.98 33.16
O3A ADP DA . 6.30 3.20 32.64
O5' ADP DA . 8.38 2.54 31.46
C5' ADP DA . 8.68 2.44 30.07
C4' ADP DA . 10.14 2.76 29.83
O4' ADP DA . 10.87 1.55 29.93
C3' ADP DA . 10.36 3.32 28.44
O3' ADP DA . 10.90 4.62 28.53
C2' ADP DA . 11.41 2.44 27.80
O2' ADP DA . 12.53 3.24 27.46
C1' ADP DA . 11.80 1.42 28.86
N9 ADP DA . 11.68 0.07 28.28
C8 ADP DA . 11.08 -0.23 27.12
N7 ADP DA . 11.16 -1.55 26.86
C5 ADP DA . 11.83 -2.11 27.88
C6 ADP DA . 12.26 -3.47 28.21
N6 ADP DA . 11.99 -4.51 27.41
N1 ADP DA . 12.95 -3.63 29.37
C2 ADP DA . 13.22 -2.59 30.17
N3 ADP DA . 12.85 -1.33 29.92
C4 ADP DA . 12.18 -1.03 28.79
P AMP EA . -14.80 0.26 33.66
O1P AMP EA . -15.50 -0.43 32.52
O2P AMP EA . -15.35 1.60 34.03
O3P AMP EA . -14.51 -0.65 34.83
O5' AMP EA . -13.35 0.57 33.09
C5' AMP EA . -12.29 -0.35 33.30
C4' AMP EA . -11.03 0.08 32.59
O4' AMP EA . -9.92 -0.68 33.12
C3' AMP EA . -11.04 -0.17 31.09
O3' AMP EA . -10.29 0.86 30.45
C2' AMP EA . -10.27 -1.48 30.96
O2' AMP EA . -9.64 -1.68 29.71
C1' AMP EA . -9.25 -1.35 32.08
N9 AMP EA . -8.75 -2.63 32.60
C8 AMP EA . -7.46 -3.01 32.64
N7 AMP EA . -7.32 -4.24 33.16
C5 AMP EA . -8.55 -4.67 33.47
C6 AMP EA . -9.11 -5.90 34.07
N6 AMP EA . -8.31 -6.92 34.43
N1 AMP EA . -10.44 -5.97 34.21
C2 AMP EA . -11.25 -4.96 33.85
N3 AMP EA . -10.81 -3.81 33.31
C4 AMP EA . -9.49 -3.61 33.09
C1 HSX FA . 19.19 -18.04 -22.36
O4 HSX FA . 19.28 -17.43 -23.84
C2 HSX FA . 18.45 -19.11 -22.51
O2 HSX FA . 18.84 -20.05 -21.57
C3 HSX FA . 18.75 -19.68 -24.01
O3 HSX FA . 19.74 -20.69 -23.92
C4 HSX FA . 19.21 -18.65 -24.77
C5 HSX FA . 18.24 -18.36 -25.93
O5 HSX FA . 18.65 -19.01 -27.02
P' HSX FA . 19.63 -18.26 -28.05
O1X HSX FA . 20.54 -19.30 -28.78
O2X HSX FA . 18.80 -17.47 -29.08
O3X HSX FA . 20.51 -17.30 -27.30
O1 HSX FA . 20.46 -18.42 -21.90
MG MG GA . 21.00 -20.32 -21.53
MG MG HA . 19.83 -16.07 -17.33
PB ADP IA . 22.75 -14.93 -17.69
O1B ADP IA . 21.50 -15.25 -16.90
O2B ADP IA . 23.98 -15.66 -17.22
O3B ADP IA . 22.96 -13.47 -17.95
PA ADP IA . 21.16 -15.13 -19.99
O1A ADP IA . 20.00 -15.10 -19.05
O2A ADP IA . 21.14 -15.96 -21.23
O3A ADP IA . 22.47 -15.53 -19.15
O5' ADP IA . 21.51 -13.62 -20.39
C5' ADP IA . 20.64 -12.58 -19.97
C4' ADP IA . 20.93 -11.32 -20.78
O4' ADP IA . 20.11 -11.35 -21.94
C3' ADP IA . 20.58 -10.07 -19.99
O3' ADP IA . 21.75 -9.28 -19.82
C2' ADP IA . 19.63 -9.29 -20.86
O2' ADP IA . 20.21 -8.02 -21.13
C1' ADP IA . 19.49 -10.09 -22.14
N9 ADP IA . 18.05 -10.29 -22.41
C8 ADP IA . 17.06 -10.06 -21.55
N7 ADP IA . 15.85 -10.33 -22.10
C5 ADP IA . 16.08 -10.74 -23.35
C6 ADP IA . 15.26 -11.18 -24.48
N6 ADP IA . 13.92 -11.23 -24.37
N1 ADP IA . 15.89 -11.52 -25.61
C2 ADP IA . 17.22 -11.46 -25.73
N3 ADP IA . 18.03 -11.08 -24.74
C4 ADP IA . 17.53 -10.70 -23.55
P AMP JA . 18.18 -31.43 -5.57
O1P AMP JA . 16.88 -31.42 -4.82
O2P AMP JA . 19.41 -31.53 -4.71
O3P AMP JA . 18.18 -32.32 -6.78
O5' AMP JA . 18.27 -29.97 -6.20
C5' AMP JA . 17.79 -29.74 -7.52
C4' AMP JA . 17.85 -28.28 -7.90
O4' AMP JA . 17.71 -28.16 -9.33
C3' AMP JA . 16.78 -27.41 -7.28
O3' AMP JA . 17.31 -26.11 -7.02
C2' AMP JA . 15.74 -27.31 -8.39
O2' AMP JA . 14.93 -26.16 -8.32
C1' AMP JA . 16.63 -27.29 -9.62
N9 AMP JA . 15.97 -27.77 -10.84
C8 AMP JA . 15.86 -27.06 -11.98
N7 AMP JA . 15.19 -27.78 -12.93
C5 AMP JA . 14.88 -28.96 -12.38
C6 AMP JA . 14.18 -30.16 -12.84
N6 AMP JA . 13.67 -30.24 -14.09
N1 AMP JA . 14.05 -31.18 -11.98
C2 AMP JA . 14.55 -31.10 -10.72
N3 AMP JA . 15.20 -30.03 -10.25
C4 AMP JA . 15.38 -28.95 -11.01
#